data_5VNN
#
_entry.id   5VNN
#
_cell.length_a   148.016
_cell.length_b   97.715
_cell.length_c   128.967
_cell.angle_alpha   90.00
_cell.angle_beta   89.59
_cell.angle_gamma   90.00
#
_symmetry.space_group_name_H-M   'C 1 2 1'
#
loop_
_entity.id
_entity.type
_entity.pdbx_description
1 polymer 'Protein transport protein Sec23A'
2 polymer 'Protein transport protein Sec24A'
3 polymer 'Vesicle-trafficking protein SEC22b'
4 non-polymer 'ZINC ION'
5 non-polymer '4-PHENYL-BUTANOIC ACID'
6 water water
#
loop_
_entity_poly.entity_id
_entity_poly.type
_entity_poly.pdbx_seq_one_letter_code
_entity_poly.pdbx_strand_id
1 'polypeptide(L)'
;MTTYLEFIQQNEERDGVRFSWNVWPSSRLEATRMVVPVAALFTPLKERPDLPPIQYEPVLCSRTTCRAVLNPLCQVDYRA
KLWACNFCYQRNQFPPSYAGISELNQPAELLPQFSSIEYVVLRGPQMPLIFLYVVDTCMEDEDLQALKESMQMSLSLLPP
TALVGLITFGRMVQVHELGCEGISKSYVFRGTKDLSAKQLQEMLGLSKVPLTQATRGPQVQQPPPSNRFLQPVQKIDMNL
TDLLGELQRDPWPVPQGKRPLRSSGVALSIAVGLLECTFPNTGARIMMFIGGPATQGPGMVVGDELKTPIRSWHDIDKDN
AKYVKKGTKHFEALANRAATTGHVIDIYACALDQTGLLEMKCCPNLTGGYMVMGDSFNTSLFKQTFQRVFTKDMHGQFKM
GFGGTLEIKTSREIKISGAIGPCVSLNSKGPCVSENEIGTGGTCQWKICGLSPTTTLAIYFEVVNQHNAPIPQGGRGAIQ
FVTQYQHSSGQRRIRVTTIARNWADAQTQIQNIAASFDQEAAAILMARLAIYRAETEEGPDVLRWLDRQLIRLCQKFGEY
HKDDPSSFRFSETFSLYPQFMFHLRRSSFLQVFNNSPDESSYYRHHFMRQDLTQSLIMIQPILYAYSFSGPPEPVLLDSS
SILADRILLMDTFFQILIYHGETIAQWRKSGYQDMPEYENFRHLLQAPVDDAQEILHSRFPMPRYIDTEHGGSQARFLLS
KVNPSQTHNNMYAWGQESGAPILTDDVSLQVFMDHLKKLAVSSA
;
A
2 'polypeptide(L)'
;EGLRVVNLLQERNMLPSTPLKPPVPNLHEDIQKLNCNPELFRCTLTSIPQTQALLNKAKLPLGLLLHPFKDLVQLPVVTS
STIVRCRSCRTYINPFVSFLDQRRWKCNLCYRVNDVPEEFLYNPLTRVYGEPHRRPEVQNATIEFMAPSEYMLRPPQPPV
YLFVFDVSHNAVETGYLNSVCQSLLDNLDLLPGNTRTKIGFITFDSTIHFYGLQESLSQPQMLIVSDIEDVFIPMPENLL
VNLNESKELVQDLLKTLPQMFTKTLETQSALGPALQAAFKLMSPTGGRMSVFQTQLPTLGVGALKPREEPNHRSSAKDIH
MTPSTDFYKKLALDCSGQQVAVDLFLLSGQYSDLASLGCISRYSAGSVYYYPSYHHQHNPVQVQKLQKELQRYLTRKIGF
EAVMRIRCTKGLSIHTFHGNFFVRSTDLLSLPNVNPDAGYAVQMSVEESLTDTQLVSFQSALLYTSSKGERRIRVHTLCL
PVVSTLNDVFLGADVQAISGLLANMAVDRSMTASLSDARDALVNAVIDSLSAYRSSVLSNQQPGLMVPFSLRLFPLFVLA
LLKQKSFQTGTNARLDERIFAMCQVKNQPLVYLMLTTHPSLYRVDNLSDEGALNISDRTIPQPPILQLSVEKLSRDGAFL
MDAGSVLMLWVGKNCTQNFLSQVLGVQNYASIPQPMTDLPELDTPESARIIAFISWLREQRPFFPILYVIADESPMKANF
LQNMIEDRTESALSYYEFLLHIQQQVNK
;
B
3 'polypeptide(L)'
;MVLLTMIARVADGLPLAASMQEDEQSGRDLQQYQSQAKQLFRKLNEQSPTRCTLEAGAMTFHYIIEQGVCYLVLCEAAFP
KKLAFAYLEDLHSEFDEQHGKKVPTVSRPYSFIEFDTFIQKTKKLYIDSRARRNLGSINTELQDVQRIMVANIEEVL
;
C
#
loop_
_chem_comp.id
_chem_comp.type
_chem_comp.name
_chem_comp.formula
CLT non-polymer '4-PHENYL-BUTANOIC ACID' 'C10 H12 O2'
ZN non-polymer 'ZINC ION' 'Zn 2'
#
# COMPACT_ATOMS: atom_id res chain seq x y z
N THR A 3 -5.84 -42.69 -55.51
CA THR A 3 -6.89 -42.55 -54.50
C THR A 3 -6.96 -41.12 -53.97
N TYR A 4 -8.14 -40.49 -54.15
CA TYR A 4 -8.31 -39.12 -53.68
C TYR A 4 -8.17 -38.99 -52.17
N LEU A 5 -8.39 -40.09 -51.43
CA LEU A 5 -8.19 -40.06 -49.99
C LEU A 5 -6.71 -40.15 -49.63
N GLU A 6 -5.95 -41.01 -50.32
CA GLU A 6 -4.50 -41.03 -50.15
C GLU A 6 -3.91 -39.66 -50.40
N PHE A 7 -4.47 -38.92 -51.36
CA PHE A 7 -4.00 -37.57 -51.65
C PHE A 7 -4.24 -36.63 -50.48
N ILE A 8 -5.46 -36.63 -49.96
CA ILE A 8 -5.80 -35.74 -48.85
C ILE A 8 -5.01 -36.13 -47.59
N GLN A 9 -4.84 -37.43 -47.35
CA GLN A 9 -4.07 -37.89 -46.21
C GLN A 9 -2.64 -37.39 -46.27
N GLN A 10 -1.92 -37.74 -47.34
CA GLN A 10 -0.49 -37.44 -47.41
C GLN A 10 -0.21 -35.95 -47.45
N ASN A 11 -1.11 -35.17 -48.05
CA ASN A 11 -0.91 -33.73 -48.10
C ASN A 11 -1.01 -33.11 -46.72
N GLU A 12 -1.94 -33.59 -45.89
CA GLU A 12 -2.02 -33.12 -44.51
C GLU A 12 -0.84 -33.62 -43.69
N GLU A 13 -0.38 -34.84 -43.97
CA GLU A 13 0.78 -35.38 -43.27
C GLU A 13 2.05 -34.60 -43.61
N ARG A 14 2.13 -34.06 -44.82
CA ARG A 14 3.35 -33.38 -45.28
C ARG A 14 3.27 -31.87 -45.10
N ASP A 15 2.17 -31.25 -45.47
CA ASP A 15 2.04 -29.80 -45.46
C ASP A 15 1.15 -29.27 -44.34
N GLY A 16 0.54 -30.15 -43.55
CA GLY A 16 -0.30 -29.69 -42.46
C GLY A 16 -1.47 -28.83 -42.90
N VAL A 17 -2.00 -29.07 -44.09
CA VAL A 17 -3.10 -28.29 -44.64
C VAL A 17 -4.15 -29.24 -45.18
N ARG A 18 -5.40 -28.77 -45.20
CA ARG A 18 -6.51 -29.51 -45.79
C ARG A 18 -7.49 -28.52 -46.39
N PHE A 19 -7.79 -28.69 -47.67
CA PHE A 19 -8.60 -27.75 -48.43
C PHE A 19 -10.03 -28.25 -48.58
N SER A 20 -10.96 -27.31 -48.72
CA SER A 20 -12.34 -27.66 -49.03
C SER A 20 -12.45 -28.28 -50.42
N TRP A 21 -11.72 -27.72 -51.39
CA TRP A 21 -11.66 -28.25 -52.74
C TRP A 21 -10.20 -28.36 -53.17
N ASN A 22 -9.80 -29.53 -53.64
CA ASN A 22 -8.45 -29.74 -54.16
C ASN A 22 -8.33 -29.42 -55.63
N VAL A 23 -9.43 -29.07 -56.30
CA VAL A 23 -9.43 -28.63 -57.68
C VAL A 23 -10.27 -27.36 -57.77
N TRP A 24 -9.69 -26.30 -58.32
CA TRP A 24 -10.26 -24.97 -58.18
C TRP A 24 -10.92 -24.50 -59.47
N PRO A 25 -11.95 -23.65 -59.37
CA PRO A 25 -12.66 -23.21 -60.58
C PRO A 25 -11.76 -22.40 -61.50
N SER A 26 -11.61 -22.89 -62.73
CA SER A 26 -10.78 -22.23 -63.73
C SER A 26 -11.50 -21.11 -64.46
N SER A 27 -12.77 -20.86 -64.15
CA SER A 27 -13.54 -19.84 -64.83
C SER A 27 -14.19 -18.90 -63.84
N ARG A 28 -14.58 -17.72 -64.34
CA ARG A 28 -15.25 -16.73 -63.51
C ARG A 28 -16.69 -17.16 -63.19
N LEU A 29 -17.33 -17.90 -64.09
CA LEU A 29 -18.70 -18.34 -63.86
C LEU A 29 -18.80 -19.44 -62.82
N GLU A 30 -17.73 -20.21 -62.62
CA GLU A 30 -17.73 -21.26 -61.59
C GLU A 30 -17.17 -20.76 -60.27
N ALA A 31 -16.31 -19.74 -60.29
CA ALA A 31 -15.79 -19.18 -59.05
C ALA A 31 -16.87 -18.43 -58.28
N THR A 32 -17.78 -17.77 -59.00
CA THR A 32 -18.87 -17.07 -58.33
C THR A 32 -19.93 -18.04 -57.82
N ARG A 33 -20.15 -19.15 -58.53
CA ARG A 33 -21.15 -20.14 -58.16
C ARG A 33 -20.58 -21.23 -57.26
N MET A 34 -19.56 -20.92 -56.49
CA MET A 34 -19.00 -21.88 -55.54
C MET A 34 -19.87 -21.93 -54.30
N VAL A 35 -20.27 -23.15 -53.90
CA VAL A 35 -21.17 -23.33 -52.76
C VAL A 35 -20.34 -23.24 -51.48
N VAL A 36 -19.55 -24.27 -51.21
CA VAL A 36 -18.56 -24.20 -50.13
C VAL A 36 -17.33 -23.47 -50.64
N PRO A 37 -16.89 -22.40 -49.98
CA PRO A 37 -15.79 -21.60 -50.52
C PRO A 37 -14.49 -22.37 -50.55
N VAL A 38 -13.59 -21.92 -51.41
CA VAL A 38 -12.24 -22.46 -51.45
C VAL A 38 -11.52 -22.00 -50.18
N ALA A 39 -11.24 -22.95 -49.29
CA ALA A 39 -10.64 -22.62 -48.00
C ALA A 39 -9.69 -23.74 -47.61
N ALA A 40 -8.87 -23.45 -46.60
CA ALA A 40 -7.85 -24.38 -46.15
C ALA A 40 -7.81 -24.43 -44.62
N LEU A 41 -7.56 -25.62 -44.09
CA LEU A 41 -7.38 -25.83 -42.66
C LEU A 41 -5.88 -25.97 -42.42
N PHE A 42 -5.22 -24.84 -42.17
CA PHE A 42 -3.78 -24.74 -42.17
C PHE A 42 -3.23 -24.85 -40.75
N THR A 43 -2.22 -25.71 -40.57
CA THR A 43 -1.56 -25.95 -39.28
C THR A 43 -0.09 -25.61 -39.46
N PRO A 44 0.33 -24.38 -39.13
CA PRO A 44 1.68 -23.92 -39.50
C PRO A 44 2.81 -24.67 -38.84
N LEU A 45 2.60 -25.32 -37.70
CA LEU A 45 3.69 -25.94 -36.96
C LEU A 45 3.52 -27.45 -36.79
N LYS A 46 2.84 -28.10 -37.74
CA LYS A 46 2.54 -29.52 -37.59
C LYS A 46 3.82 -30.35 -37.58
N GLU A 47 3.85 -31.36 -36.71
CA GLU A 47 5.00 -32.25 -36.56
C GLU A 47 4.95 -33.38 -37.58
N ARG A 48 6.11 -34.00 -37.82
CA ARG A 48 6.28 -34.89 -38.97
C ARG A 48 7.61 -35.65 -38.84
N PRO A 49 8.04 -36.49 -39.85
CA PRO A 49 9.15 -37.42 -39.52
C PRO A 49 10.55 -36.82 -39.66
N ASP A 50 10.87 -35.88 -38.79
CA ASP A 50 12.22 -35.32 -38.65
C ASP A 50 12.70 -34.70 -39.97
N LEU A 51 12.07 -33.57 -40.31
CA LEU A 51 12.58 -32.75 -41.39
C LEU A 51 13.92 -32.15 -40.99
N PRO A 52 14.83 -31.97 -41.95
CA PRO A 52 16.11 -31.34 -41.63
C PRO A 52 15.95 -29.83 -41.49
N PRO A 53 16.32 -29.27 -40.34
CA PRO A 53 16.27 -27.81 -40.18
C PRO A 53 17.29 -27.15 -41.09
N ILE A 54 16.81 -26.27 -41.96
CA ILE A 54 17.67 -25.62 -42.95
C ILE A 54 18.32 -24.41 -42.30
N GLN A 55 19.64 -24.46 -42.15
CA GLN A 55 20.38 -23.43 -41.43
C GLN A 55 20.81 -22.26 -42.31
N TYR A 56 20.65 -22.36 -43.63
CA TYR A 56 21.00 -21.26 -44.51
C TYR A 56 19.79 -20.38 -44.77
N GLU A 57 20.06 -19.19 -45.32
CA GLU A 57 19.01 -18.22 -45.59
C GLU A 57 17.99 -18.79 -46.56
N PRO A 58 16.80 -18.37 -46.45
CA PRO A 58 15.76 -18.91 -47.24
C PRO A 58 15.90 -18.83 -48.75
N VAL A 59 16.37 -17.70 -49.29
CA VAL A 59 16.52 -17.32 -50.69
C VAL A 59 15.21 -16.78 -51.10
N LEU A 60 15.11 -15.52 -51.34
CA LEU A 60 13.86 -14.95 -51.66
C LEU A 60 13.84 -14.38 -53.01
N CYS A 61 12.67 -14.23 -53.58
CA CYS A 61 12.63 -13.71 -54.94
C CYS A 61 13.01 -12.24 -54.95
N SER A 62 13.70 -11.83 -56.02
CA SER A 62 14.16 -10.45 -56.16
C SER A 62 13.10 -9.63 -56.91
N ARG A 63 12.00 -9.37 -56.21
CA ARG A 63 10.96 -8.50 -56.73
C ARG A 63 10.21 -7.92 -55.53
N THR A 64 10.39 -6.62 -55.30
CA THR A 64 9.86 -5.89 -54.15
C THR A 64 8.48 -6.37 -53.69
N THR A 65 7.52 -6.40 -54.61
CA THR A 65 6.16 -6.75 -54.24
C THR A 65 6.02 -8.25 -53.96
N CYS A 66 6.74 -9.09 -54.70
CA CYS A 66 6.62 -10.54 -54.53
C CYS A 66 7.40 -11.13 -53.37
N ARG A 67 8.72 -11.22 -53.52
CA ARG A 67 9.61 -11.78 -52.50
C ARG A 67 9.15 -13.12 -51.93
N ALA A 68 8.69 -14.01 -52.82
CA ALA A 68 8.35 -15.36 -52.40
C ALA A 68 9.63 -16.15 -52.12
N VAL A 69 9.47 -17.29 -51.46
CA VAL A 69 10.60 -18.12 -51.05
C VAL A 69 10.81 -19.21 -52.10
N LEU A 70 12.08 -19.54 -52.36
CA LEU A 70 12.41 -20.62 -53.29
C LEU A 70 11.72 -21.91 -52.87
N ASN A 71 11.00 -22.53 -53.83
CA ASN A 71 10.13 -23.66 -53.52
C ASN A 71 10.19 -24.70 -54.64
N PRO A 72 9.66 -25.91 -54.44
CA PRO A 72 9.74 -26.92 -55.51
C PRO A 72 9.02 -26.54 -56.79
N LEU A 73 8.08 -25.58 -56.76
CA LEU A 73 7.39 -25.17 -57.96
C LEU A 73 8.18 -24.16 -58.79
N CYS A 74 9.39 -23.80 -58.37
CA CYS A 74 10.21 -22.84 -59.09
C CYS A 74 11.01 -23.55 -60.17
N GLN A 75 11.04 -22.97 -61.37
CA GLN A 75 11.82 -23.49 -62.48
C GLN A 75 13.29 -23.09 -62.30
N VAL A 76 14.16 -24.08 -62.29
CA VAL A 76 15.59 -23.87 -62.05
C VAL A 76 16.34 -23.98 -63.37
N ASP A 77 17.62 -23.60 -63.35
CA ASP A 77 18.51 -23.66 -64.51
C ASP A 77 19.93 -23.75 -63.96
N TYR A 78 20.30 -24.97 -63.54
CA TYR A 78 21.59 -25.20 -62.91
C TYR A 78 22.76 -24.84 -63.81
N ARG A 79 22.54 -24.77 -65.13
CA ARG A 79 23.60 -24.33 -66.02
C ARG A 79 23.88 -22.84 -65.83
N ALA A 80 22.83 -22.01 -65.88
CA ALA A 80 22.97 -20.57 -65.78
C ALA A 80 22.92 -20.06 -64.34
N LYS A 81 22.76 -20.95 -63.37
CA LYS A 81 22.62 -20.57 -61.97
C LYS A 81 21.52 -19.53 -61.78
N LEU A 82 20.36 -19.82 -62.38
CA LEU A 82 19.21 -18.93 -62.31
C LEU A 82 17.98 -19.73 -61.91
N TRP A 83 16.94 -19.01 -61.49
CA TRP A 83 15.65 -19.62 -61.21
C TRP A 83 14.56 -18.57 -61.38
N ALA A 84 13.39 -19.01 -61.82
CA ALA A 84 12.25 -18.14 -62.06
C ALA A 84 11.22 -18.33 -60.94
N CYS A 85 10.85 -17.23 -60.30
CA CYS A 85 9.83 -17.28 -59.25
C CYS A 85 8.49 -17.71 -59.84
N ASN A 86 7.91 -18.76 -59.25
CA ASN A 86 6.68 -19.32 -59.81
C ASN A 86 5.48 -18.41 -59.63
N PHE A 87 5.56 -17.43 -58.72
CA PHE A 87 4.44 -16.53 -58.47
C PHE A 87 4.46 -15.32 -59.41
N CYS A 88 5.62 -14.66 -59.54
CA CYS A 88 5.74 -13.42 -60.30
C CYS A 88 6.57 -13.57 -61.56
N TYR A 89 6.97 -14.80 -61.93
CA TYR A 89 7.71 -15.09 -63.15
C TYR A 89 9.08 -14.41 -63.19
N GLN A 90 9.46 -13.75 -62.10
CA GLN A 90 10.74 -13.03 -62.07
C GLN A 90 11.91 -14.01 -62.02
N ARG A 91 12.83 -13.87 -62.96
CA ARG A 91 14.02 -14.71 -62.97
C ARG A 91 15.06 -14.15 -62.00
N ASN A 92 15.66 -15.04 -61.20
CA ASN A 92 16.53 -14.65 -60.12
C ASN A 92 17.91 -15.27 -60.30
N GLN A 93 18.90 -14.62 -59.69
CA GLN A 93 20.27 -15.12 -59.63
C GLN A 93 20.51 -15.77 -58.27
N PHE A 94 21.35 -16.80 -58.26
CA PHE A 94 21.58 -17.53 -57.01
C PHE A 94 22.56 -16.77 -56.12
N PRO A 95 22.34 -16.80 -54.80
CA PRO A 95 23.24 -16.09 -53.88
C PRO A 95 24.61 -16.76 -53.83
N PRO A 96 25.63 -16.07 -53.32
CA PRO A 96 26.99 -16.63 -53.33
C PRO A 96 27.10 -17.99 -52.65
N SER A 97 26.39 -18.20 -51.55
CA SER A 97 26.44 -19.51 -50.88
C SER A 97 25.92 -20.63 -51.75
N TYR A 98 25.25 -20.32 -52.86
CA TYR A 98 24.70 -21.30 -53.78
C TYR A 98 25.55 -21.47 -55.04
N ALA A 99 26.77 -20.94 -55.06
CA ALA A 99 27.58 -21.04 -56.26
C ALA A 99 27.96 -22.48 -56.57
N GLY A 100 28.07 -23.32 -55.55
CA GLY A 100 28.38 -24.72 -55.75
C GLY A 100 27.15 -25.56 -56.03
N ILE A 101 26.10 -24.92 -56.48
CA ILE A 101 24.86 -25.60 -56.76
C ILE A 101 25.01 -26.50 -57.95
N SER A 102 24.46 -27.69 -57.88
CA SER A 102 24.48 -28.64 -58.99
C SER A 102 23.23 -29.47 -59.09
N GLU A 103 23.00 -30.09 -60.21
CA GLU A 103 21.88 -30.98 -60.30
C GLU A 103 22.02 -32.26 -59.53
N LEU A 104 23.22 -32.71 -59.26
CA LEU A 104 23.36 -33.91 -58.46
C LEU A 104 23.46 -33.60 -56.98
N ASN A 105 23.50 -32.33 -56.65
CA ASN A 105 23.52 -31.93 -55.28
C ASN A 105 22.74 -30.64 -55.22
N GLN A 106 21.43 -30.76 -55.02
CA GLN A 106 20.51 -29.62 -54.95
C GLN A 106 20.04 -29.23 -53.60
N PRO A 107 19.53 -28.02 -53.50
CA PRO A 107 19.01 -27.39 -52.31
C PRO A 107 17.82 -28.13 -51.84
N ALA A 108 17.65 -28.28 -50.54
CA ALA A 108 16.51 -29.00 -50.01
C ALA A 108 15.19 -28.34 -50.41
N GLU A 109 15.16 -27.01 -50.43
CA GLU A 109 13.91 -26.29 -50.68
C GLU A 109 13.34 -26.53 -52.07
N LEU A 110 14.07 -27.21 -52.95
CA LEU A 110 13.58 -27.50 -54.29
C LEU A 110 12.99 -28.90 -54.43
N LEU A 111 13.35 -29.83 -53.56
CA LEU A 111 12.81 -31.18 -53.64
C LEU A 111 11.33 -31.16 -53.27
N PRO A 112 10.46 -31.83 -54.04
CA PRO A 112 9.04 -31.87 -53.69
C PRO A 112 8.75 -32.48 -52.34
N GLN A 113 9.70 -33.18 -51.74
CA GLN A 113 9.55 -33.64 -50.36
C GLN A 113 9.58 -32.49 -49.34
N PHE A 114 10.16 -31.38 -49.69
CA PHE A 114 10.31 -30.30 -48.79
C PHE A 114 9.51 -29.14 -49.16
N SER A 115 8.29 -29.45 -49.52
CA SER A 115 7.30 -28.45 -49.85
C SER A 115 6.98 -27.64 -48.61
N SER A 116 7.15 -28.25 -47.47
CA SER A 116 7.00 -27.59 -46.21
C SER A 116 8.36 -27.77 -45.61
N ILE A 117 8.99 -26.68 -45.21
CA ILE A 117 10.32 -26.76 -44.68
C ILE A 117 10.58 -25.66 -43.67
N GLU A 118 11.54 -25.81 -42.77
CA GLU A 118 11.79 -24.81 -41.75
C GLU A 118 13.21 -24.28 -41.87
N TYR A 119 13.33 -22.96 -41.88
CA TYR A 119 14.61 -22.26 -41.89
C TYR A 119 14.91 -21.72 -40.49
N VAL A 120 16.20 -21.49 -40.24
CA VAL A 120 16.66 -20.88 -39.00
C VAL A 120 17.48 -19.65 -39.36
N VAL A 121 17.17 -18.51 -38.76
CA VAL A 121 17.92 -17.28 -38.96
C VAL A 121 18.69 -17.01 -37.68
N LEU A 122 20.02 -17.05 -37.78
CA LEU A 122 20.92 -16.85 -36.64
C LEU A 122 21.76 -15.61 -36.93
N ARG A 123 21.17 -14.44 -36.73
CA ARG A 123 21.89 -13.19 -36.97
C ARG A 123 21.99 -12.31 -35.73
N GLY A 124 20.90 -12.15 -34.99
CA GLY A 124 20.92 -11.37 -33.77
C GLY A 124 20.97 -12.26 -32.55
N PRO A 125 21.48 -11.73 -31.44
CA PRO A 125 21.43 -12.50 -30.19
C PRO A 125 20.00 -12.81 -29.80
N GLN A 126 19.81 -13.97 -29.18
CA GLN A 126 18.47 -14.50 -28.93
C GLN A 126 17.92 -13.97 -27.62
N MET A 127 16.71 -13.40 -27.68
CA MET A 127 16.04 -12.96 -26.48
C MET A 127 15.64 -14.15 -25.61
N PRO A 128 15.58 -13.97 -24.30
CA PRO A 128 15.06 -15.03 -23.43
C PRO A 128 13.54 -15.06 -23.47
N LEU A 129 13.01 -16.19 -22.99
CA LEU A 129 11.57 -16.30 -22.84
C LEU A 129 11.13 -15.60 -21.57
N ILE A 130 9.86 -15.18 -21.54
CA ILE A 130 9.32 -14.38 -20.46
C ILE A 130 8.02 -15.04 -19.99
N PHE A 131 7.95 -15.35 -18.70
CA PHE A 131 6.78 -15.96 -18.09
C PHE A 131 6.30 -15.07 -16.95
N LEU A 132 5.04 -14.65 -17.00
CA LEU A 132 4.48 -13.73 -16.02
C LEU A 132 3.27 -14.42 -15.36
N TYR A 133 3.49 -14.94 -14.16
CA TYR A 133 2.40 -15.54 -13.38
C TYR A 133 1.51 -14.43 -12.81
N VAL A 134 0.22 -14.50 -13.12
CA VAL A 134 -0.77 -13.57 -12.60
C VAL A 134 -1.77 -14.39 -11.80
N VAL A 135 -1.65 -14.35 -10.48
CA VAL A 135 -2.30 -15.32 -9.59
C VAL A 135 -3.37 -14.63 -8.78
N ASP A 136 -4.58 -15.18 -8.83
CA ASP A 136 -5.65 -14.78 -7.92
C ASP A 136 -5.43 -15.43 -6.56
N THR A 137 -5.84 -14.71 -5.51
CA THR A 137 -5.71 -15.19 -4.14
C THR A 137 -7.05 -15.37 -3.44
N CYS A 138 -8.16 -15.04 -4.10
CA CYS A 138 -9.48 -15.17 -3.49
C CYS A 138 -10.04 -16.55 -3.82
N MET A 139 -9.56 -17.54 -3.07
CA MET A 139 -10.03 -18.92 -3.25
C MET A 139 -9.72 -19.71 -1.99
N GLU A 140 -10.37 -20.86 -1.87
CA GLU A 140 -10.18 -21.72 -0.70
C GLU A 140 -8.73 -22.18 -0.60
N ASP A 141 -8.33 -22.54 0.62
CA ASP A 141 -6.94 -22.88 0.87
C ASP A 141 -6.50 -24.11 0.09
N GLU A 142 -7.37 -25.13 0.02
CA GLU A 142 -7.02 -26.34 -0.73
C GLU A 142 -6.85 -26.03 -2.20
N ASP A 143 -7.66 -25.12 -2.75
CA ASP A 143 -7.48 -24.70 -4.14
C ASP A 143 -6.21 -23.87 -4.31
N LEU A 144 -5.95 -22.97 -3.35
CA LEU A 144 -4.76 -22.11 -3.47
C LEU A 144 -3.48 -22.91 -3.27
N GLN A 145 -3.46 -23.80 -2.26
CA GLN A 145 -2.27 -24.61 -2.04
C GLN A 145 -1.99 -25.51 -3.25
N ALA A 146 -3.04 -26.05 -3.87
CA ALA A 146 -2.85 -26.83 -5.08
C ALA A 146 -2.33 -25.95 -6.21
N LEU A 147 -2.85 -24.73 -6.33
CA LEU A 147 -2.35 -23.81 -7.35
C LEU A 147 -0.90 -23.43 -7.07
N LYS A 148 -0.56 -23.25 -5.80
CA LYS A 148 0.83 -22.97 -5.43
C LYS A 148 1.74 -24.13 -5.83
N GLU A 149 1.27 -25.36 -5.65
CA GLU A 149 2.08 -26.51 -6.03
C GLU A 149 2.23 -26.65 -7.54
N SER A 150 1.21 -26.22 -8.30
CA SER A 150 1.27 -26.34 -9.75
C SER A 150 2.26 -25.36 -10.35
N MET A 151 2.33 -24.15 -9.81
CA MET A 151 3.25 -23.15 -10.35
C MET A 151 4.69 -23.42 -9.93
N GLN A 152 4.89 -24.02 -8.76
CA GLN A 152 6.24 -24.40 -8.35
C GLN A 152 6.79 -25.51 -9.23
N MET A 153 5.92 -26.41 -9.71
CA MET A 153 6.37 -27.46 -10.62
C MET A 153 6.71 -26.89 -11.99
N SER A 154 5.87 -25.98 -12.51
CA SER A 154 6.16 -25.37 -13.81
C SER A 154 7.43 -24.53 -13.75
N LEU A 155 7.75 -23.99 -12.58
CA LEU A 155 8.99 -23.23 -12.44
C LEU A 155 10.21 -24.12 -12.65
N SER A 156 10.13 -25.38 -12.23
CA SER A 156 11.24 -26.31 -12.34
C SER A 156 11.43 -26.85 -13.76
N LEU A 157 10.60 -26.44 -14.71
CA LEU A 157 10.74 -26.87 -16.10
C LEU A 157 11.14 -25.75 -17.05
N LEU A 158 11.06 -24.50 -16.61
CA LEU A 158 11.37 -23.37 -17.47
C LEU A 158 12.86 -23.35 -17.81
N PRO A 159 13.22 -22.73 -18.93
CA PRO A 159 14.63 -22.60 -19.29
C PRO A 159 15.36 -21.70 -18.31
N PRO A 160 16.61 -22.02 -17.97
CA PRO A 160 17.37 -21.14 -17.07
C PRO A 160 17.49 -19.71 -17.56
N THR A 161 17.54 -19.50 -18.88
CA THR A 161 17.62 -18.15 -19.41
C THR A 161 16.30 -17.39 -19.33
N ALA A 162 15.19 -18.11 -19.16
CA ALA A 162 13.88 -17.48 -19.21
C ALA A 162 13.69 -16.50 -18.05
N LEU A 163 13.04 -15.38 -18.35
CA LEU A 163 12.70 -14.40 -17.33
C LEU A 163 11.33 -14.73 -16.74
N VAL A 164 11.18 -14.45 -15.44
CA VAL A 164 9.94 -14.74 -14.72
C VAL A 164 9.52 -13.52 -13.94
N GLY A 165 8.21 -13.28 -13.89
CA GLY A 165 7.63 -12.29 -13.02
C GLY A 165 6.46 -12.89 -12.28
N LEU A 166 6.11 -12.25 -11.16
CA LEU A 166 5.00 -12.70 -10.33
C LEU A 166 4.10 -11.53 -10.00
N ILE A 167 2.81 -11.67 -10.30
CA ILE A 167 1.80 -10.70 -9.94
C ILE A 167 0.67 -11.45 -9.24
N THR A 168 0.49 -11.19 -7.96
CA THR A 168 -0.66 -11.70 -7.22
C THR A 168 -1.68 -10.58 -7.06
N PHE A 169 -2.93 -10.98 -6.88
CA PHE A 169 -3.98 -9.98 -6.74
C PHE A 169 -5.16 -10.56 -5.96
N GLY A 170 -5.97 -9.67 -5.42
CA GLY A 170 -7.22 -9.96 -4.75
C GLY A 170 -7.99 -8.67 -4.81
N ARG A 171 -8.12 -8.00 -3.69
CA ARG A 171 -8.67 -6.66 -3.68
C ARG A 171 -7.68 -5.66 -4.27
N MET A 172 -6.39 -5.84 -3.97
CA MET A 172 -5.31 -5.03 -4.52
C MET A 172 -4.50 -5.86 -5.51
N VAL A 173 -3.69 -5.17 -6.31
CA VAL A 173 -2.80 -5.79 -7.27
C VAL A 173 -1.37 -5.64 -6.77
N GLN A 174 -0.60 -6.72 -6.80
CA GLN A 174 0.75 -6.75 -6.24
C GLN A 174 1.74 -7.15 -7.32
N VAL A 175 2.58 -6.20 -7.73
CA VAL A 175 3.70 -6.48 -8.64
C VAL A 175 4.92 -6.76 -7.78
N HIS A 176 5.36 -8.01 -7.76
CA HIS A 176 6.45 -8.41 -6.87
C HIS A 176 7.81 -8.09 -7.48
N GLU A 177 8.70 -7.55 -6.65
CA GLU A 177 10.11 -7.40 -6.99
C GLU A 177 10.84 -8.61 -6.43
N LEU A 178 11.38 -9.44 -7.31
CA LEU A 178 11.88 -10.76 -6.93
C LEU A 178 13.29 -10.69 -6.37
N GLY A 179 13.60 -11.63 -5.49
CA GLY A 179 14.92 -11.80 -4.94
C GLY A 179 15.56 -10.67 -4.22
N CYS A 180 14.73 -9.92 -3.52
CA CYS A 180 15.20 -8.76 -2.84
C CYS A 180 16.05 -8.91 -1.62
N GLU A 181 16.16 -10.10 -1.06
CA GLU A 181 16.98 -10.43 0.10
C GLU A 181 16.68 -9.80 1.44
N GLY A 182 16.09 -10.60 2.29
CA GLY A 182 15.73 -10.15 3.62
C GLY A 182 14.41 -9.44 3.71
N ILE A 183 13.74 -9.27 2.59
CA ILE A 183 12.49 -8.61 2.46
C ILE A 183 11.53 -9.23 1.43
N SER A 184 11.88 -9.10 0.19
CA SER A 184 10.95 -9.68 -0.83
C SER A 184 9.71 -8.78 -1.06
N LYS A 185 9.99 -7.52 -1.37
CA LYS A 185 9.02 -6.43 -1.47
C LYS A 185 8.03 -6.68 -2.62
N SER A 186 7.16 -5.70 -2.84
CA SER A 186 6.14 -5.76 -3.87
C SER A 186 5.51 -4.37 -4.00
N TYR A 187 5.04 -4.07 -5.21
CA TYR A 187 4.37 -2.80 -5.51
C TYR A 187 2.87 -3.04 -5.52
N VAL A 188 2.15 -2.35 -4.65
CA VAL A 188 0.72 -2.56 -4.45
C VAL A 188 -0.04 -1.47 -5.18
N PHE A 189 -1.09 -1.87 -5.91
CA PHE A 189 -1.93 -0.94 -6.65
C PHE A 189 -3.40 -1.21 -6.33
N ARG A 190 -4.22 -0.18 -6.47
CA ARG A 190 -5.65 -0.33 -6.30
C ARG A 190 -6.24 -1.09 -7.48
N GLY A 191 -6.98 -2.16 -7.20
CA GLY A 191 -7.65 -2.89 -8.25
C GLY A 191 -8.97 -2.26 -8.62
N THR A 192 -9.06 -0.94 -8.46
CA THR A 192 -10.29 -0.20 -8.72
C THR A 192 -10.20 0.75 -9.90
N LYS A 193 -9.00 1.20 -10.26
CA LYS A 193 -8.80 2.07 -11.40
C LYS A 193 -7.70 1.51 -12.28
N ASP A 194 -7.84 1.70 -13.58
CA ASP A 194 -6.90 1.21 -14.55
C ASP A 194 -5.65 2.04 -14.75
N LEU A 195 -4.61 1.39 -15.21
CA LEU A 195 -3.36 2.02 -15.48
C LEU A 195 -2.88 1.75 -16.86
N SER A 196 -2.31 2.73 -17.49
CA SER A 196 -1.72 2.50 -18.79
C SER A 196 -0.31 1.96 -18.66
N ALA A 197 0.29 1.64 -19.76
CA ALA A 197 1.63 1.19 -19.72
C ALA A 197 2.55 2.30 -19.28
N LYS A 198 2.30 3.50 -19.76
CA LYS A 198 3.13 4.60 -19.39
C LYS A 198 3.09 4.95 -17.92
N GLN A 199 1.91 5.02 -17.35
CA GLN A 199 1.79 5.34 -15.97
C GLN A 199 2.46 4.29 -15.16
N LEU A 200 2.18 3.05 -15.47
CA LEU A 200 2.77 1.95 -14.72
C LEU A 200 4.29 2.00 -14.77
N GLN A 201 4.85 2.31 -15.94
CA GLN A 201 6.31 2.44 -16.07
C GLN A 201 6.85 3.52 -15.16
N GLU A 202 6.17 4.68 -15.09
CA GLU A 202 6.61 5.76 -14.22
C GLU A 202 6.51 5.36 -12.76
N MET A 203 5.38 4.75 -12.36
CA MET A 203 5.18 4.37 -10.98
C MET A 203 6.13 3.28 -10.52
N LEU A 204 6.72 2.53 -11.45
CA LEU A 204 7.62 1.43 -11.11
C LEU A 204 9.09 1.79 -11.28
N GLY A 205 9.43 2.66 -12.23
CA GLY A 205 10.81 3.02 -12.47
C GLY A 205 11.12 3.30 -13.92
N PRO A 223 25.33 -8.63 -22.82
CA PRO A 223 24.73 -9.15 -21.59
C PRO A 223 23.21 -9.25 -21.66
N PRO A 224 22.66 -10.38 -21.21
CA PRO A 224 21.21 -10.60 -21.30
C PRO A 224 20.46 -9.62 -20.41
N PRO A 225 19.35 -9.07 -20.90
CA PRO A 225 18.60 -8.08 -20.12
C PRO A 225 17.63 -8.73 -19.14
N SER A 226 17.13 -7.89 -18.23
CA SER A 226 16.14 -8.27 -17.24
C SER A 226 15.73 -7.02 -16.45
N ASN A 227 14.77 -7.17 -15.55
CA ASN A 227 14.34 -6.09 -14.67
C ASN A 227 14.45 -6.56 -13.22
N ARG A 228 14.05 -5.68 -12.31
CA ARG A 228 13.82 -6.09 -10.93
C ARG A 228 12.60 -7.00 -10.81
N PHE A 229 11.66 -6.89 -11.75
CA PHE A 229 10.42 -7.66 -11.75
C PHE A 229 10.50 -8.90 -12.62
N LEU A 230 11.30 -8.88 -13.67
CA LEU A 230 11.49 -10.03 -14.56
C LEU A 230 12.95 -10.44 -14.50
N GLN A 231 13.21 -11.64 -13.98
CA GLN A 231 14.57 -12.07 -13.71
C GLN A 231 14.84 -13.46 -14.26
N PRO A 232 16.10 -13.77 -14.55
CA PRO A 232 16.43 -15.13 -15.02
C PRO A 232 16.03 -16.19 -14.01
N VAL A 233 15.52 -17.31 -14.54
CA VAL A 233 15.12 -18.42 -13.67
C VAL A 233 16.31 -18.94 -12.88
N GLN A 234 17.47 -19.08 -13.54
CA GLN A 234 18.62 -19.71 -12.89
C GLN A 234 19.10 -18.91 -11.69
N LYS A 235 18.88 -17.60 -11.68
CA LYS A 235 19.30 -16.76 -10.56
C LYS A 235 18.17 -16.46 -9.58
N ILE A 236 16.93 -16.79 -9.94
CA ILE A 236 15.78 -16.41 -9.12
C ILE A 236 14.94 -17.61 -8.68
N ASP A 237 15.10 -18.78 -9.30
CA ASP A 237 14.18 -19.89 -9.08
C ASP A 237 14.03 -20.24 -7.59
N MET A 238 15.13 -20.19 -6.84
CA MET A 238 15.06 -20.59 -5.44
C MET A 238 14.28 -19.60 -4.60
N ASN A 239 14.32 -18.31 -4.95
CA ASN A 239 13.54 -17.33 -4.22
C ASN A 239 12.08 -17.32 -4.64
N LEU A 240 11.81 -17.59 -5.91
CA LEU A 240 10.42 -17.61 -6.39
C LEU A 240 9.69 -18.85 -5.89
N THR A 241 10.38 -20.00 -5.84
CA THR A 241 9.74 -21.21 -5.34
C THR A 241 9.43 -21.13 -3.85
N ASP A 242 10.14 -20.27 -3.11
CA ASP A 242 9.79 -20.04 -1.71
C ASP A 242 8.67 -19.01 -1.59
N LEU A 243 8.68 -17.97 -2.44
CA LEU A 243 7.59 -17.01 -2.45
C LEU A 243 6.28 -17.69 -2.82
N LEU A 244 6.29 -18.49 -3.89
CA LEU A 244 5.08 -19.19 -4.30
C LEU A 244 4.56 -20.12 -3.19
N GLY A 245 5.47 -20.69 -2.40
CA GLY A 245 5.05 -21.53 -1.29
C GLY A 245 4.52 -20.78 -0.09
N GLU A 246 4.86 -19.50 0.04
CA GLU A 246 4.37 -18.67 1.13
C GLU A 246 3.17 -17.82 0.76
N LEU A 247 2.70 -17.91 -0.48
CA LEU A 247 1.52 -17.16 -0.89
C LEU A 247 0.32 -17.57 -0.06
N GLN A 248 -0.41 -16.57 0.43
CA GLN A 248 -1.61 -16.80 1.23
C GLN A 248 -2.79 -16.06 0.60
N ARG A 249 -3.99 -16.50 0.97
CA ARG A 249 -5.21 -15.95 0.41
C ARG A 249 -5.28 -14.44 0.65
N ASP A 250 -6.11 -13.77 -0.13
CA ASP A 250 -6.29 -12.33 -0.04
C ASP A 250 -6.59 -11.94 1.40
N PRO A 251 -5.74 -11.14 2.04
CA PRO A 251 -5.91 -10.88 3.49
C PRO A 251 -7.19 -10.13 3.83
N TRP A 252 -7.86 -9.54 2.85
CA TRP A 252 -9.07 -8.78 3.14
C TRP A 252 -10.22 -9.73 3.48
N PRO A 253 -11.01 -9.40 4.50
CA PRO A 253 -12.12 -10.28 4.88
C PRO A 253 -13.25 -10.23 3.86
N VAL A 254 -14.03 -11.31 3.83
CA VAL A 254 -15.22 -11.41 3.00
C VAL A 254 -16.43 -11.41 3.92
N PRO A 255 -17.19 -10.32 3.99
CA PRO A 255 -18.36 -10.28 4.86
C PRO A 255 -19.43 -11.27 4.41
N GLN A 256 -20.40 -11.49 5.30
CA GLN A 256 -21.41 -12.50 5.05
C GLN A 256 -22.29 -12.14 3.87
N GLY A 257 -22.61 -13.13 3.05
CA GLY A 257 -23.41 -12.91 1.87
C GLY A 257 -22.73 -12.13 0.77
N LYS A 258 -21.40 -12.08 0.78
CA LYS A 258 -20.64 -11.28 -0.16
C LYS A 258 -19.65 -12.16 -0.92
N ARG A 259 -19.35 -11.75 -2.15
CA ARG A 259 -18.27 -12.32 -2.92
C ARG A 259 -16.96 -11.61 -2.58
N PRO A 260 -15.82 -12.29 -2.73
CA PRO A 260 -14.54 -11.60 -2.49
C PRO A 260 -14.33 -10.49 -3.52
N LEU A 261 -13.72 -9.40 -3.07
CA LEU A 261 -13.33 -8.34 -3.98
C LEU A 261 -12.12 -8.81 -4.80
N ARG A 262 -12.37 -9.12 -6.06
CA ARG A 262 -11.37 -9.73 -6.94
C ARG A 262 -11.16 -8.83 -8.15
N SER A 263 -9.96 -8.27 -8.28
CA SER A 263 -9.67 -7.24 -9.27
C SER A 263 -8.93 -7.83 -10.46
N SER A 264 -9.60 -8.75 -11.15
CA SER A 264 -8.95 -9.44 -12.28
C SER A 264 -8.71 -8.49 -13.45
N GLY A 265 -9.65 -7.59 -13.71
CA GLY A 265 -9.52 -6.71 -14.86
C GLY A 265 -8.34 -5.76 -14.75
N VAL A 266 -8.02 -5.29 -13.55
CA VAL A 266 -6.88 -4.39 -13.37
C VAL A 266 -5.59 -5.19 -13.26
N ALA A 267 -5.64 -6.36 -12.61
CA ALA A 267 -4.46 -7.19 -12.49
C ALA A 267 -3.92 -7.62 -13.85
N LEU A 268 -4.82 -7.87 -14.80
CA LEU A 268 -4.40 -8.21 -16.16
C LEU A 268 -3.81 -6.98 -16.86
N SER A 269 -4.50 -5.85 -16.78
CA SER A 269 -4.01 -4.63 -17.41
C SER A 269 -2.68 -4.18 -16.85
N ILE A 270 -2.35 -4.59 -15.62
CA ILE A 270 -1.04 -4.30 -15.07
C ILE A 270 -0.01 -5.32 -15.56
N ALA A 271 -0.42 -6.58 -15.73
CA ALA A 271 0.48 -7.56 -16.34
C ALA A 271 0.75 -7.23 -17.81
N VAL A 272 -0.25 -6.69 -18.51
CA VAL A 272 -0.06 -6.30 -19.90
C VAL A 272 0.86 -5.08 -19.99
N GLY A 273 0.55 -4.03 -19.23
CA GLY A 273 1.35 -2.82 -19.28
C GLY A 273 2.78 -3.03 -18.80
N LEU A 274 2.98 -3.94 -17.86
CA LEU A 274 4.33 -4.24 -17.37
C LEU A 274 5.23 -4.72 -18.50
N LEU A 275 4.81 -5.79 -19.19
CA LEU A 275 5.60 -6.31 -20.29
C LEU A 275 5.65 -5.35 -21.47
N GLU A 276 4.57 -4.59 -21.67
CA GLU A 276 4.52 -3.66 -22.80
C GLU A 276 5.59 -2.58 -22.70
N CYS A 277 5.94 -2.16 -21.48
CA CYS A 277 6.93 -1.11 -21.27
C CYS A 277 8.31 -1.65 -20.90
N THR A 278 8.49 -2.97 -20.90
CA THR A 278 9.79 -3.57 -20.56
C THR A 278 10.32 -4.44 -21.68
N PHE A 279 9.51 -5.36 -22.21
CA PHE A 279 9.92 -6.21 -23.33
C PHE A 279 8.80 -6.28 -24.35
N PRO A 280 8.57 -5.20 -25.09
CA PRO A 280 7.61 -5.28 -26.22
C PRO A 280 8.22 -6.00 -27.41
N ASN A 281 7.34 -6.64 -28.17
CA ASN A 281 7.72 -7.32 -29.42
C ASN A 281 8.71 -8.46 -29.15
N THR A 282 8.36 -9.32 -28.20
CA THR A 282 9.14 -10.51 -27.89
C THR A 282 8.22 -11.51 -27.21
N GLY A 283 8.52 -12.79 -27.39
CA GLY A 283 7.70 -13.85 -26.83
C GLY A 283 7.60 -13.83 -25.32
N ALA A 284 6.41 -13.53 -24.82
CA ALA A 284 6.14 -13.53 -23.38
C ALA A 284 4.79 -14.20 -23.14
N ARG A 285 4.67 -14.84 -21.98
CA ARG A 285 3.48 -15.62 -21.64
C ARG A 285 2.87 -15.06 -20.36
N ILE A 286 1.71 -14.40 -20.50
CA ILE A 286 0.96 -13.90 -19.36
C ILE A 286 0.00 -15.00 -18.95
N MET A 287 0.35 -15.70 -17.87
CA MET A 287 -0.43 -16.85 -17.39
C MET A 287 -1.29 -16.40 -16.20
N MET A 288 -2.58 -16.27 -16.44
CA MET A 288 -3.51 -15.79 -15.42
C MET A 288 -4.27 -16.97 -14.81
N PHE A 289 -4.34 -17.00 -13.50
CA PHE A 289 -4.97 -18.10 -12.76
C PHE A 289 -6.15 -17.53 -11.98
N ILE A 290 -7.36 -17.91 -12.38
CA ILE A 290 -8.58 -17.32 -11.87
C ILE A 290 -9.30 -18.33 -10.99
N GLY A 291 -9.79 -17.86 -9.84
CA GLY A 291 -10.56 -18.69 -8.94
C GLY A 291 -11.97 -18.18 -8.74
N GLY A 292 -12.39 -17.25 -9.60
CA GLY A 292 -13.72 -16.68 -9.53
C GLY A 292 -13.85 -15.47 -10.44
N PRO A 293 -15.06 -14.93 -10.53
CA PRO A 293 -15.29 -13.80 -11.43
C PRO A 293 -14.68 -12.51 -10.90
N ALA A 294 -14.44 -11.57 -11.82
CA ALA A 294 -13.93 -10.26 -11.46
C ALA A 294 -15.07 -9.43 -10.88
N THR A 295 -15.01 -9.16 -9.58
CA THR A 295 -16.08 -8.47 -8.89
C THR A 295 -15.81 -6.98 -8.69
N GLN A 296 -14.66 -6.48 -9.05
CA GLN A 296 -14.38 -5.08 -8.92
C GLN A 296 -13.55 -4.48 -10.00
N GLY A 297 -13.84 -3.25 -10.38
CA GLY A 297 -13.04 -2.51 -11.31
C GLY A 297 -13.40 -2.70 -12.73
N PRO A 298 -12.59 -2.16 -13.62
CA PRO A 298 -12.89 -2.38 -15.02
C PRO A 298 -12.75 -3.84 -15.30
N GLY A 299 -13.66 -4.37 -16.08
CA GLY A 299 -13.65 -5.77 -16.37
C GLY A 299 -14.35 -6.58 -15.34
N MET A 300 -15.32 -5.98 -14.70
CA MET A 300 -16.12 -6.62 -13.70
C MET A 300 -17.15 -7.48 -14.39
N VAL A 301 -17.34 -8.67 -13.88
CA VAL A 301 -18.25 -9.71 -14.33
C VAL A 301 -19.56 -9.69 -13.56
N VAL A 302 -19.49 -9.54 -12.23
CA VAL A 302 -20.66 -9.57 -11.37
C VAL A 302 -20.36 -8.76 -10.11
N GLY A 303 -21.41 -8.24 -9.49
CA GLY A 303 -21.26 -7.54 -8.23
C GLY A 303 -20.86 -8.46 -7.10
N ASP A 304 -20.53 -7.86 -5.97
CA ASP A 304 -20.09 -8.62 -4.80
C ASP A 304 -21.24 -9.22 -4.01
N GLU A 305 -22.49 -8.98 -4.41
CA GLU A 305 -23.64 -9.54 -3.71
C GLU A 305 -23.85 -10.98 -4.14
N LEU A 306 -23.71 -11.91 -3.18
CA LEU A 306 -24.00 -13.31 -3.47
C LEU A 306 -25.47 -13.54 -3.82
N LYS A 307 -26.34 -12.63 -3.42
CA LYS A 307 -27.76 -12.77 -3.77
C LYS A 307 -27.96 -12.77 -5.27
N THR A 308 -27.23 -11.93 -5.99
CA THR A 308 -27.32 -11.88 -7.44
C THR A 308 -26.40 -12.93 -8.05
N PRO A 309 -26.92 -13.89 -8.80
CA PRO A 309 -26.05 -14.88 -9.44
C PRO A 309 -25.36 -14.32 -10.66
N ILE A 310 -24.31 -15.03 -11.09
CA ILE A 310 -23.60 -14.65 -12.29
C ILE A 310 -24.51 -14.87 -13.49
N ARG A 311 -24.31 -14.06 -14.54
CA ARG A 311 -25.24 -14.03 -15.66
C ARG A 311 -25.26 -15.37 -16.40
N SER A 312 -26.37 -15.62 -17.08
CA SER A 312 -26.57 -16.81 -17.90
C SER A 312 -26.99 -16.39 -19.30
N TRP A 313 -27.09 -17.37 -20.19
CA TRP A 313 -27.57 -17.08 -21.53
C TRP A 313 -29.01 -16.59 -21.51
N HIS A 314 -29.80 -17.03 -20.54
CA HIS A 314 -31.14 -16.48 -20.36
C HIS A 314 -31.07 -15.01 -19.93
N ASP A 315 -30.16 -14.70 -19.00
CA ASP A 315 -30.06 -13.33 -18.49
C ASP A 315 -29.59 -12.36 -19.57
N ILE A 316 -28.67 -12.80 -20.43
CA ILE A 316 -28.11 -11.88 -21.41
C ILE A 316 -29.11 -11.59 -22.54
N ASP A 317 -29.99 -12.54 -22.84
CA ASP A 317 -30.96 -12.32 -23.91
C ASP A 317 -32.10 -11.42 -23.44
N LYS A 318 -32.44 -11.47 -22.16
CA LYS A 318 -33.48 -10.61 -21.59
C LYS A 318 -32.92 -9.31 -21.02
N ASP A 319 -31.72 -8.93 -21.44
CA ASP A 319 -31.10 -7.65 -21.05
C ASP A 319 -31.01 -7.52 -19.53
N ASN A 320 -30.54 -8.59 -18.90
CA ASN A 320 -30.38 -8.65 -17.44
C ASN A 320 -28.95 -9.08 -17.11
N ALA A 321 -27.98 -8.34 -17.64
CA ALA A 321 -26.57 -8.60 -17.39
C ALA A 321 -25.78 -7.30 -17.59
N LYS A 322 -25.88 -6.38 -16.64
CA LYS A 322 -25.39 -5.02 -16.82
C LYS A 322 -23.87 -4.93 -16.93
N TYR A 323 -23.14 -6.01 -16.68
CA TYR A 323 -21.69 -5.95 -16.67
C TYR A 323 -21.04 -6.54 -17.92
N VAL A 324 -21.80 -7.23 -18.77
CA VAL A 324 -21.18 -8.02 -19.84
C VAL A 324 -20.51 -7.10 -20.87
N LYS A 325 -21.28 -6.20 -21.48
CA LYS A 325 -20.74 -5.37 -22.55
C LYS A 325 -19.60 -4.49 -22.05
N LYS A 326 -19.80 -3.82 -20.91
CA LYS A 326 -18.73 -3.02 -20.32
C LYS A 326 -17.56 -3.91 -19.91
N GLY A 327 -17.83 -5.13 -19.48
CA GLY A 327 -16.76 -6.04 -19.09
C GLY A 327 -16.04 -6.66 -20.26
N THR A 328 -16.80 -7.06 -21.29
CA THR A 328 -16.18 -7.60 -22.50
C THR A 328 -15.30 -6.55 -23.18
N LYS A 329 -15.75 -5.29 -23.17
CA LYS A 329 -15.00 -4.24 -23.84
C LYS A 329 -13.65 -3.99 -23.17
N HIS A 330 -13.56 -4.17 -21.85
CA HIS A 330 -12.30 -3.94 -21.15
C HIS A 330 -11.23 -4.92 -21.60
N PHE A 331 -11.50 -6.23 -21.46
CA PHE A 331 -10.54 -7.24 -21.87
C PHE A 331 -10.31 -7.24 -23.38
N GLU A 332 -11.23 -6.68 -24.15
CA GLU A 332 -11.04 -6.61 -25.60
C GLU A 332 -9.90 -5.67 -25.95
N ALA A 333 -9.83 -4.50 -25.32
CA ALA A 333 -8.71 -3.60 -25.54
C ALA A 333 -7.42 -4.18 -24.98
N LEU A 334 -7.49 -4.87 -23.83
CA LEU A 334 -6.31 -5.55 -23.30
C LEU A 334 -5.81 -6.59 -24.27
N ALA A 335 -6.72 -7.33 -24.91
CA ALA A 335 -6.31 -8.33 -25.89
C ALA A 335 -5.61 -7.69 -27.08
N ASN A 336 -6.14 -6.57 -27.57
CA ASN A 336 -5.51 -5.88 -28.69
C ASN A 336 -4.18 -5.25 -28.29
N ARG A 337 -4.07 -4.77 -27.05
CA ARG A 337 -2.79 -4.26 -26.56
C ARG A 337 -1.74 -5.36 -26.57
N ALA A 338 -2.03 -6.49 -25.92
CA ALA A 338 -1.06 -7.58 -25.84
C ALA A 338 -0.82 -8.22 -27.21
N ALA A 339 -1.82 -8.19 -28.09
CA ALA A 339 -1.63 -8.77 -29.42
C ALA A 339 -0.76 -7.86 -30.28
N THR A 340 -0.99 -6.55 -30.21
CA THR A 340 -0.13 -5.61 -30.94
C THR A 340 1.30 -5.67 -30.42
N THR A 341 1.45 -5.68 -29.09
CA THR A 341 2.78 -5.81 -28.49
C THR A 341 3.39 -7.18 -28.74
N GLY A 342 2.57 -8.19 -29.08
CA GLY A 342 3.09 -9.51 -29.38
C GLY A 342 3.21 -10.45 -28.21
N HIS A 343 2.30 -10.35 -27.23
CA HIS A 343 2.38 -11.14 -26.01
C HIS A 343 1.19 -12.08 -25.91
N VAL A 344 1.40 -13.19 -25.23
CA VAL A 344 0.41 -14.26 -25.09
C VAL A 344 -0.28 -14.13 -23.75
N ILE A 345 -1.61 -14.31 -23.74
CA ILE A 345 -2.40 -14.25 -22.51
C ILE A 345 -3.09 -15.60 -22.34
N ASP A 346 -2.61 -16.40 -21.39
CA ASP A 346 -3.30 -17.60 -20.97
C ASP A 346 -4.30 -17.26 -19.86
N ILE A 347 -5.33 -18.09 -19.73
CA ILE A 347 -6.32 -17.94 -18.67
C ILE A 347 -6.65 -19.33 -18.13
N TYR A 348 -6.37 -19.54 -16.85
CA TYR A 348 -6.65 -20.81 -16.18
C TYR A 348 -7.69 -20.56 -15.08
N ALA A 349 -8.92 -21.00 -15.31
CA ALA A 349 -10.03 -20.74 -14.40
C ALA A 349 -10.51 -22.04 -13.78
N CYS A 350 -10.67 -22.04 -12.45
CA CYS A 350 -11.16 -23.21 -11.73
C CYS A 350 -11.99 -22.73 -10.56
N ALA A 351 -13.32 -22.71 -10.75
CA ALA A 351 -14.24 -22.32 -9.69
C ALA A 351 -15.56 -23.03 -9.93
N LEU A 352 -16.33 -23.19 -8.84
CA LEU A 352 -17.61 -23.88 -8.94
C LEU A 352 -18.65 -23.02 -9.64
N ASP A 353 -18.74 -21.74 -9.28
CA ASP A 353 -19.56 -20.80 -10.03
C ASP A 353 -18.86 -20.48 -11.36
N GLN A 354 -19.47 -19.59 -12.14
CA GLN A 354 -18.86 -19.13 -13.38
C GLN A 354 -17.66 -18.24 -13.06
N THR A 355 -16.96 -17.81 -14.10
CA THR A 355 -15.66 -17.19 -13.89
C THR A 355 -15.53 -15.88 -14.65
N GLY A 356 -16.27 -15.75 -15.74
CA GLY A 356 -16.16 -14.62 -16.62
C GLY A 356 -15.39 -14.87 -17.91
N LEU A 357 -15.28 -16.13 -18.36
CA LEU A 357 -14.60 -16.41 -19.62
C LEU A 357 -15.30 -15.73 -20.80
N LEU A 358 -16.62 -15.59 -20.74
CA LEU A 358 -17.35 -14.91 -21.81
C LEU A 358 -16.81 -13.50 -22.04
N GLU A 359 -16.46 -12.80 -20.96
CA GLU A 359 -15.94 -11.44 -21.07
C GLU A 359 -14.45 -11.39 -21.30
N MET A 360 -13.72 -12.45 -20.96
CA MET A 360 -12.26 -12.48 -21.06
C MET A 360 -11.77 -13.33 -22.24
N LYS A 361 -12.68 -13.82 -23.09
CA LYS A 361 -12.28 -14.76 -24.12
C LYS A 361 -11.34 -14.13 -25.15
N CYS A 362 -11.43 -12.81 -25.35
CA CYS A 362 -10.66 -12.17 -26.40
C CYS A 362 -9.16 -12.26 -26.16
N CYS A 363 -8.75 -12.39 -24.90
CA CYS A 363 -7.31 -12.38 -24.60
C CYS A 363 -6.62 -13.65 -25.07
N PRO A 364 -7.09 -14.86 -24.74
CA PRO A 364 -6.47 -16.05 -25.33
C PRO A 364 -6.91 -16.34 -26.76
N ASN A 365 -8.00 -15.74 -27.22
CA ASN A 365 -8.47 -15.97 -28.59
C ASN A 365 -7.68 -15.15 -29.59
N LEU A 366 -7.48 -13.86 -29.32
CA LEU A 366 -6.75 -13.01 -30.25
C LEU A 366 -5.25 -13.27 -30.22
N THR A 367 -4.71 -13.64 -29.07
CA THR A 367 -3.35 -14.14 -28.99
C THR A 367 -3.37 -15.65 -29.23
N GLY A 368 -2.30 -16.35 -28.87
CA GLY A 368 -2.32 -17.79 -28.93
C GLY A 368 -2.54 -18.41 -27.56
N GLY A 369 -3.10 -17.62 -26.65
CA GLY A 369 -3.20 -18.05 -25.27
C GLY A 369 -4.11 -19.25 -25.09
N TYR A 370 -3.78 -20.05 -24.09
CA TYR A 370 -4.59 -21.21 -23.73
C TYR A 370 -5.75 -20.77 -22.84
N MET A 371 -6.81 -21.57 -22.84
CA MET A 371 -7.96 -21.34 -21.98
C MET A 371 -8.32 -22.66 -21.30
N VAL A 372 -8.00 -22.79 -20.02
CA VAL A 372 -8.25 -24.00 -19.25
C VAL A 372 -9.36 -23.72 -18.27
N MET A 373 -10.28 -24.69 -18.13
CA MET A 373 -11.46 -24.56 -17.30
C MET A 373 -11.60 -25.78 -16.40
N GLY A 374 -12.08 -25.56 -15.19
CA GLY A 374 -12.29 -26.65 -14.26
C GLY A 374 -13.11 -26.22 -13.07
N ASP A 375 -13.36 -27.17 -12.16
CA ASP A 375 -14.07 -26.88 -10.93
C ASP A 375 -13.15 -26.41 -9.81
N SER A 376 -11.89 -26.86 -9.83
CA SER A 376 -10.96 -26.58 -8.74
C SER A 376 -9.54 -26.86 -9.21
N PHE A 377 -8.61 -26.03 -8.75
CA PHE A 377 -7.20 -26.29 -9.01
C PHE A 377 -6.68 -27.53 -8.30
N ASN A 378 -7.46 -28.09 -7.37
CA ASN A 378 -7.06 -29.26 -6.60
C ASN A 378 -7.53 -30.57 -7.21
N THR A 379 -7.72 -30.60 -8.53
CA THR A 379 -8.13 -31.81 -9.23
C THR A 379 -6.98 -32.32 -10.08
N SER A 380 -6.99 -33.64 -10.33
CA SER A 380 -6.08 -34.19 -11.34
C SER A 380 -6.38 -33.62 -12.72
N LEU A 381 -7.60 -33.14 -12.93
CA LEU A 381 -7.97 -32.53 -14.21
C LEU A 381 -7.11 -31.31 -14.50
N PHE A 382 -6.97 -30.41 -13.51
CA PHE A 382 -6.14 -29.23 -13.72
C PHE A 382 -4.65 -29.55 -13.63
N LYS A 383 -4.26 -30.27 -12.58
CA LYS A 383 -2.84 -30.53 -12.34
C LYS A 383 -2.18 -31.16 -13.57
N GLN A 384 -2.85 -32.14 -14.18
CA GLN A 384 -2.29 -32.76 -15.38
C GLN A 384 -2.38 -31.83 -16.57
N THR A 385 -3.54 -31.20 -16.78
CA THR A 385 -3.71 -30.27 -17.89
C THR A 385 -2.66 -29.17 -17.84
N PHE A 386 -2.31 -28.69 -16.64
CA PHE A 386 -1.37 -27.59 -16.52
C PHE A 386 0.04 -28.00 -16.92
N GLN A 387 0.45 -29.20 -16.54
CA GLN A 387 1.80 -29.63 -16.91
C GLN A 387 1.91 -30.05 -18.37
N ARG A 388 0.77 -30.27 -19.05
CA ARG A 388 0.80 -30.48 -20.49
C ARG A 388 1.19 -29.20 -21.23
N VAL A 389 0.98 -28.04 -20.61
CA VAL A 389 1.40 -26.78 -21.22
C VAL A 389 2.90 -26.78 -21.49
N PHE A 390 3.66 -27.40 -20.58
CA PHE A 390 5.11 -27.40 -20.65
C PHE A 390 5.66 -28.75 -21.10
N THR A 391 4.96 -29.38 -22.06
CA THR A 391 5.46 -30.60 -22.66
C THR A 391 6.64 -30.28 -23.56
N LYS A 392 7.70 -31.07 -23.44
CA LYS A 392 8.92 -30.86 -24.20
C LYS A 392 9.04 -31.91 -25.29
N ASP A 393 9.74 -31.56 -26.37
CA ASP A 393 9.93 -32.48 -27.48
C ASP A 393 11.20 -33.30 -27.26
N MET A 394 11.74 -33.87 -28.34
CA MET A 394 12.86 -34.80 -28.25
C MET A 394 14.16 -34.14 -27.84
N HIS A 395 14.18 -32.81 -27.69
CA HIS A 395 15.37 -32.11 -27.24
C HIS A 395 15.20 -31.44 -25.88
N GLY A 396 14.02 -31.51 -25.28
CA GLY A 396 13.80 -30.84 -24.01
C GLY A 396 13.32 -29.41 -24.12
N GLN A 397 12.66 -29.05 -25.22
CA GLN A 397 12.20 -27.70 -25.46
C GLN A 397 10.69 -27.68 -25.59
N PHE A 398 10.07 -26.62 -25.06
CA PHE A 398 8.62 -26.50 -25.06
C PHE A 398 8.08 -26.53 -26.48
N LYS A 399 6.95 -27.23 -26.66
CA LYS A 399 6.26 -27.28 -27.94
C LYS A 399 5.46 -26.02 -28.22
N MET A 400 6.02 -24.85 -27.97
CA MET A 400 5.32 -23.58 -28.14
C MET A 400 6.23 -22.60 -28.87
N GLY A 401 5.61 -21.78 -29.72
CA GLY A 401 6.31 -20.72 -30.40
C GLY A 401 5.63 -19.39 -30.15
N PHE A 402 6.38 -18.32 -30.39
CA PHE A 402 5.94 -16.98 -30.00
C PHE A 402 6.10 -15.99 -31.15
N GLY A 403 5.23 -14.99 -31.15
CA GLY A 403 5.35 -13.90 -32.11
C GLY A 403 5.30 -14.32 -33.56
N GLY A 404 4.43 -15.26 -33.90
CA GLY A 404 4.39 -15.78 -35.26
C GLY A 404 3.75 -14.79 -36.21
N THR A 405 4.41 -14.54 -37.34
CA THR A 405 3.88 -13.70 -38.42
C THR A 405 3.63 -14.60 -39.62
N LEU A 406 2.36 -14.76 -39.98
CA LEU A 406 1.96 -15.59 -41.11
C LEU A 406 1.67 -14.70 -42.31
N GLU A 407 2.44 -14.88 -43.37
CA GLU A 407 2.21 -14.20 -44.64
C GLU A 407 1.91 -15.25 -45.71
N ILE A 408 0.96 -14.94 -46.58
CA ILE A 408 0.49 -15.88 -47.60
C ILE A 408 0.68 -15.26 -48.97
N LYS A 409 1.40 -15.97 -49.84
CA LYS A 409 1.57 -15.58 -51.23
C LYS A 409 0.68 -16.46 -52.10
N THR A 410 -0.06 -15.83 -53.00
CA THR A 410 -0.93 -16.55 -53.92
C THR A 410 -0.58 -16.19 -55.35
N SER A 411 -1.04 -17.03 -56.28
CA SER A 411 -0.99 -16.67 -57.68
C SER A 411 -1.83 -15.43 -57.93
N ARG A 412 -1.61 -14.79 -59.08
CA ARG A 412 -2.38 -13.60 -59.41
C ARG A 412 -3.88 -13.89 -59.55
N GLU A 413 -4.28 -15.16 -59.62
CA GLU A 413 -5.68 -15.53 -59.76
C GLU A 413 -6.37 -15.77 -58.43
N ILE A 414 -5.65 -15.73 -57.31
CA ILE A 414 -6.20 -16.10 -56.02
C ILE A 414 -6.06 -14.92 -55.06
N LYS A 415 -7.19 -14.47 -54.53
CA LYS A 415 -7.23 -13.47 -53.47
C LYS A 415 -7.63 -14.13 -52.16
N ILE A 416 -7.36 -13.44 -51.05
CA ILE A 416 -7.58 -13.98 -49.71
C ILE A 416 -8.70 -13.19 -49.06
N SER A 417 -9.79 -13.88 -48.72
CA SER A 417 -10.89 -13.23 -48.02
C SER A 417 -10.55 -12.97 -46.56
N GLY A 418 -9.81 -13.87 -45.93
CA GLY A 418 -9.40 -13.68 -44.56
C GLY A 418 -9.19 -15.00 -43.88
N ALA A 419 -9.04 -14.92 -42.55
CA ALA A 419 -8.75 -16.08 -41.72
C ALA A 419 -9.72 -16.14 -40.54
N ILE A 420 -9.92 -17.35 -40.03
CA ILE A 420 -10.70 -17.59 -38.82
C ILE A 420 -9.88 -18.50 -37.93
N GLY A 421 -9.44 -17.98 -36.79
CA GLY A 421 -8.61 -18.71 -35.87
C GLY A 421 -7.83 -17.76 -34.99
N PRO A 422 -6.96 -18.29 -34.13
CA PRO A 422 -6.16 -17.42 -33.26
C PRO A 422 -5.15 -16.59 -34.03
N CYS A 423 -5.53 -15.39 -34.44
CA CYS A 423 -4.65 -14.53 -35.23
C CYS A 423 -5.17 -13.10 -35.14
N VAL A 424 -4.33 -12.16 -35.56
CA VAL A 424 -4.65 -10.75 -35.59
C VAL A 424 -4.15 -10.16 -36.90
N SER A 425 -4.98 -9.36 -37.56
CA SER A 425 -4.62 -8.74 -38.82
C SER A 425 -3.50 -7.72 -38.63
N LEU A 426 -2.46 -7.82 -39.46
CA LEU A 426 -1.45 -6.78 -39.56
C LEU A 426 -1.84 -5.69 -40.55
N ASN A 427 -3.07 -5.77 -41.09
CA ASN A 427 -3.62 -4.77 -42.01
C ASN A 427 -2.64 -4.44 -43.13
N SER A 428 -2.00 -5.47 -43.67
CA SER A 428 -1.04 -5.33 -44.75
C SER A 428 -1.76 -5.43 -46.09
N LYS A 429 -1.68 -4.37 -46.88
CA LYS A 429 -2.40 -4.30 -48.13
C LYS A 429 -1.55 -4.87 -49.27
N GLY A 430 -2.24 -5.40 -50.28
CA GLY A 430 -1.60 -6.01 -51.42
C GLY A 430 -2.64 -6.61 -52.35
N PRO A 431 -2.25 -6.90 -53.59
CA PRO A 431 -3.22 -7.41 -54.57
C PRO A 431 -3.86 -8.73 -54.17
N CYS A 432 -3.25 -9.48 -53.24
CA CYS A 432 -3.81 -10.73 -52.79
C CYS A 432 -4.88 -10.56 -51.71
N VAL A 433 -5.22 -9.32 -51.37
CA VAL A 433 -6.30 -9.04 -50.44
C VAL A 433 -7.61 -8.96 -51.22
N SER A 434 -8.64 -9.65 -50.74
CA SER A 434 -9.92 -9.69 -51.41
C SER A 434 -10.84 -8.59 -50.90
N GLU A 435 -11.75 -8.15 -51.78
CA GLU A 435 -12.75 -7.16 -51.38
C GLU A 435 -13.70 -7.73 -50.34
N ASN A 436 -14.20 -8.95 -50.58
CA ASN A 436 -15.05 -9.65 -49.62
C ASN A 436 -14.16 -10.20 -48.52
N GLU A 437 -14.16 -9.53 -47.36
CA GLU A 437 -13.35 -9.98 -46.24
C GLU A 437 -14.15 -10.93 -45.35
N ILE A 438 -13.45 -11.93 -44.81
CA ILE A 438 -14.07 -12.99 -44.01
C ILE A 438 -13.25 -13.17 -42.74
N GLY A 439 -13.90 -13.09 -41.59
CA GLY A 439 -13.17 -13.18 -40.34
C GLY A 439 -12.20 -12.04 -40.18
N THR A 440 -10.98 -12.36 -39.75
CA THR A 440 -9.89 -11.38 -39.68
C THR A 440 -9.29 -11.26 -41.07
N GLY A 441 -9.93 -10.43 -41.90
CA GLY A 441 -9.55 -10.32 -43.29
C GLY A 441 -8.99 -8.96 -43.67
N GLY A 442 -8.91 -8.72 -44.98
CA GLY A 442 -8.34 -7.48 -45.47
C GLY A 442 -6.85 -7.38 -45.34
N THR A 443 -6.16 -8.50 -45.22
CA THR A 443 -4.71 -8.49 -45.02
C THR A 443 -4.11 -9.77 -45.61
N CYS A 444 -2.83 -9.69 -45.94
CA CYS A 444 -2.05 -10.86 -46.34
C CYS A 444 -1.09 -11.31 -45.25
N GLN A 445 -1.10 -10.66 -44.09
CA GLN A 445 -0.24 -11.00 -42.97
C GLN A 445 -1.05 -11.02 -41.69
N TRP A 446 -0.84 -12.06 -40.88
CA TRP A 446 -1.54 -12.22 -39.61
C TRP A 446 -0.52 -12.51 -38.51
N LYS A 447 -0.71 -11.88 -37.36
CA LYS A 447 0.15 -12.12 -36.21
C LYS A 447 -0.48 -13.18 -35.31
N ILE A 448 0.35 -14.14 -34.90
CA ILE A 448 -0.06 -15.20 -33.98
C ILE A 448 0.93 -15.15 -32.83
N CYS A 449 0.54 -14.48 -31.72
CA CYS A 449 1.46 -14.29 -30.60
C CYS A 449 1.89 -15.61 -29.99
N GLY A 450 1.01 -16.61 -29.93
CA GLY A 450 1.38 -17.93 -29.45
C GLY A 450 0.86 -19.05 -30.32
N LEU A 451 1.63 -20.13 -30.48
CA LEU A 451 1.17 -21.25 -31.28
C LEU A 451 1.91 -22.51 -30.88
N SER A 452 1.37 -23.65 -31.32
CA SER A 452 1.89 -24.96 -30.98
C SER A 452 1.85 -25.81 -32.25
N PRO A 453 2.31 -27.06 -32.21
CA PRO A 453 2.10 -27.93 -33.39
C PRO A 453 0.63 -28.17 -33.73
N THR A 454 -0.29 -27.79 -32.86
CA THR A 454 -1.72 -28.01 -33.06
C THR A 454 -2.44 -26.83 -33.67
N THR A 455 -1.98 -25.61 -33.39
CA THR A 455 -2.64 -24.38 -33.84
C THR A 455 -3.04 -24.44 -35.30
N THR A 456 -4.33 -24.46 -35.57
CA THR A 456 -4.85 -24.57 -36.93
C THR A 456 -5.66 -23.32 -37.27
N LEU A 457 -5.21 -22.60 -38.28
CA LEU A 457 -5.96 -21.48 -38.82
C LEU A 457 -6.89 -21.96 -39.93
N ALA A 458 -7.82 -21.09 -40.32
CA ALA A 458 -8.74 -21.37 -41.42
C ALA A 458 -8.66 -20.21 -42.40
N ILE A 459 -8.01 -20.44 -43.53
CA ILE A 459 -7.81 -19.41 -44.54
C ILE A 459 -8.86 -19.57 -45.62
N TYR A 460 -9.55 -18.48 -45.94
CA TYR A 460 -10.65 -18.50 -46.91
C TYR A 460 -10.22 -17.71 -48.14
N PHE A 461 -10.09 -18.39 -49.27
CA PHE A 461 -9.62 -17.79 -50.51
C PHE A 461 -10.79 -17.50 -51.45
N GLU A 462 -10.48 -16.76 -52.51
CA GLU A 462 -11.47 -16.41 -53.52
C GLU A 462 -10.77 -16.22 -54.85
N VAL A 463 -11.30 -16.85 -55.89
CA VAL A 463 -10.72 -16.78 -57.23
C VAL A 463 -11.34 -15.61 -57.97
N VAL A 464 -10.51 -14.74 -58.53
CA VAL A 464 -10.98 -13.57 -59.27
C VAL A 464 -10.50 -13.64 -60.71
N GLY A 474 -1.18 -26.18 -69.14
CA GLY A 474 -2.23 -25.72 -68.24
C GLY A 474 -2.14 -26.38 -66.88
N GLY A 475 -2.85 -25.79 -65.92
CA GLY A 475 -2.90 -26.26 -64.56
C GLY A 475 -2.12 -25.47 -63.53
N ARG A 476 -2.30 -25.91 -62.28
CA ARG A 476 -1.65 -25.38 -61.08
C ARG A 476 -1.87 -23.95 -60.54
N GLY A 477 -2.62 -23.85 -59.44
CA GLY A 477 -2.81 -22.62 -58.71
C GLY A 477 -1.88 -22.75 -57.51
N ALA A 478 -1.26 -21.67 -57.06
CA ALA A 478 -0.30 -21.83 -55.99
C ALA A 478 -0.46 -20.94 -54.80
N ILE A 479 -0.15 -21.46 -53.64
CA ILE A 479 -0.26 -20.71 -52.42
C ILE A 479 0.94 -21.01 -51.54
N GLN A 480 1.54 -19.99 -50.95
CA GLN A 480 2.72 -20.16 -50.11
C GLN A 480 2.44 -19.62 -48.72
N PHE A 481 2.79 -20.40 -47.70
CA PHE A 481 2.60 -20.02 -46.31
C PHE A 481 3.96 -19.79 -45.67
N VAL A 482 4.21 -18.55 -45.24
CA VAL A 482 5.47 -18.18 -44.60
C VAL A 482 5.16 -17.78 -43.16
N THR A 483 5.77 -18.49 -42.20
CA THR A 483 5.49 -18.30 -40.78
C THR A 483 6.82 -18.09 -40.04
N GLN A 484 7.14 -16.85 -39.71
CA GLN A 484 8.30 -16.52 -38.90
C GLN A 484 7.87 -16.38 -37.45
N TYR A 485 8.44 -17.18 -36.57
CA TYR A 485 8.07 -17.19 -35.16
C TYR A 485 9.31 -17.36 -34.29
N GLN A 486 9.15 -17.06 -33.01
CA GLN A 486 10.22 -17.25 -32.04
C GLN A 486 10.11 -18.65 -31.44
N HIS A 487 11.13 -19.46 -31.66
CA HIS A 487 11.14 -20.82 -31.14
C HIS A 487 11.36 -20.82 -29.63
N SER A 488 11.00 -21.93 -29.00
CA SER A 488 11.20 -22.08 -27.56
C SER A 488 12.67 -22.09 -27.18
N SER A 489 13.58 -22.27 -28.14
CA SER A 489 15.01 -22.12 -27.91
C SER A 489 15.46 -20.67 -27.98
N GLY A 490 14.61 -19.77 -28.46
CA GLY A 490 14.98 -18.39 -28.71
C GLY A 490 15.37 -18.12 -30.15
N GLN A 491 15.59 -19.16 -30.95
CA GLN A 491 15.98 -18.98 -32.34
C GLN A 491 14.84 -18.40 -33.17
N ARG A 492 15.19 -17.57 -34.15
CA ARG A 492 14.24 -17.11 -35.13
C ARG A 492 14.10 -18.16 -36.23
N ARG A 493 12.87 -18.60 -36.49
CA ARG A 493 12.63 -19.66 -37.45
C ARG A 493 11.55 -19.24 -38.44
N ILE A 494 11.66 -19.75 -39.66
CA ILE A 494 10.72 -19.44 -40.74
C ILE A 494 10.24 -20.76 -41.33
N ARG A 495 8.94 -21.01 -41.25
CA ARG A 495 8.33 -22.17 -41.87
C ARG A 495 7.71 -21.75 -43.20
N VAL A 496 7.98 -22.53 -44.25
CA VAL A 496 7.51 -22.23 -45.59
C VAL A 496 6.79 -23.45 -46.13
N THR A 497 5.47 -23.36 -46.24
CA THR A 497 4.66 -24.39 -46.90
C THR A 497 4.18 -23.83 -48.23
N THR A 498 4.55 -24.50 -49.32
CA THR A 498 4.13 -24.12 -50.66
C THR A 498 3.31 -25.27 -51.24
N ILE A 499 2.04 -25.01 -51.53
CA ILE A 499 1.14 -26.01 -52.08
C ILE A 499 0.69 -25.58 -53.47
N ALA A 500 0.27 -26.57 -54.25
CA ALA A 500 -0.23 -26.34 -55.60
C ALA A 500 -1.40 -27.27 -55.86
N ARG A 501 -2.43 -26.74 -56.53
CA ARG A 501 -3.63 -27.51 -56.85
C ARG A 501 -4.02 -27.24 -58.29
N ASN A 502 -4.43 -28.30 -58.99
CA ASN A 502 -4.76 -28.20 -60.41
C ASN A 502 -5.92 -27.25 -60.64
N TRP A 503 -5.84 -26.50 -61.74
CA TRP A 503 -6.99 -25.76 -62.23
C TRP A 503 -7.96 -26.71 -62.90
N ALA A 504 -9.26 -26.44 -62.77
CA ALA A 504 -10.26 -27.32 -63.33
C ALA A 504 -10.18 -27.33 -64.85
N ASP A 505 -10.30 -28.52 -65.44
CA ASP A 505 -10.32 -28.63 -66.89
C ASP A 505 -11.61 -28.03 -67.44
N ALA A 506 -11.48 -27.23 -68.50
CA ALA A 506 -12.62 -26.48 -69.00
C ALA A 506 -13.74 -27.40 -69.49
N GLN A 507 -13.38 -28.46 -70.20
CA GLN A 507 -14.36 -29.41 -70.71
C GLN A 507 -14.78 -30.45 -69.68
N THR A 508 -14.44 -30.23 -68.41
CA THR A 508 -14.81 -31.14 -67.32
C THR A 508 -14.77 -30.38 -65.99
N GLN A 509 -15.33 -29.17 -65.97
CA GLN A 509 -15.19 -28.27 -64.83
C GLN A 509 -15.80 -28.85 -63.55
N ILE A 510 -17.13 -28.83 -63.44
CA ILE A 510 -17.78 -29.24 -62.20
C ILE A 510 -17.54 -30.70 -61.90
N GLN A 511 -17.30 -31.52 -62.94
CA GLN A 511 -17.02 -32.94 -62.71
C GLN A 511 -15.69 -33.15 -61.98
N ASN A 512 -14.65 -32.43 -62.41
CA ASN A 512 -13.38 -32.50 -61.70
C ASN A 512 -13.48 -31.83 -60.33
N ILE A 513 -14.22 -30.71 -60.25
CA ILE A 513 -14.38 -30.01 -58.98
C ILE A 513 -15.03 -30.91 -57.94
N ALA A 514 -16.11 -31.59 -58.34
CA ALA A 514 -16.83 -32.44 -57.39
C ALA A 514 -15.97 -33.60 -56.90
N ALA A 515 -15.03 -34.07 -57.72
CA ALA A 515 -14.20 -35.21 -57.33
C ALA A 515 -13.17 -34.83 -56.28
N SER A 516 -12.88 -33.55 -56.11
CA SER A 516 -11.84 -33.10 -55.19
C SER A 516 -12.40 -32.61 -53.86
N PHE A 517 -13.70 -32.77 -53.63
CA PHE A 517 -14.34 -32.22 -52.44
C PHE A 517 -13.92 -32.99 -51.20
N ASP A 518 -13.38 -32.27 -50.22
CA ASP A 518 -13.03 -32.84 -48.92
C ASP A 518 -14.20 -32.53 -47.98
N GLN A 519 -15.11 -33.51 -47.83
CA GLN A 519 -16.33 -33.27 -47.07
C GLN A 519 -16.05 -33.02 -45.59
N GLU A 520 -14.97 -33.60 -45.06
CA GLU A 520 -14.62 -33.34 -43.66
C GLU A 520 -14.07 -31.92 -43.49
N ALA A 521 -13.09 -31.54 -44.32
CA ALA A 521 -12.50 -30.21 -44.21
C ALA A 521 -13.54 -29.12 -44.50
N ALA A 522 -14.43 -29.38 -45.45
CA ALA A 522 -15.46 -28.39 -45.77
C ALA A 522 -16.46 -28.24 -44.63
N ALA A 523 -16.78 -29.33 -43.93
CA ALA A 523 -17.70 -29.24 -42.80
C ALA A 523 -17.12 -28.37 -41.69
N ILE A 524 -15.82 -28.52 -41.43
CA ILE A 524 -15.18 -27.73 -40.38
C ILE A 524 -15.03 -26.28 -40.82
N LEU A 525 -14.67 -26.06 -42.09
CA LEU A 525 -14.53 -24.69 -42.59
C LEU A 525 -15.86 -23.98 -42.68
N MET A 526 -16.94 -24.72 -42.94
CA MET A 526 -18.27 -24.12 -42.89
C MET A 526 -18.76 -23.95 -41.45
N ALA A 527 -18.31 -24.84 -40.55
CA ALA A 527 -18.61 -24.65 -39.13
C ALA A 527 -17.84 -23.45 -38.56
N ARG A 528 -16.61 -23.25 -39.04
CA ARG A 528 -15.84 -22.08 -38.62
C ARG A 528 -16.56 -20.79 -38.98
N LEU A 529 -17.08 -20.71 -40.20
CA LEU A 529 -17.81 -19.51 -40.63
C LEU A 529 -19.06 -19.28 -39.80
N ALA A 530 -19.74 -20.35 -39.41
CA ALA A 530 -21.01 -20.20 -38.70
C ALA A 530 -20.77 -19.73 -37.27
N ILE A 531 -19.89 -20.42 -36.53
CA ILE A 531 -19.62 -20.04 -35.15
C ILE A 531 -19.05 -18.63 -35.07
N TYR A 532 -18.27 -18.23 -36.09
CA TYR A 532 -17.73 -16.88 -36.11
C TYR A 532 -18.84 -15.85 -36.25
N ARG A 533 -19.88 -16.17 -37.03
CA ARG A 533 -21.00 -15.24 -37.17
C ARG A 533 -21.90 -15.27 -35.95
N ALA A 534 -22.03 -16.42 -35.28
CA ALA A 534 -22.83 -16.48 -34.06
C ALA A 534 -22.15 -15.71 -32.94
N GLU A 535 -20.84 -15.93 -32.76
CA GLU A 535 -20.05 -15.22 -31.76
C GLU A 535 -19.80 -13.75 -32.13
N THR A 536 -20.46 -13.28 -33.19
CA THR A 536 -20.37 -11.88 -33.60
C THR A 536 -21.67 -11.50 -34.31
N GLU A 537 -22.80 -11.76 -33.67
CA GLU A 537 -24.10 -11.58 -34.30
C GLU A 537 -24.37 -10.13 -34.69
N ASP A 541 -30.61 -15.22 -38.83
CA ASP A 541 -30.20 -16.42 -38.10
C ASP A 541 -29.01 -17.07 -38.79
N VAL A 542 -28.23 -17.83 -38.02
CA VAL A 542 -27.06 -18.52 -38.56
C VAL A 542 -27.44 -19.88 -39.15
N LEU A 543 -28.35 -20.60 -38.50
CA LEU A 543 -28.79 -21.88 -39.06
C LEU A 543 -29.45 -21.71 -40.42
N ARG A 544 -30.11 -20.58 -40.65
CA ARG A 544 -30.73 -20.34 -41.94
C ARG A 544 -29.70 -20.28 -43.05
N TRP A 545 -28.53 -19.69 -42.79
CA TRP A 545 -27.46 -19.69 -43.77
C TRP A 545 -26.85 -21.07 -43.91
N LEU A 546 -26.70 -21.79 -42.80
CA LEU A 546 -26.09 -23.11 -42.83
C LEU A 546 -26.93 -24.12 -43.60
N ASP A 547 -28.24 -23.88 -43.72
CA ASP A 547 -29.13 -24.77 -44.46
C ASP A 547 -29.19 -24.43 -45.95
N ARG A 548 -29.28 -23.15 -46.28
CA ARG A 548 -29.33 -22.75 -47.69
C ARG A 548 -28.08 -23.15 -48.45
N GLN A 549 -26.98 -23.43 -47.76
CA GLN A 549 -25.78 -23.92 -48.41
C GLN A 549 -25.74 -25.45 -48.48
N LEU A 550 -26.27 -26.14 -47.46
CA LEU A 550 -26.42 -27.58 -47.57
C LEU A 550 -27.41 -27.95 -48.66
N ILE A 551 -28.47 -27.17 -48.81
CA ILE A 551 -29.44 -27.41 -49.89
C ILE A 551 -28.79 -27.12 -51.24
N ARG A 552 -28.08 -25.99 -51.34
CA ARG A 552 -27.41 -25.64 -52.59
C ARG A 552 -26.35 -26.67 -52.97
N LEU A 553 -25.66 -27.25 -51.98
CA LEU A 553 -24.71 -28.30 -52.26
C LEU A 553 -25.40 -29.59 -52.70
N CYS A 554 -26.59 -29.86 -52.14
CA CYS A 554 -27.33 -31.06 -52.53
C CYS A 554 -27.80 -30.97 -53.98
N GLN A 555 -28.26 -29.80 -54.40
CA GLN A 555 -28.80 -29.67 -55.75
C GLN A 555 -27.69 -29.67 -56.80
N LYS A 556 -26.55 -29.04 -56.49
CA LYS A 556 -25.50 -28.88 -57.48
C LYS A 556 -24.65 -30.15 -57.64
N PHE A 557 -24.46 -30.91 -56.56
CA PHE A 557 -23.57 -32.06 -56.60
C PHE A 557 -24.26 -33.37 -56.26
N GLY A 558 -25.57 -33.38 -56.08
CA GLY A 558 -26.32 -34.59 -55.81
C GLY A 558 -26.96 -35.16 -57.07
N GLU A 559 -27.58 -36.33 -56.88
CA GLU A 559 -28.25 -37.05 -57.95
C GLU A 559 -29.71 -37.23 -57.58
N TYR A 560 -30.61 -36.78 -58.45
CA TYR A 560 -32.03 -36.78 -58.12
C TYR A 560 -32.85 -36.44 -59.36
N HIS A 561 -34.06 -37.00 -59.42
CA HIS A 561 -35.09 -36.51 -60.31
C HIS A 561 -35.85 -35.38 -59.61
N LYS A 562 -36.25 -34.37 -60.36
CA LYS A 562 -36.98 -33.26 -59.77
C LYS A 562 -38.27 -33.74 -59.13
N ASP A 563 -38.58 -33.18 -57.96
CA ASP A 563 -39.80 -33.46 -57.21
C ASP A 563 -39.93 -34.92 -56.82
N ASP A 564 -38.81 -35.64 -56.73
CA ASP A 564 -38.78 -37.04 -56.31
C ASP A 564 -37.75 -37.17 -55.21
N PRO A 565 -38.14 -36.96 -53.95
CA PRO A 565 -37.16 -37.02 -52.86
C PRO A 565 -36.51 -38.39 -52.68
N SER A 566 -37.19 -39.47 -53.07
CA SER A 566 -36.63 -40.80 -52.92
C SER A 566 -35.42 -41.01 -53.83
N SER A 567 -35.28 -40.22 -54.89
CA SER A 567 -34.21 -40.40 -55.86
C SER A 567 -32.87 -39.86 -55.40
N PHE A 568 -32.82 -39.10 -54.30
CA PHE A 568 -31.62 -38.36 -53.97
C PHE A 568 -30.54 -39.30 -53.42
N ARG A 569 -29.36 -39.25 -54.05
CA ARG A 569 -28.17 -39.90 -53.54
C ARG A 569 -27.02 -38.90 -53.58
N PHE A 570 -26.00 -39.17 -52.77
CA PHE A 570 -24.76 -38.43 -52.81
C PHE A 570 -23.63 -39.38 -53.15
N SER A 571 -22.59 -38.85 -53.80
CA SER A 571 -21.40 -39.64 -54.03
C SER A 571 -20.78 -40.04 -52.70
N GLU A 572 -19.90 -41.04 -52.75
CA GLU A 572 -19.08 -41.36 -51.58
C GLU A 572 -18.23 -40.17 -51.14
N THR A 573 -18.12 -39.15 -52.00
CA THR A 573 -17.39 -37.93 -51.67
C THR A 573 -18.24 -36.96 -50.85
N PHE A 574 -19.56 -36.99 -51.00
CA PHE A 574 -20.44 -36.04 -50.36
C PHE A 574 -21.40 -36.66 -49.36
N SER A 575 -21.37 -37.98 -49.18
CA SER A 575 -22.45 -38.65 -48.44
C SER A 575 -22.48 -38.28 -46.96
N LEU A 576 -21.31 -37.98 -46.37
CA LEU A 576 -21.25 -37.69 -44.95
C LEU A 576 -21.41 -36.21 -44.62
N TYR A 577 -21.41 -35.34 -45.63
CA TYR A 577 -21.57 -33.91 -45.38
C TYR A 577 -22.90 -33.56 -44.72
N PRO A 578 -24.05 -34.10 -45.15
CA PRO A 578 -25.30 -33.77 -44.44
C PRO A 578 -25.31 -34.24 -42.99
N GLN A 579 -24.76 -35.42 -42.72
CA GLN A 579 -24.73 -35.91 -41.34
C GLN A 579 -23.86 -35.02 -40.46
N PHE A 580 -22.73 -34.54 -41.00
CA PHE A 580 -21.92 -33.57 -40.28
C PHE A 580 -22.70 -32.30 -40.00
N MET A 581 -23.49 -31.84 -40.97
CA MET A 581 -24.30 -30.64 -40.78
C MET A 581 -25.41 -30.87 -39.76
N PHE A 582 -25.92 -32.10 -39.67
CA PHE A 582 -26.95 -32.41 -38.68
C PHE A 582 -26.40 -32.29 -37.26
N HIS A 583 -25.22 -32.87 -37.02
CA HIS A 583 -24.62 -32.82 -35.70
C HIS A 583 -23.99 -31.46 -35.40
N LEU A 584 -23.69 -30.66 -36.42
CA LEU A 584 -23.15 -29.33 -36.18
C LEU A 584 -24.25 -28.35 -35.79
N ARG A 585 -25.36 -28.36 -36.53
CA ARG A 585 -26.44 -27.42 -36.27
C ARG A 585 -27.12 -27.66 -34.92
N ARG A 586 -26.94 -28.84 -34.33
CA ARG A 586 -27.48 -29.15 -33.02
C ARG A 586 -26.41 -29.14 -31.93
N SER A 587 -25.15 -28.86 -32.28
CA SER A 587 -24.06 -28.94 -31.32
C SER A 587 -24.17 -27.80 -30.30
N SER A 588 -23.35 -27.89 -29.26
CA SER A 588 -23.29 -26.84 -28.25
C SER A 588 -22.59 -25.59 -28.75
N PHE A 589 -21.98 -25.64 -29.95
CA PHE A 589 -21.35 -24.45 -30.53
C PHE A 589 -22.36 -23.46 -31.09
N LEU A 590 -23.57 -23.92 -31.42
CA LEU A 590 -24.60 -23.05 -31.96
C LEU A 590 -25.87 -23.02 -31.14
N GLN A 591 -26.15 -24.06 -30.34
CA GLN A 591 -27.28 -24.07 -29.41
C GLN A 591 -26.71 -23.81 -28.03
N VAL A 592 -26.61 -22.52 -27.68
CA VAL A 592 -25.83 -22.13 -26.51
C VAL A 592 -26.58 -22.41 -25.21
N PHE A 593 -27.91 -22.39 -25.22
CA PHE A 593 -28.66 -22.60 -24.00
C PHE A 593 -28.50 -24.03 -23.51
N ASN A 594 -28.81 -24.24 -22.23
CA ASN A 594 -28.46 -25.43 -21.45
C ASN A 594 -26.96 -25.53 -21.18
N ASN A 595 -26.21 -24.47 -21.50
CA ASN A 595 -24.82 -24.34 -21.12
C ASN A 595 -24.61 -22.97 -20.50
N SER A 596 -23.56 -22.85 -19.69
CA SER A 596 -23.23 -21.53 -19.19
C SER A 596 -22.42 -20.77 -20.24
N PRO A 597 -22.53 -19.44 -20.26
CA PRO A 597 -21.72 -18.65 -21.22
C PRO A 597 -20.23 -18.92 -21.13
N ASP A 598 -19.71 -19.22 -19.93
CA ASP A 598 -18.31 -19.60 -19.81
C ASP A 598 -18.04 -20.93 -20.49
N GLU A 599 -19.01 -21.85 -20.46
CA GLU A 599 -18.85 -23.12 -21.15
C GLU A 599 -18.96 -22.96 -22.65
N SER A 600 -19.89 -22.11 -23.11
CA SER A 600 -20.05 -21.89 -24.54
C SER A 600 -18.82 -21.23 -25.14
N SER A 601 -18.27 -20.22 -24.46
CA SER A 601 -17.05 -19.58 -24.94
C SER A 601 -15.86 -20.52 -24.85
N TYR A 602 -15.87 -21.45 -23.89
CA TYR A 602 -14.79 -22.41 -23.77
C TYR A 602 -14.84 -23.45 -24.88
N TYR A 603 -16.04 -23.88 -25.27
CA TYR A 603 -16.18 -24.87 -26.32
C TYR A 603 -15.73 -24.31 -27.66
N ARG A 604 -16.22 -23.11 -28.00
CA ARG A 604 -15.85 -22.50 -29.27
C ARG A 604 -14.37 -22.14 -29.31
N HIS A 605 -13.79 -21.79 -28.17
CA HIS A 605 -12.37 -21.46 -28.11
C HIS A 605 -11.53 -22.59 -28.68
N HIS A 606 -11.72 -23.81 -28.17
CA HIS A 606 -10.90 -24.93 -28.61
C HIS A 606 -11.24 -25.40 -30.01
N PHE A 607 -12.47 -25.16 -30.47
CA PHE A 607 -12.83 -25.56 -31.83
C PHE A 607 -12.17 -24.65 -32.86
N MET A 608 -12.06 -23.35 -32.55
CA MET A 608 -11.46 -22.39 -33.47
C MET A 608 -9.94 -22.54 -33.55
N ARG A 609 -9.35 -23.52 -32.88
CA ARG A 609 -7.90 -23.71 -32.89
C ARG A 609 -7.46 -25.10 -33.31
N GLN A 610 -8.32 -26.11 -33.16
CA GLN A 610 -7.89 -27.49 -33.37
C GLN A 610 -7.83 -27.83 -34.86
N ASP A 611 -7.16 -28.95 -35.14
CA ASP A 611 -6.98 -29.43 -36.50
C ASP A 611 -8.31 -30.01 -37.02
N LEU A 612 -8.23 -30.74 -38.13
CA LEU A 612 -9.45 -31.32 -38.70
C LEU A 612 -9.97 -32.46 -37.83
N THR A 613 -9.11 -33.44 -37.55
CA THR A 613 -9.58 -34.68 -36.92
C THR A 613 -10.18 -34.40 -35.54
N GLN A 614 -9.55 -33.52 -34.76
CA GLN A 614 -10.11 -33.18 -33.45
C GLN A 614 -11.35 -32.32 -33.58
N SER A 615 -11.43 -31.47 -34.60
CA SER A 615 -12.65 -30.69 -34.81
C SER A 615 -13.83 -31.59 -35.15
N LEU A 616 -13.58 -32.63 -35.97
CA LEU A 616 -14.64 -33.59 -36.27
C LEU A 616 -15.15 -34.27 -35.02
N ILE A 617 -14.23 -34.63 -34.11
CA ILE A 617 -14.62 -35.29 -32.87
C ILE A 617 -15.49 -34.37 -32.01
N MET A 618 -15.25 -33.06 -32.08
CA MET A 618 -16.08 -32.13 -31.33
C MET A 618 -17.51 -32.09 -31.86
N ILE A 619 -17.67 -32.06 -33.18
CA ILE A 619 -18.99 -31.91 -33.77
C ILE A 619 -19.76 -33.22 -33.76
N GLN A 620 -19.07 -34.33 -34.06
CA GLN A 620 -19.68 -35.66 -34.09
C GLN A 620 -18.83 -36.59 -33.24
N PRO A 621 -19.14 -36.71 -31.95
CA PRO A 621 -18.34 -37.57 -31.07
C PRO A 621 -18.30 -39.02 -31.56
N ILE A 622 -17.14 -39.64 -31.38
CA ILE A 622 -16.95 -41.03 -31.78
C ILE A 622 -17.56 -41.94 -30.71
N LEU A 623 -18.08 -43.09 -31.14
CA LEU A 623 -18.74 -44.03 -30.25
C LEU A 623 -18.22 -45.43 -30.52
N TYR A 624 -17.73 -46.10 -29.48
CA TYR A 624 -17.22 -47.46 -29.56
C TYR A 624 -18.06 -48.38 -28.67
N ALA A 625 -18.25 -49.62 -29.11
CA ALA A 625 -19.04 -50.60 -28.38
C ALA A 625 -18.15 -51.75 -27.89
N TYR A 626 -18.53 -52.31 -26.74
CA TYR A 626 -17.75 -53.37 -26.10
C TYR A 626 -18.70 -54.45 -25.62
N SER A 627 -18.50 -55.68 -26.07
CA SER A 627 -19.32 -56.80 -25.62
C SER A 627 -18.55 -58.10 -25.81
N PHE A 628 -19.11 -59.17 -25.22
CA PHE A 628 -18.54 -60.50 -25.44
C PHE A 628 -18.55 -60.86 -26.92
N SER A 629 -19.57 -60.41 -27.64
CA SER A 629 -19.76 -60.75 -29.05
C SER A 629 -18.87 -59.87 -29.92
N GLY A 630 -17.57 -60.06 -29.78
CA GLY A 630 -16.59 -59.46 -30.65
C GLY A 630 -15.73 -58.41 -29.98
N PRO A 631 -14.59 -58.13 -30.60
CA PRO A 631 -13.71 -57.06 -30.11
C PRO A 631 -14.37 -55.70 -30.25
N PRO A 632 -13.79 -54.66 -29.64
CA PRO A 632 -14.42 -53.32 -29.71
C PRO A 632 -14.58 -52.85 -31.14
N GLU A 633 -15.72 -52.22 -31.42
CA GLU A 633 -16.09 -51.77 -32.75
C GLU A 633 -16.79 -50.42 -32.67
N PRO A 634 -16.50 -49.50 -33.61
CA PRO A 634 -17.23 -48.23 -33.64
C PRO A 634 -18.70 -48.46 -33.99
N VAL A 635 -19.56 -47.63 -33.43
CA VAL A 635 -21.00 -47.70 -33.66
C VAL A 635 -21.54 -46.30 -33.92
N LEU A 636 -22.69 -46.26 -34.58
CA LEU A 636 -23.33 -44.99 -34.92
C LEU A 636 -23.68 -44.19 -33.66
N LEU A 637 -23.72 -42.86 -33.82
CA LEU A 637 -24.19 -41.98 -32.75
C LEU A 637 -25.72 -41.92 -32.76
N ASP A 638 -26.33 -43.08 -32.56
CA ASP A 638 -27.79 -43.21 -32.57
C ASP A 638 -28.22 -44.01 -31.35
N SER A 639 -29.46 -43.77 -30.92
CA SER A 639 -29.98 -44.42 -29.72
C SER A 639 -29.96 -45.94 -29.85
N SER A 640 -30.05 -46.45 -31.09
CA SER A 640 -30.03 -47.89 -31.30
C SER A 640 -28.70 -48.53 -30.94
N SER A 641 -27.62 -47.74 -30.84
CA SER A 641 -26.33 -48.30 -30.47
C SER A 641 -26.25 -48.63 -28.99
N ILE A 642 -27.18 -48.14 -28.18
CA ILE A 642 -27.15 -48.33 -26.74
C ILE A 642 -27.85 -49.66 -26.44
N LEU A 643 -27.07 -50.70 -26.18
CA LEU A 643 -27.59 -52.00 -25.81
C LEU A 643 -27.38 -52.23 -24.31
N ALA A 644 -28.19 -53.15 -23.77
CA ALA A 644 -28.13 -53.43 -22.33
C ALA A 644 -26.92 -54.29 -21.97
N ASP A 645 -26.46 -55.14 -22.87
CA ASP A 645 -25.31 -56.02 -22.62
C ASP A 645 -24.06 -55.51 -23.32
N ARG A 646 -23.88 -54.19 -23.40
CA ARG A 646 -22.76 -53.62 -24.13
C ARG A 646 -22.24 -52.38 -23.40
N ILE A 647 -20.91 -52.29 -23.27
CA ILE A 647 -20.26 -51.13 -22.68
C ILE A 647 -19.86 -50.18 -23.80
N LEU A 648 -20.21 -48.92 -23.65
CA LEU A 648 -19.95 -47.91 -24.66
C LEU A 648 -18.83 -46.96 -24.22
N LEU A 649 -18.02 -46.54 -25.17
CA LEU A 649 -17.04 -45.48 -25.00
C LEU A 649 -17.39 -44.37 -25.98
N MET A 650 -17.73 -43.19 -25.45
CA MET A 650 -17.95 -42.02 -26.28
C MET A 650 -16.78 -41.06 -26.10
N ASP A 651 -16.28 -40.55 -27.21
CA ASP A 651 -15.18 -39.58 -27.21
C ASP A 651 -15.69 -38.28 -27.80
N THR A 652 -16.29 -37.44 -26.97
CA THR A 652 -16.28 -36.01 -27.26
C THR A 652 -14.88 -35.49 -26.96
N PHE A 653 -14.46 -34.47 -27.70
CA PHE A 653 -13.12 -33.94 -27.46
C PHE A 653 -12.99 -33.43 -26.03
N PHE A 654 -14.07 -32.86 -25.48
CA PHE A 654 -14.01 -32.27 -24.15
C PHE A 654 -14.23 -33.29 -23.04
N GLN A 655 -14.81 -34.46 -23.34
CA GLN A 655 -15.10 -35.43 -22.31
C GLN A 655 -15.06 -36.84 -22.88
N ILE A 656 -14.50 -37.77 -22.11
CA ILE A 656 -14.47 -39.18 -22.45
C ILE A 656 -15.41 -39.91 -21.49
N LEU A 657 -16.41 -40.59 -22.05
CA LEU A 657 -17.49 -41.17 -21.27
C LEU A 657 -17.53 -42.69 -21.49
N ILE A 658 -17.74 -43.42 -20.39
CA ILE A 658 -17.92 -44.86 -20.42
C ILE A 658 -19.29 -45.19 -19.86
N TYR A 659 -20.07 -45.96 -20.60
CA TYR A 659 -21.44 -46.30 -20.24
C TYR A 659 -21.59 -47.80 -20.12
N HIS A 660 -22.36 -48.24 -19.13
CA HIS A 660 -22.66 -49.65 -18.93
C HIS A 660 -24.16 -49.85 -19.07
N GLY A 661 -24.56 -50.67 -20.05
CA GLY A 661 -25.96 -51.01 -20.20
C GLY A 661 -26.53 -51.62 -18.93
N GLU A 662 -27.86 -51.62 -18.85
CA GLU A 662 -28.55 -52.04 -17.62
C GLU A 662 -28.03 -53.37 -17.10
N THR A 663 -27.74 -54.31 -18.00
CA THR A 663 -27.30 -55.64 -17.58
C THR A 663 -25.92 -55.57 -16.92
N ILE A 664 -24.97 -54.85 -17.55
CA ILE A 664 -23.58 -54.86 -17.12
C ILE A 664 -23.37 -53.98 -15.90
N ALA A 665 -24.41 -53.22 -15.50
CA ALA A 665 -24.30 -52.32 -14.36
C ALA A 665 -24.12 -53.07 -13.03
N GLN A 666 -23.97 -54.40 -13.00
CA GLN A 666 -23.76 -55.18 -11.78
C GLN A 666 -22.60 -54.65 -10.94
N GLU A 679 -12.51 -63.94 -15.08
CA GLU A 679 -11.50 -63.23 -15.86
C GLU A 679 -12.10 -62.64 -17.14
N ASN A 680 -13.22 -63.20 -17.58
CA ASN A 680 -13.85 -62.71 -18.81
C ASN A 680 -14.63 -61.41 -18.55
N PHE A 681 -15.36 -61.35 -17.43
CA PHE A 681 -16.04 -60.11 -17.07
C PHE A 681 -15.06 -58.99 -16.78
N ARG A 682 -13.83 -59.32 -16.38
CA ARG A 682 -12.83 -58.30 -16.12
C ARG A 682 -12.29 -57.69 -17.41
N HIS A 683 -12.00 -58.53 -18.41
CA HIS A 683 -11.51 -58.03 -19.68
C HIS A 683 -12.48 -57.03 -20.29
N LEU A 684 -13.79 -57.36 -20.28
CA LEU A 684 -14.78 -56.47 -20.87
C LEU A 684 -14.92 -55.19 -20.07
N LEU A 685 -14.92 -55.29 -18.74
CA LEU A 685 -15.15 -54.11 -17.91
C LEU A 685 -14.03 -53.09 -18.01
N GLN A 686 -12.79 -53.55 -18.21
CA GLN A 686 -11.65 -52.65 -18.31
C GLN A 686 -11.14 -52.48 -19.74
N ALA A 687 -11.77 -53.14 -20.72
CA ALA A 687 -11.39 -52.91 -22.11
C ALA A 687 -11.53 -51.44 -22.52
N PRO A 688 -12.64 -50.75 -22.24
CA PRO A 688 -12.70 -49.33 -22.59
C PRO A 688 -11.83 -48.46 -21.69
N VAL A 689 -11.58 -48.90 -20.46
CA VAL A 689 -10.70 -48.14 -19.56
C VAL A 689 -9.28 -48.09 -20.12
N ASP A 690 -8.78 -49.23 -20.60
CA ASP A 690 -7.44 -49.24 -21.20
C ASP A 690 -7.41 -48.36 -22.44
N ASP A 691 -8.45 -48.43 -23.28
CA ASP A 691 -8.51 -47.58 -24.46
C ASP A 691 -8.63 -46.11 -24.09
N ALA A 692 -9.27 -45.79 -22.97
CA ALA A 692 -9.44 -44.39 -22.57
C ALA A 692 -8.12 -43.79 -22.10
N GLN A 693 -7.36 -44.53 -21.29
CA GLN A 693 -6.14 -43.98 -20.69
C GLN A 693 -5.18 -43.45 -21.74
N GLU A 694 -5.11 -44.12 -22.90
CA GLU A 694 -4.18 -43.70 -23.94
C GLU A 694 -4.49 -42.29 -24.42
N ILE A 695 -5.69 -42.09 -24.96
CA ILE A 695 -6.10 -40.78 -25.45
C ILE A 695 -6.29 -39.80 -24.29
N LEU A 696 -6.35 -40.27 -23.05
CA LEU A 696 -6.49 -39.29 -21.99
C LEU A 696 -5.26 -38.37 -21.94
N HIS A 697 -4.08 -38.98 -22.06
CA HIS A 697 -2.78 -38.28 -22.02
C HIS A 697 -2.30 -37.32 -23.13
N SER A 698 -2.54 -37.67 -24.40
CA SER A 698 -2.04 -36.89 -25.52
C SER A 698 -2.83 -35.60 -25.71
N ARG A 699 -4.14 -35.67 -25.54
CA ARG A 699 -5.01 -34.51 -25.69
C ARG A 699 -4.60 -33.42 -24.70
N PHE A 700 -4.39 -32.20 -25.21
CA PHE A 700 -3.90 -31.13 -24.36
C PHE A 700 -4.93 -30.78 -23.28
N PRO A 701 -6.11 -30.24 -23.61
CA PRO A 701 -7.06 -29.95 -22.54
C PRO A 701 -7.66 -31.25 -22.05
N MET A 702 -7.01 -31.88 -21.07
CA MET A 702 -7.32 -33.22 -20.62
C MET A 702 -8.84 -33.38 -20.46
N PRO A 703 -9.46 -34.25 -21.25
CA PRO A 703 -10.93 -34.33 -21.22
C PRO A 703 -11.43 -34.87 -19.88
N ARG A 704 -12.66 -34.52 -19.57
CA ARG A 704 -13.28 -34.96 -18.32
C ARG A 704 -13.74 -36.42 -18.48
N TYR A 705 -13.31 -37.26 -17.56
CA TYR A 705 -13.66 -38.68 -17.59
C TYR A 705 -14.97 -38.90 -16.83
N ILE A 706 -15.80 -39.81 -17.35
CA ILE A 706 -17.09 -40.12 -16.77
C ILE A 706 -17.30 -41.62 -16.77
N ASP A 707 -17.69 -42.17 -15.61
CA ASP A 707 -18.04 -43.58 -15.48
C ASP A 707 -19.50 -43.63 -15.00
N THR A 708 -20.41 -43.93 -15.92
CA THR A 708 -21.84 -43.97 -15.63
C THR A 708 -22.43 -45.26 -16.20
N GLU A 709 -23.72 -45.44 -15.99
CA GLU A 709 -24.42 -46.63 -16.45
C GLU A 709 -25.89 -46.27 -16.68
N HIS A 710 -26.71 -47.27 -16.98
CA HIS A 710 -28.12 -47.04 -17.19
C HIS A 710 -28.77 -46.55 -15.90
N GLY A 711 -29.57 -45.49 -16.00
CA GLY A 711 -30.19 -44.88 -14.85
C GLY A 711 -29.33 -43.89 -14.11
N GLY A 712 -28.01 -43.94 -14.27
CA GLY A 712 -27.15 -42.96 -13.63
C GLY A 712 -27.40 -41.57 -14.16
N SER A 713 -27.17 -40.58 -13.30
CA SER A 713 -27.40 -39.19 -13.69
C SER A 713 -26.48 -38.75 -14.80
N GLN A 714 -25.25 -39.27 -14.83
CA GLN A 714 -24.27 -38.87 -15.83
C GLN A 714 -24.52 -39.50 -17.20
N ALA A 715 -25.48 -40.41 -17.32
CA ALA A 715 -25.85 -40.95 -18.62
C ALA A 715 -26.49 -39.90 -19.52
N ARG A 716 -26.81 -38.72 -18.99
CA ARG A 716 -27.46 -37.68 -19.78
C ARG A 716 -26.56 -37.18 -20.90
N PHE A 717 -25.24 -37.16 -20.68
CA PHE A 717 -24.34 -36.66 -21.72
C PHE A 717 -24.33 -37.57 -22.94
N LEU A 718 -24.50 -38.88 -22.73
CA LEU A 718 -24.58 -39.80 -23.86
C LEU A 718 -25.89 -39.65 -24.61
N LEU A 719 -26.99 -39.47 -23.89
CA LEU A 719 -28.31 -39.42 -24.51
C LEU A 719 -28.55 -38.11 -25.27
N SER A 720 -27.72 -37.10 -25.08
CA SER A 720 -27.95 -35.80 -25.70
C SER A 720 -27.15 -35.58 -26.98
N LYS A 721 -25.98 -36.21 -27.11
CA LYS A 721 -25.22 -36.16 -28.36
C LYS A 721 -25.73 -37.17 -29.37
N VAL A 722 -26.54 -38.13 -28.94
CA VAL A 722 -26.91 -39.29 -29.75
C VAL A 722 -28.02 -38.91 -30.73
N ASN A 723 -28.73 -39.90 -31.28
CA ASN A 723 -29.91 -39.72 -32.13
C ASN A 723 -29.54 -39.37 -33.56
N ASP A 746 -34.12 -30.40 -37.06
CA ASP A 746 -35.47 -30.53 -36.53
C ASP A 746 -35.53 -31.51 -35.38
N VAL A 747 -35.67 -32.79 -35.69
CA VAL A 747 -35.73 -33.84 -34.68
C VAL A 747 -34.65 -34.91 -34.57
N SER A 748 -34.70 -35.90 -35.45
CA SER A 748 -33.63 -36.87 -35.61
C SER A 748 -33.04 -36.77 -37.01
N LEU A 749 -32.02 -37.59 -37.27
CA LEU A 749 -31.38 -37.58 -38.58
C LEU A 749 -32.32 -38.09 -39.66
N GLN A 750 -33.18 -39.06 -39.33
CA GLN A 750 -34.11 -39.59 -40.32
C GLN A 750 -35.04 -38.50 -40.84
N VAL A 751 -35.63 -37.72 -39.93
CA VAL A 751 -36.50 -36.63 -40.35
C VAL A 751 -35.69 -35.53 -41.03
N PHE A 752 -34.46 -35.29 -40.55
CA PHE A 752 -33.63 -34.25 -41.15
C PHE A 752 -33.28 -34.58 -42.59
N MET A 753 -32.89 -35.82 -42.85
CA MET A 753 -32.56 -36.22 -44.21
C MET A 753 -33.77 -36.17 -45.11
N ASP A 754 -34.93 -36.62 -44.61
CA ASP A 754 -36.14 -36.61 -45.42
C ASP A 754 -36.56 -35.19 -45.80
N HIS A 755 -36.51 -34.27 -44.84
CA HIS A 755 -36.81 -32.88 -45.15
C HIS A 755 -35.76 -32.27 -46.06
N LEU A 756 -34.50 -32.75 -45.96
CA LEU A 756 -33.45 -32.25 -46.83
C LEU A 756 -33.68 -32.67 -48.28
N LYS A 757 -34.12 -33.92 -48.48
CA LYS A 757 -34.36 -34.40 -49.84
C LYS A 757 -35.57 -33.73 -50.47
N LYS A 758 -36.57 -33.36 -49.66
CA LYS A 758 -37.74 -32.69 -50.20
C LYS A 758 -37.38 -31.33 -50.78
N LEU A 759 -36.42 -30.64 -50.16
CA LEU A 759 -36.03 -29.32 -50.64
C LEU A 759 -34.96 -29.41 -51.72
N ALA A 760 -34.19 -30.50 -51.74
CA ALA A 760 -33.15 -30.66 -52.76
C ALA A 760 -33.75 -30.95 -54.13
N VAL A 761 -34.78 -31.80 -54.17
CA VAL A 761 -35.37 -32.19 -55.45
C VAL A 761 -36.39 -31.18 -55.97
N SER A 762 -36.77 -30.19 -55.16
CA SER A 762 -37.74 -29.20 -55.62
C SER A 762 -36.87 -27.95 -55.88
N SER A 763 -37.53 -26.81 -56.01
CA SER A 763 -37.00 -25.61 -56.66
C SER A 763 -35.64 -25.22 -56.08
N ALA A 764 -34.85 -24.52 -56.89
CA ALA A 764 -33.55 -24.01 -56.47
C ALA A 764 -33.66 -22.55 -56.05
N GLU B 1 16.94 40.45 50.30
CA GLU B 1 15.75 41.15 49.83
C GLU B 1 16.11 42.55 49.33
N GLY B 2 15.10 43.29 48.87
CA GLY B 2 15.34 44.64 48.40
C GLY B 2 14.18 45.35 47.75
N LEU B 3 13.64 46.35 48.44
CA LEU B 3 12.81 47.38 47.83
C LEU B 3 13.66 48.45 47.14
N ARG B 4 14.97 48.20 47.05
CA ARG B 4 15.93 49.22 46.64
C ARG B 4 15.90 49.45 45.14
N VAL B 5 16.14 50.70 44.75
CA VAL B 5 16.33 51.07 43.36
C VAL B 5 17.79 50.85 42.98
N VAL B 6 18.01 50.46 41.72
CA VAL B 6 19.33 50.10 41.22
C VAL B 6 19.67 50.98 40.02
N ASN B 7 20.86 51.57 40.04
CA ASN B 7 21.38 52.33 38.92
C ASN B 7 22.21 51.38 38.06
N LEU B 8 21.59 50.86 36.99
CA LEU B 8 22.25 49.87 36.15
C LEU B 8 23.55 50.38 35.55
N LEU B 9 23.72 51.69 35.44
CA LEU B 9 24.94 52.22 34.84
C LEU B 9 26.13 52.15 35.79
N GLN B 10 25.90 52.05 37.09
CA GLN B 10 26.97 52.03 38.07
C GLN B 10 27.27 50.63 38.59
N GLU B 11 26.26 49.78 38.74
CA GLU B 11 26.46 48.43 39.25
C GLU B 11 27.33 47.63 38.27
N ARG B 12 26.71 47.18 37.18
CA ARG B 12 27.39 46.49 36.07
C ARG B 12 27.70 44.98 36.21
N ASN B 13 27.54 44.43 37.40
CA ASN B 13 27.81 43.00 37.63
C ASN B 13 26.61 42.42 38.38
N MET B 14 25.50 43.13 38.26
CA MET B 14 24.27 42.83 38.99
C MET B 14 23.85 41.36 38.90
N LEU B 15 24.47 40.57 38.04
CA LEU B 15 24.09 39.17 37.93
C LEU B 15 24.61 38.41 39.16
N PRO B 16 23.76 37.73 39.92
CA PRO B 16 24.23 37.06 41.13
C PRO B 16 25.13 35.87 40.81
N SER B 17 26.07 35.59 41.72
CA SER B 17 26.95 34.45 41.56
C SER B 17 26.25 33.12 41.81
N THR B 18 25.05 33.15 42.37
CA THR B 18 24.25 31.97 42.66
C THR B 18 23.03 31.92 41.75
N PRO B 19 22.45 30.73 41.52
CA PRO B 19 21.36 30.62 40.55
C PRO B 19 20.16 31.48 40.92
N LEU B 20 19.55 32.08 39.89
CA LEU B 20 18.32 32.85 40.11
C LEU B 20 17.23 31.94 40.66
N LYS B 21 16.39 32.50 41.52
CA LYS B 21 15.26 31.78 42.08
C LYS B 21 13.96 32.51 41.74
N PRO B 22 12.87 31.77 41.52
CA PRO B 22 11.61 32.44 41.18
C PRO B 22 11.10 33.24 42.36
N PRO B 23 10.44 34.38 42.11
CA PRO B 23 9.93 35.19 43.21
C PRO B 23 8.83 34.47 43.97
N VAL B 24 8.68 34.84 45.24
CA VAL B 24 7.64 34.33 46.11
C VAL B 24 6.50 35.34 46.11
N PRO B 25 5.27 34.94 45.77
CA PRO B 25 4.16 35.89 45.77
C PRO B 25 3.93 36.45 47.17
N ASN B 26 3.64 37.75 47.24
CA ASN B 26 3.39 38.43 48.51
C ASN B 26 2.07 37.90 49.08
N LEU B 27 2.13 36.69 49.63
CA LEU B 27 0.98 35.99 50.15
C LEU B 27 1.19 35.62 51.61
N HIS B 28 0.07 35.36 52.28
CA HIS B 28 0.12 34.91 53.67
C HIS B 28 0.92 33.61 53.77
N GLU B 29 1.50 33.40 54.95
CA GLU B 29 2.40 32.26 55.15
C GLU B 29 1.70 30.94 54.89
N ASP B 30 0.44 30.81 55.32
CA ASP B 30 -0.25 29.54 55.19
C ASP B 30 -0.80 29.32 53.79
N ILE B 31 -1.10 30.39 53.05
CA ILE B 31 -1.57 30.22 51.68
C ILE B 31 -0.40 29.90 50.75
N GLN B 32 0.73 30.59 50.94
CA GLN B 32 1.87 30.40 50.06
C GLN B 32 2.48 29.00 50.22
N LYS B 33 2.48 28.48 51.44
CA LYS B 33 3.09 27.18 51.68
C LYS B 33 2.37 26.04 50.96
N LEU B 34 1.18 26.30 50.43
CA LEU B 34 0.46 25.32 49.62
C LEU B 34 0.46 25.66 48.14
N ASN B 35 1.03 26.80 47.76
CA ASN B 35 0.93 27.27 46.39
C ASN B 35 1.63 26.30 45.44
N CYS B 36 1.27 26.40 44.16
CA CYS B 36 1.81 25.50 43.15
C CYS B 36 3.32 25.69 43.02
N ASN B 37 4.02 24.59 42.77
CA ASN B 37 5.46 24.63 42.57
C ASN B 37 5.78 25.53 41.38
N PRO B 38 6.63 26.55 41.54
CA PRO B 38 6.85 27.49 40.43
C PRO B 38 7.47 26.86 39.20
N GLU B 39 8.06 25.67 39.31
CA GLU B 39 8.55 24.97 38.13
C GLU B 39 7.38 24.55 37.23
N LEU B 40 6.25 24.18 37.83
CA LEU B 40 5.10 23.68 37.08
C LEU B 40 4.17 24.78 36.62
N PHE B 41 4.17 25.93 37.30
CA PHE B 41 3.18 26.98 37.04
C PHE B 41 3.65 28.29 37.67
N ARG B 42 3.79 29.35 36.87
CA ARG B 42 4.22 30.63 37.38
C ARG B 42 3.62 31.74 36.52
N CYS B 43 3.77 32.98 36.99
CA CYS B 43 3.19 34.14 36.36
C CYS B 43 4.23 35.23 36.22
N THR B 44 4.08 36.03 35.16
CA THR B 44 5.00 37.14 34.95
C THR B 44 4.90 38.16 36.07
N LEU B 45 3.70 38.41 36.57
CA LEU B 45 3.45 39.36 37.65
C LEU B 45 2.84 38.58 38.81
N THR B 46 3.65 38.27 39.83
CA THR B 46 3.13 37.58 41.00
C THR B 46 2.23 38.47 41.84
N SER B 47 2.15 39.76 41.53
CA SER B 47 1.18 40.68 42.13
C SER B 47 0.31 41.18 40.98
N ILE B 48 -0.87 40.60 40.86
CA ILE B 48 -1.75 40.88 39.71
C ILE B 48 -2.24 42.32 39.80
N PRO B 49 -2.11 43.12 38.73
CA PRO B 49 -2.72 44.46 38.73
C PRO B 49 -4.22 44.38 38.91
N GLN B 50 -4.76 45.27 39.74
CA GLN B 50 -6.19 45.24 40.03
C GLN B 50 -7.02 45.64 38.81
N THR B 51 -6.49 46.53 37.97
CA THR B 51 -7.22 47.02 36.81
C THR B 51 -6.34 46.92 35.57
N GLN B 52 -6.99 46.96 34.40
CA GLN B 52 -6.25 46.99 33.15
C GLN B 52 -5.48 48.28 33.00
N ALA B 53 -6.05 49.40 33.47
CA ALA B 53 -5.36 50.68 33.40
C ALA B 53 -4.06 50.65 34.19
N LEU B 54 -4.05 49.96 35.33
CA LEU B 54 -2.81 49.79 36.07
C LEU B 54 -1.82 48.91 35.33
N LEU B 55 -2.33 47.84 34.69
CA LEU B 55 -1.45 46.97 33.92
C LEU B 55 -0.84 47.71 32.74
N ASN B 56 -1.64 48.54 32.05
CA ASN B 56 -1.11 49.32 30.93
C ASN B 56 -0.06 50.33 31.39
N LYS B 57 -0.22 50.87 32.61
CA LYS B 57 0.75 51.83 33.11
C LYS B 57 2.12 51.18 33.30
N ALA B 58 2.17 49.99 33.89
CA ALA B 58 3.44 49.33 34.15
C ALA B 58 4.15 48.90 32.88
N LYS B 59 3.44 48.85 31.75
CA LYS B 59 4.04 48.47 30.46
C LYS B 59 4.73 47.11 30.53
N LEU B 60 4.20 46.21 31.35
CA LEU B 60 4.69 44.85 31.47
C LEU B 60 3.61 43.86 31.06
N PRO B 61 3.98 42.72 30.48
CA PRO B 61 2.98 41.76 30.03
C PRO B 61 2.51 40.87 31.17
N LEU B 62 1.20 40.69 31.27
CA LEU B 62 0.60 39.77 32.22
C LEU B 62 0.31 38.46 31.53
N GLY B 63 0.81 37.36 32.09
CA GLY B 63 0.61 36.06 31.49
C GLY B 63 1.17 34.98 32.37
N LEU B 64 0.88 33.74 31.99
CA LEU B 64 1.28 32.56 32.74
C LEU B 64 2.18 31.68 31.89
N LEU B 65 3.07 30.95 32.56
CA LEU B 65 3.93 29.95 31.94
C LEU B 65 3.81 28.66 32.73
N LEU B 66 3.51 27.56 32.03
CA LEU B 66 3.22 26.30 32.70
C LEU B 66 4.01 25.16 32.08
N HIS B 67 4.28 24.15 32.91
CA HIS B 67 4.96 22.92 32.51
C HIS B 67 4.17 21.74 33.07
N PRO B 68 2.93 21.56 32.60
CA PRO B 68 1.97 20.76 33.39
C PRO B 68 2.29 19.28 33.48
N PHE B 69 2.96 18.70 32.49
CA PHE B 69 3.24 17.27 32.51
C PHE B 69 4.63 16.94 33.02
N LYS B 70 5.28 17.88 33.72
CA LYS B 70 6.65 17.67 34.18
C LYS B 70 6.75 16.46 35.09
N ASP B 71 7.84 15.72 34.95
CA ASP B 71 8.12 14.60 35.85
C ASP B 71 8.21 15.09 37.29
N LEU B 72 7.46 14.44 38.18
CA LEU B 72 7.39 14.83 39.58
C LEU B 72 8.06 13.79 40.46
N VAL B 73 8.63 14.26 41.57
CA VAL B 73 9.24 13.36 42.54
C VAL B 73 8.15 12.59 43.29
N GLN B 74 6.97 13.18 43.44
CA GLN B 74 5.89 12.61 44.24
C GLN B 74 4.59 13.24 43.81
N LEU B 75 3.61 12.42 43.44
CA LEU B 75 2.33 12.90 42.93
C LEU B 75 1.19 12.30 43.74
N PRO B 76 0.31 13.10 44.33
CA PRO B 76 -0.89 12.57 44.97
C PRO B 76 -1.91 12.17 43.90
N VAL B 77 -2.27 10.88 43.88
CA VAL B 77 -3.21 10.35 42.91
C VAL B 77 -4.49 10.02 43.66
N VAL B 78 -5.51 10.86 43.47
CA VAL B 78 -6.80 10.66 44.11
C VAL B 78 -7.68 9.80 43.22
N THR B 79 -8.22 8.72 43.79
CA THR B 79 -9.12 7.82 43.09
C THR B 79 -10.57 8.05 43.48
N SER B 80 -10.95 9.30 43.72
CA SER B 80 -12.25 9.62 44.29
C SER B 80 -13.38 9.09 43.42
N SER B 81 -14.35 8.43 44.06
CA SER B 81 -15.54 7.99 43.33
C SER B 81 -16.29 9.18 42.74
N THR B 82 -16.11 10.36 43.31
CA THR B 82 -16.72 11.59 42.79
C THR B 82 -15.64 12.66 42.71
N ILE B 83 -15.57 13.34 41.57
CA ILE B 83 -14.66 14.46 41.39
C ILE B 83 -15.43 15.73 41.71
N VAL B 84 -14.96 16.49 42.69
CA VAL B 84 -15.65 17.70 43.13
C VAL B 84 -15.28 18.84 42.19
N ARG B 85 -16.24 19.31 41.42
CA ARG B 85 -16.05 20.42 40.49
C ARG B 85 -17.16 21.43 40.70
N CYS B 86 -16.78 22.72 40.70
CA CYS B 86 -17.76 23.79 40.85
C CYS B 86 -18.87 23.66 39.81
N ARG B 87 -20.11 23.78 40.26
CA ARG B 87 -21.27 23.51 39.41
C ARG B 87 -21.41 24.48 38.25
N SER B 88 -20.72 25.63 38.28
CA SER B 88 -20.83 26.65 37.24
C SER B 88 -19.67 26.60 36.26
N CYS B 89 -18.45 26.91 36.70
CA CYS B 89 -17.30 26.98 35.82
C CYS B 89 -16.49 25.69 35.77
N ARG B 90 -16.91 24.66 36.49
CA ARG B 90 -16.29 23.33 36.50
C ARG B 90 -14.87 23.34 37.04
N THR B 91 -14.53 24.30 37.89
CA THR B 91 -13.21 24.31 38.51
C THR B 91 -13.09 23.19 39.53
N TYR B 92 -11.96 22.49 39.51
CA TYR B 92 -11.74 21.40 40.45
C TYR B 92 -11.46 21.94 41.85
N ILE B 93 -11.85 21.17 42.86
CA ILE B 93 -11.70 21.57 44.25
C ILE B 93 -10.21 21.70 44.57
N ASN B 94 -9.76 22.91 44.82
CA ASN B 94 -8.35 23.23 44.99
C ASN B 94 -8.09 23.79 46.39
N PRO B 95 -6.84 23.79 46.84
CA PRO B 95 -6.55 24.26 48.21
C PRO B 95 -6.98 25.69 48.49
N PHE B 96 -7.15 26.52 47.46
CA PHE B 96 -7.42 27.94 47.65
C PHE B 96 -8.91 28.28 47.58
N VAL B 97 -9.78 27.28 47.79
CA VAL B 97 -11.21 27.53 47.88
C VAL B 97 -11.51 28.13 49.26
N SER B 98 -12.74 28.59 49.45
CA SER B 98 -13.17 29.22 50.70
C SER B 98 -14.23 28.34 51.34
N PHE B 99 -13.81 27.53 52.30
CA PHE B 99 -14.74 26.78 53.13
C PHE B 99 -15.38 27.72 54.16
N LEU B 100 -16.70 27.70 54.24
CA LEU B 100 -17.41 28.48 55.26
C LEU B 100 -18.30 27.57 56.11
N ASP B 101 -19.40 27.08 55.56
CA ASP B 101 -20.35 26.24 56.30
C ASP B 101 -19.81 24.85 56.62
N GLN B 102 -18.55 24.56 56.31
CA GLN B 102 -17.92 23.25 56.52
C GLN B 102 -18.65 22.16 55.74
N ARG B 103 -19.75 22.52 55.08
CA ARG B 103 -20.44 21.65 54.14
C ARG B 103 -20.74 22.38 52.84
N ARG B 104 -20.36 23.65 52.73
CA ARG B 104 -20.45 24.44 51.51
C ARG B 104 -19.13 25.16 51.31
N TRP B 105 -18.64 25.17 50.07
CA TRP B 105 -17.36 25.79 49.74
C TRP B 105 -17.54 26.77 48.60
N LYS B 106 -16.84 27.90 48.67
CA LYS B 106 -16.90 28.93 47.65
C LYS B 106 -15.81 28.72 46.62
N CYS B 107 -16.18 28.74 45.34
CA CYS B 107 -15.22 28.57 44.26
C CYS B 107 -14.31 29.79 44.17
N ASN B 108 -13.00 29.55 44.10
CA ASN B 108 -12.04 30.64 44.03
C ASN B 108 -11.88 31.23 42.65
N LEU B 109 -12.67 30.77 41.67
CA LEU B 109 -12.57 31.27 40.30
C LEU B 109 -13.85 31.96 39.82
N CYS B 110 -15.03 31.47 40.21
CA CYS B 110 -16.27 32.13 39.85
C CYS B 110 -17.15 32.41 41.06
N TYR B 111 -16.63 32.23 42.28
CA TYR B 111 -17.23 32.66 43.55
C TYR B 111 -18.56 31.97 43.87
N ARG B 112 -18.98 30.98 43.08
CA ARG B 112 -20.19 30.24 43.39
C ARG B 112 -19.96 29.30 44.56
N VAL B 113 -20.97 29.18 45.43
CA VAL B 113 -20.92 28.29 46.58
C VAL B 113 -21.44 26.92 46.16
N ASN B 114 -20.75 25.87 46.59
CA ASN B 114 -21.09 24.50 46.22
C ASN B 114 -21.22 23.64 47.46
N ASP B 115 -22.07 22.63 47.37
CA ASP B 115 -22.34 21.73 48.50
C ASP B 115 -21.33 20.59 48.50
N VAL B 116 -20.64 20.43 49.61
CA VAL B 116 -19.67 19.32 49.76
C VAL B 116 -20.44 18.01 49.85
N PRO B 117 -20.13 17.02 49.01
CA PRO B 117 -20.90 15.78 49.01
C PRO B 117 -20.58 14.90 50.21
N GLU B 118 -21.55 14.05 50.57
CA GLU B 118 -21.37 13.10 51.66
C GLU B 118 -20.47 11.96 51.21
N GLU B 119 -19.25 12.31 50.78
CA GLU B 119 -18.22 11.37 50.36
C GLU B 119 -16.95 12.01 50.89
N PHE B 120 -16.70 13.25 50.46
CA PHE B 120 -15.58 14.07 50.90
C PHE B 120 -15.28 14.05 52.40
N LEU B 121 -16.13 13.44 53.24
CA LEU B 121 -15.87 13.32 54.67
C LEU B 121 -15.36 11.94 55.01
N GLU B 131 -13.90 16.53 58.99
CA GLU B 131 -13.04 17.60 58.51
C GLU B 131 -12.84 17.52 57.00
N PRO B 132 -13.69 18.23 56.24
CA PRO B 132 -13.55 18.22 54.79
C PRO B 132 -12.36 19.02 54.28
N HIS B 133 -11.82 19.94 55.09
CA HIS B 133 -10.65 20.72 54.69
C HIS B 133 -9.36 19.93 54.75
N ARG B 134 -9.37 18.75 55.38
CA ARG B 134 -8.20 17.88 55.42
C ARG B 134 -8.13 16.95 54.22
N ARG B 135 -9.04 17.10 53.26
CA ARG B 135 -9.09 16.21 52.12
C ARG B 135 -7.88 16.43 51.21
N PRO B 136 -7.32 15.37 50.62
CA PRO B 136 -6.13 15.55 49.78
C PRO B 136 -6.32 16.51 48.63
N GLU B 137 -7.52 16.57 48.03
CA GLU B 137 -7.77 17.51 46.95
C GLU B 137 -7.65 18.97 47.39
N VAL B 138 -7.64 19.23 48.70
CA VAL B 138 -7.52 20.58 49.24
C VAL B 138 -6.20 20.80 49.95
N GLN B 139 -5.36 19.79 50.06
CA GLN B 139 -4.04 19.91 50.68
C GLN B 139 -2.91 19.92 49.66
N ASN B 140 -3.22 19.80 48.37
CA ASN B 140 -2.20 19.74 47.34
C ASN B 140 -2.64 20.56 46.14
N ALA B 141 -1.78 21.50 45.71
CA ALA B 141 -2.05 22.27 44.51
C ALA B 141 -1.82 21.46 43.24
N THR B 142 -1.00 20.42 43.31
CA THR B 142 -0.75 19.52 42.19
C THR B 142 -1.25 18.14 42.57
N ILE B 143 -2.15 17.59 41.76
CA ILE B 143 -2.83 16.35 42.09
C ILE B 143 -3.36 15.74 40.80
N GLU B 144 -3.41 14.41 40.75
CA GLU B 144 -3.90 13.70 39.58
C GLU B 144 -5.13 12.89 39.94
N PHE B 145 -6.19 13.04 39.14
CA PHE B 145 -7.44 12.34 39.36
C PHE B 145 -7.55 11.11 38.47
N MET B 146 -8.58 10.32 38.74
CA MET B 146 -9.03 9.24 37.86
C MET B 146 -10.31 9.70 37.19
N ALA B 147 -10.27 9.85 35.88
CA ALA B 147 -11.43 10.37 35.17
C ALA B 147 -12.51 9.29 35.06
N PRO B 148 -13.76 9.59 35.41
CA PRO B 148 -14.83 8.60 35.26
C PRO B 148 -15.22 8.36 33.81
N SER B 149 -16.21 7.49 33.59
CA SER B 149 -16.56 7.08 32.23
C SER B 149 -17.08 8.23 31.38
N GLU B 150 -17.49 9.34 31.99
CA GLU B 150 -18.05 10.46 31.25
C GLU B 150 -16.98 11.41 30.70
N TYR B 151 -15.72 11.24 31.08
CA TYR B 151 -14.65 12.10 30.62
C TYR B 151 -13.89 11.50 29.44
N MET B 152 -14.44 10.47 28.81
CA MET B 152 -13.79 9.81 27.69
C MET B 152 -14.80 9.60 26.58
N LEU B 153 -14.45 10.03 25.36
CA LEU B 153 -15.31 9.90 24.20
C LEU B 153 -15.31 8.50 23.61
N ARG B 154 -14.46 7.62 24.12
CA ARG B 154 -14.25 6.28 23.58
C ARG B 154 -13.43 5.47 24.59
N PRO B 155 -13.29 4.16 24.40
CA PRO B 155 -12.42 3.40 25.29
C PRO B 155 -11.00 3.95 25.25
N PRO B 156 -10.23 3.75 26.32
CA PRO B 156 -8.85 4.27 26.34
C PRO B 156 -8.04 3.74 25.16
N GLN B 157 -7.59 4.66 24.31
CA GLN B 157 -6.84 4.25 23.13
C GLN B 157 -5.54 3.59 23.55
N PRO B 158 -5.07 2.61 22.78
CA PRO B 158 -3.81 1.95 23.11
C PRO B 158 -2.63 2.81 22.73
N PRO B 159 -1.45 2.57 23.31
CA PRO B 159 -0.24 3.28 22.86
C PRO B 159 0.17 2.81 21.48
N VAL B 160 0.19 3.73 20.53
CA VAL B 160 0.52 3.44 19.14
C VAL B 160 1.69 4.31 18.72
N TYR B 161 2.74 3.69 18.19
CA TYR B 161 3.94 4.38 17.74
C TYR B 161 4.17 4.04 16.27
N LEU B 162 4.13 5.06 15.42
CA LEU B 162 4.41 4.90 13.99
C LEU B 162 5.66 5.71 13.66
N PHE B 163 6.68 5.03 13.16
CA PHE B 163 7.95 5.65 12.81
C PHE B 163 8.04 5.76 11.29
N VAL B 164 8.17 6.98 10.79
CA VAL B 164 8.20 7.27 9.37
C VAL B 164 9.60 7.77 9.03
N PHE B 165 10.33 6.99 8.23
CA PHE B 165 11.74 7.22 7.95
C PHE B 165 11.92 7.71 6.51
N ASP B 166 12.71 8.76 6.34
CA ASP B 166 13.18 9.16 5.02
C ASP B 166 14.36 8.27 4.63
N VAL B 167 14.32 7.73 3.42
CA VAL B 167 15.34 6.79 2.96
C VAL B 167 15.87 7.18 1.59
N SER B 168 15.75 8.46 1.25
CA SER B 168 16.28 8.96 -0.01
C SER B 168 17.81 8.89 0.01
N HIS B 169 18.42 9.29 -1.12
CA HIS B 169 19.87 9.22 -1.23
C HIS B 169 20.55 10.09 -0.17
N ASN B 170 20.06 11.31 0.02
CA ASN B 170 20.61 12.17 1.05
C ASN B 170 20.43 11.56 2.44
N ALA B 171 19.27 10.98 2.71
CA ALA B 171 19.02 10.37 4.01
C ALA B 171 19.93 9.18 4.28
N VAL B 172 20.26 8.41 3.22
CA VAL B 172 21.16 7.29 3.40
C VAL B 172 22.58 7.77 3.64
N GLU B 173 22.93 8.94 3.13
CA GLU B 173 24.28 9.46 3.30
C GLU B 173 24.51 9.95 4.73
N THR B 174 23.49 10.54 5.35
CA THR B 174 23.64 11.05 6.71
C THR B 174 23.89 9.92 7.70
N GLY B 175 23.35 8.74 7.43
CA GLY B 175 23.54 7.60 8.31
C GLY B 175 22.72 7.62 9.57
N TYR B 176 21.67 8.44 9.63
CA TYR B 176 20.86 8.52 10.84
C TYR B 176 20.06 7.23 11.07
N LEU B 177 19.65 6.57 9.98
CA LEU B 177 18.78 5.41 10.11
C LEU B 177 19.43 4.28 10.91
N ASN B 178 20.77 4.23 10.91
CA ASN B 178 21.46 3.17 11.64
C ASN B 178 21.35 3.37 13.16
N SER B 179 21.44 4.61 13.62
CA SER B 179 21.39 4.88 15.05
C SER B 179 19.95 4.87 15.57
N VAL B 180 19.01 5.39 14.78
CA VAL B 180 17.61 5.39 15.19
C VAL B 180 17.12 3.97 15.41
N CYS B 181 17.37 3.09 14.45
CA CYS B 181 16.99 1.69 14.60
C CYS B 181 17.74 1.05 15.77
N GLN B 182 18.97 1.49 16.04
CA GLN B 182 19.69 0.96 17.19
C GLN B 182 19.06 1.45 18.50
N SER B 183 18.62 2.71 18.53
CA SER B 183 17.97 3.23 19.73
C SER B 183 16.68 2.47 20.02
N LEU B 184 15.86 2.24 18.99
CA LEU B 184 14.61 1.51 19.17
C LEU B 184 14.87 0.09 19.68
N LEU B 185 15.90 -0.57 19.15
CA LEU B 185 16.24 -1.90 19.64
C LEU B 185 16.61 -1.86 21.12
N ASP B 186 17.40 -0.86 21.52
CA ASP B 186 17.78 -0.77 22.93
C ASP B 186 16.62 -0.36 23.83
N ASN B 187 15.68 0.42 23.30
CA ASN B 187 14.58 0.96 24.09
C ASN B 187 13.24 0.35 23.71
N LEU B 188 13.25 -0.92 23.27
CA LEU B 188 12.00 -1.56 22.85
C LEU B 188 11.13 -1.91 24.06
N ASP B 189 11.72 -2.53 25.07
CA ASP B 189 10.98 -2.85 26.29
C ASP B 189 10.67 -1.63 27.14
N LEU B 190 11.29 -0.48 26.86
CA LEU B 190 11.11 0.72 27.65
C LEU B 190 10.10 1.69 27.05
N LEU B 191 9.54 1.37 25.89
CA LEU B 191 8.49 2.22 25.32
C LEU B 191 7.27 2.21 26.24
N PRO B 192 6.71 3.36 26.57
CA PRO B 192 5.55 3.38 27.48
C PRO B 192 4.36 2.65 26.88
N GLY B 193 3.80 1.72 27.64
CA GLY B 193 2.64 0.97 27.20
C GLY B 193 2.59 -0.40 27.85
N ASN B 194 1.40 -0.97 27.83
CA ASN B 194 1.14 -2.31 28.34
C ASN B 194 1.14 -3.30 27.18
N THR B 195 0.46 -4.43 27.35
CA THR B 195 0.38 -5.42 26.27
C THR B 195 -0.50 -4.97 25.11
N ARG B 196 -1.14 -3.81 25.20
CA ARG B 196 -1.94 -3.27 24.11
C ARG B 196 -1.13 -2.40 23.16
N THR B 197 0.20 -2.38 23.30
CA THR B 197 1.03 -1.47 22.54
C THR B 197 1.16 -1.92 21.09
N LYS B 198 0.92 -0.99 20.17
CA LYS B 198 1.09 -1.22 18.74
C LYS B 198 2.25 -0.38 18.21
N ILE B 199 2.96 -0.92 17.21
CA ILE B 199 4.09 -0.24 16.60
C ILE B 199 4.05 -0.47 15.10
N GLY B 200 4.48 0.56 14.35
CA GLY B 200 4.48 0.48 12.90
C GLY B 200 5.69 1.17 12.33
N PHE B 201 5.91 0.95 11.03
CA PHE B 201 7.10 1.45 10.34
C PHE B 201 6.74 1.81 8.91
N ILE B 202 7.25 2.97 8.46
CA ILE B 202 7.09 3.43 7.09
C ILE B 202 8.40 4.08 6.65
N THR B 203 8.88 3.70 5.48
CA THR B 203 9.96 4.41 4.81
C THR B 203 9.43 5.02 3.52
N PHE B 204 10.07 6.08 3.05
CA PHE B 204 9.55 6.77 1.89
C PHE B 204 10.67 7.53 1.18
N ASP B 205 10.57 7.57 -0.15
CA ASP B 205 11.38 8.43 -0.99
C ASP B 205 10.48 9.03 -2.06
N SER B 206 10.58 8.53 -3.29
CA SER B 206 9.58 8.82 -4.31
C SER B 206 8.30 8.03 -4.11
N THR B 207 8.37 6.90 -3.41
CA THR B 207 7.22 6.05 -3.14
C THR B 207 7.12 5.81 -1.64
N ILE B 208 5.95 5.30 -1.22
CA ILE B 208 5.65 5.09 0.20
C ILE B 208 5.70 3.60 0.48
N HIS B 209 6.48 3.21 1.48
CA HIS B 209 6.81 1.82 1.74
C HIS B 209 6.26 1.39 3.08
N PHE B 210 5.22 0.55 3.06
CA PHE B 210 4.70 -0.05 4.28
C PHE B 210 5.42 -1.37 4.55
N TYR B 211 5.33 -1.82 5.80
CA TYR B 211 6.05 -3.02 6.24
C TYR B 211 5.09 -3.93 7.02
N GLY B 212 4.62 -4.99 6.37
CA GLY B 212 3.83 -5.98 7.07
C GLY B 212 4.68 -6.97 7.83
N LEU B 213 4.17 -7.41 8.98
CA LEU B 213 4.91 -8.29 9.87
C LEU B 213 3.97 -9.38 10.36
N GLN B 214 4.21 -10.62 9.93
CA GLN B 214 3.38 -11.75 10.31
C GLN B 214 4.26 -12.90 10.77
N GLU B 215 3.82 -13.62 11.80
CA GLU B 215 4.56 -14.78 12.29
C GLU B 215 4.58 -15.90 11.27
N SER B 216 3.61 -15.95 10.36
CA SER B 216 3.52 -17.02 9.37
C SER B 216 4.53 -16.88 8.24
N LEU B 217 5.04 -15.68 8.00
CA LEU B 217 5.95 -15.43 6.89
C LEU B 217 7.40 -15.43 7.38
N SER B 218 8.30 -15.90 6.50
CA SER B 218 9.70 -16.06 6.88
C SER B 218 10.39 -14.73 7.14
N GLN B 219 9.87 -13.64 6.61
CA GLN B 219 10.50 -12.33 6.74
C GLN B 219 9.43 -11.26 6.55
N PRO B 220 9.67 -10.03 7.01
CA PRO B 220 8.71 -8.94 6.75
C PRO B 220 8.49 -8.75 5.26
N GLN B 221 7.51 -7.91 4.92
CA GLN B 221 7.21 -7.63 3.53
C GLN B 221 7.05 -6.13 3.34
N MET B 222 7.68 -5.61 2.28
CA MET B 222 7.74 -4.17 2.02
C MET B 222 6.71 -3.83 0.95
N LEU B 223 5.55 -3.35 1.39
CA LEU B 223 4.46 -3.00 0.48
C LEU B 223 4.63 -1.55 0.03
N ILE B 224 4.75 -1.35 -1.28
CA ILE B 224 5.07 -0.05 -1.85
C ILE B 224 3.86 0.45 -2.62
N VAL B 225 3.29 1.57 -2.17
CA VAL B 225 2.26 2.27 -2.91
C VAL B 225 2.94 3.38 -3.71
N SER B 226 2.77 3.34 -5.04
CA SER B 226 3.42 4.31 -5.92
C SER B 226 2.50 5.44 -6.35
N ASP B 227 1.19 5.27 -6.21
CA ASP B 227 0.26 6.35 -6.55
C ASP B 227 0.36 7.46 -5.51
N ILE B 228 1.23 8.44 -5.77
CA ILE B 228 1.52 9.47 -4.77
C ILE B 228 0.34 10.44 -4.64
N GLU B 229 -0.43 10.66 -5.70
CA GLU B 229 -1.57 11.56 -5.65
C GLU B 229 -2.84 10.89 -5.09
N ASP B 230 -2.77 9.61 -4.71
CA ASP B 230 -3.95 8.89 -4.26
C ASP B 230 -3.54 7.73 -3.37
N VAL B 231 -3.05 8.03 -2.16
CA VAL B 231 -2.46 7.01 -1.31
C VAL B 231 -3.56 6.21 -0.62
N PHE B 232 -3.17 5.04 -0.11
CA PHE B 232 -4.11 4.13 0.54
C PHE B 232 -3.31 3.18 1.43
N ILE B 233 -4.04 2.43 2.25
CA ILE B 233 -3.44 1.39 3.09
C ILE B 233 -3.49 0.08 2.32
N PRO B 234 -2.37 -0.62 2.15
CA PRO B 234 -2.36 -1.78 1.26
C PRO B 234 -2.78 -3.09 1.93
N MET B 235 -2.70 -3.16 3.25
CA MET B 235 -2.98 -4.38 4.00
C MET B 235 -3.76 -4.03 5.26
N PRO B 236 -4.77 -4.83 5.62
CA PRO B 236 -5.67 -4.42 6.72
C PRO B 236 -5.22 -4.80 8.12
N GLU B 237 -4.34 -5.80 8.27
CA GLU B 237 -4.11 -6.41 9.57
C GLU B 237 -2.75 -6.09 10.16
N ASN B 238 -1.66 -6.47 9.49
CA ASN B 238 -0.35 -6.55 10.14
C ASN B 238 0.59 -5.43 9.73
N LEU B 239 0.08 -4.20 9.64
CA LEU B 239 0.96 -3.04 9.47
C LEU B 239 1.29 -2.41 10.81
N LEU B 240 0.27 -2.17 11.64
CA LEU B 240 0.46 -1.82 13.04
C LEU B 240 0.26 -3.08 13.86
N VAL B 241 1.35 -3.60 14.43
CA VAL B 241 1.35 -4.92 15.04
C VAL B 241 1.54 -4.80 16.54
N ASN B 242 1.07 -5.81 17.26
CA ASN B 242 1.22 -5.89 18.71
C ASN B 242 2.69 -6.08 19.04
N LEU B 243 3.29 -5.08 19.70
CA LEU B 243 4.72 -5.14 20.02
C LEU B 243 5.03 -6.33 20.91
N ASN B 244 4.15 -6.61 21.88
CA ASN B 244 4.39 -7.73 22.79
C ASN B 244 4.40 -9.07 22.04
N GLU B 245 3.40 -9.28 21.19
CA GLU B 245 3.33 -10.54 20.45
C GLU B 245 4.40 -10.61 19.36
N SER B 246 4.62 -9.50 18.66
CA SER B 246 5.53 -9.46 17.50
C SER B 246 6.86 -8.82 17.85
N LYS B 247 7.38 -9.08 19.05
CA LYS B 247 8.66 -8.49 19.45
C LYS B 247 9.79 -8.95 18.53
N GLU B 248 9.85 -10.25 18.26
CA GLU B 248 10.91 -10.78 17.40
C GLU B 248 10.81 -10.22 15.99
N LEU B 249 9.59 -9.98 15.50
CA LEU B 249 9.42 -9.52 14.12
C LEU B 249 9.87 -8.07 13.96
N VAL B 250 9.56 -7.21 14.93
CA VAL B 250 9.99 -5.83 14.84
C VAL B 250 11.48 -5.69 15.09
N GLN B 251 12.10 -6.66 15.75
CA GLN B 251 13.54 -6.59 16.00
C GLN B 251 14.34 -6.91 14.74
N ASP B 252 13.94 -7.95 14.02
CA ASP B 252 14.62 -8.27 12.76
C ASP B 252 14.47 -7.13 11.75
N LEU B 253 13.31 -6.47 11.74
CA LEU B 253 13.10 -5.36 10.83
C LEU B 253 14.00 -4.18 11.18
N LEU B 254 14.18 -3.91 12.48
CA LEU B 254 15.07 -2.83 12.89
C LEU B 254 16.53 -3.16 12.58
N LYS B 255 16.91 -4.43 12.65
CA LYS B 255 18.26 -4.82 12.28
C LYS B 255 18.47 -4.83 10.77
N THR B 256 17.39 -4.89 9.99
CA THR B 256 17.49 -4.99 8.53
C THR B 256 17.24 -3.67 7.82
N LEU B 257 16.42 -2.80 8.39
CA LEU B 257 16.05 -1.55 7.72
C LEU B 257 17.23 -0.69 7.27
N PRO B 258 18.27 -0.46 8.09
CA PRO B 258 19.37 0.39 7.60
C PRO B 258 20.11 -0.19 6.41
N GLN B 259 20.11 -1.51 6.26
CA GLN B 259 20.86 -2.16 5.19
C GLN B 259 20.10 -2.21 3.87
N MET B 260 18.81 -1.89 3.86
CA MET B 260 18.00 -2.09 2.66
C MET B 260 18.22 -1.02 1.60
N PHE B 261 18.85 0.11 1.94
CA PHE B 261 18.85 1.27 1.06
C PHE B 261 20.25 1.82 0.82
N THR B 262 21.28 0.97 0.92
CA THR B 262 22.65 1.45 0.80
C THR B 262 22.91 2.01 -0.60
N LYS B 263 22.45 1.32 -1.63
CA LYS B 263 22.73 1.67 -3.02
C LYS B 263 21.56 2.41 -3.69
N THR B 264 20.91 3.29 -2.94
CA THR B 264 19.71 3.96 -3.44
C THR B 264 20.10 5.14 -4.32
N LEU B 265 19.32 5.34 -5.39
CA LEU B 265 19.47 6.49 -6.27
C LEU B 265 18.30 7.46 -6.17
N GLU B 266 17.40 7.26 -5.21
CA GLU B 266 16.24 8.12 -5.05
C GLU B 266 16.68 9.49 -4.54
N THR B 267 16.56 10.50 -5.38
CA THR B 267 17.02 11.84 -5.03
C THR B 267 15.91 12.73 -4.49
N GLN B 268 14.65 12.37 -4.69
CA GLN B 268 13.52 13.16 -4.24
C GLN B 268 12.83 12.50 -3.05
N SER B 269 12.01 13.30 -2.37
CA SER B 269 11.27 12.86 -1.19
C SER B 269 9.83 13.33 -1.31
N ALA B 270 8.88 12.41 -1.17
CA ALA B 270 7.46 12.71 -1.18
C ALA B 270 6.93 12.68 0.25
N LEU B 271 7.33 13.70 1.02
CA LEU B 271 6.97 13.74 2.43
C LEU B 271 5.46 13.87 2.61
N GLY B 272 4.84 14.79 1.87
CA GLY B 272 3.42 15.02 1.93
C GLY B 272 2.59 13.76 1.77
N PRO B 273 2.75 13.07 0.64
CA PRO B 273 2.06 11.77 0.47
C PRO B 273 2.38 10.77 1.57
N ALA B 274 3.64 10.71 2.00
CA ALA B 274 4.00 9.76 3.07
C ALA B 274 3.33 10.13 4.38
N LEU B 275 3.25 11.42 4.69
CA LEU B 275 2.53 11.84 5.90
C LEU B 275 1.04 11.52 5.78
N GLN B 276 0.48 11.69 4.59
CA GLN B 276 -0.93 11.32 4.38
C GLN B 276 -1.14 9.82 4.55
N ALA B 277 -0.20 9.01 4.04
CA ALA B 277 -0.29 7.57 4.25
C ALA B 277 -0.12 7.22 5.72
N ALA B 278 0.85 7.85 6.39
CA ALA B 278 1.04 7.62 7.81
C ALA B 278 -0.16 8.08 8.63
N PHE B 279 -0.91 9.06 8.12
CA PHE B 279 -2.11 9.51 8.80
C PHE B 279 -3.24 8.49 8.68
N LYS B 280 -3.47 8.00 7.45
CA LYS B 280 -4.54 7.01 7.25
C LYS B 280 -4.28 5.76 8.08
N LEU B 281 -3.01 5.37 8.22
CA LEU B 281 -2.69 4.18 9.00
C LEU B 281 -2.99 4.37 10.49
N MET B 282 -2.89 5.61 10.99
CA MET B 282 -3.12 5.88 12.39
C MET B 282 -4.49 6.49 12.69
N SER B 283 -5.18 7.01 11.68
CA SER B 283 -6.47 7.64 11.89
C SER B 283 -7.47 6.78 12.68
N PRO B 284 -7.50 5.45 12.51
CA PRO B 284 -8.41 4.66 13.36
C PRO B 284 -8.17 4.80 14.85
N THR B 285 -6.91 4.84 15.29
CA THR B 285 -6.60 4.81 16.70
C THR B 285 -5.94 6.08 17.22
N GLY B 286 -5.02 6.67 16.46
CA GLY B 286 -4.22 7.76 16.95
C GLY B 286 -2.94 7.27 17.59
N GLY B 287 -2.14 8.23 18.05
CA GLY B 287 -0.90 7.92 18.72
C GLY B 287 0.18 8.90 18.34
N ARG B 288 1.43 8.44 18.46
CA ARG B 288 2.61 9.28 18.21
C ARG B 288 3.24 8.90 16.88
N MET B 289 3.41 9.89 16.01
CA MET B 289 4.00 9.71 14.68
C MET B 289 5.37 10.37 14.66
N SER B 290 6.42 9.56 14.64
CA SER B 290 7.80 10.04 14.64
C SER B 290 8.30 10.11 13.20
N VAL B 291 8.39 11.32 12.67
CA VAL B 291 8.81 11.54 11.29
C VAL B 291 10.28 11.93 11.27
N PHE B 292 11.04 11.29 10.39
CA PHE B 292 12.48 11.52 10.26
C PHE B 292 12.74 11.99 8.83
N GLN B 293 12.89 13.31 8.65
CA GLN B 293 13.12 13.91 7.35
C GLN B 293 14.49 14.56 7.33
N THR B 294 15.15 14.50 6.15
CA THR B 294 16.53 14.96 6.03
C THR B 294 16.74 15.96 4.90
N GLN B 295 15.69 16.42 4.21
CA GLN B 295 15.89 17.29 3.06
C GLN B 295 14.61 18.03 2.74
N LEU B 296 14.71 18.92 1.77
CA LEU B 296 13.56 19.64 1.25
C LEU B 296 12.59 18.65 0.61
N PRO B 297 11.31 18.68 0.98
CA PRO B 297 10.31 17.86 0.25
C PRO B 297 10.04 18.45 -1.12
N THR B 298 10.23 17.65 -2.16
CA THR B 298 10.21 18.15 -3.53
C THR B 298 9.28 17.40 -4.48
N LEU B 299 8.64 16.32 -4.05
CA LEU B 299 7.85 15.48 -4.93
C LEU B 299 6.44 15.32 -4.38
N GLY B 300 5.44 15.69 -5.17
CA GLY B 300 4.06 15.43 -4.82
C GLY B 300 3.37 16.57 -4.12
N VAL B 301 2.34 16.24 -3.34
CA VAL B 301 1.57 17.26 -2.62
C VAL B 301 2.36 17.69 -1.39
N GLY B 302 2.32 18.99 -1.12
CA GLY B 302 3.15 19.54 -0.05
C GLY B 302 4.58 19.80 -0.44
N ALA B 303 4.86 19.97 -1.73
CA ALA B 303 6.21 20.25 -2.19
C ALA B 303 6.57 21.70 -1.92
N LEU B 304 7.82 21.93 -1.53
CA LEU B 304 8.30 23.24 -1.11
C LEU B 304 9.45 23.69 -2.00
N LYS B 305 9.44 24.97 -2.37
CA LYS B 305 10.46 25.52 -3.24
C LYS B 305 11.75 25.80 -2.47
N PRO B 306 12.90 25.74 -3.13
CA PRO B 306 14.15 26.12 -2.47
C PRO B 306 14.24 27.62 -2.26
N ARG B 307 14.92 28.00 -1.19
CA ARG B 307 15.17 29.40 -0.86
C ARG B 307 16.66 29.62 -0.72
N GLU B 308 17.10 30.82 -1.09
CA GLU B 308 18.51 31.19 -0.95
C GLU B 308 18.77 31.70 0.46
N GLU B 309 19.82 31.18 1.08
CA GLU B 309 20.11 31.53 2.46
C GLU B 309 20.61 32.97 2.56
N PRO B 310 20.27 33.67 3.64
CA PRO B 310 20.76 35.03 3.83
C PRO B 310 22.23 35.03 4.26
N ASN B 311 22.80 36.24 4.31
CA ASN B 311 24.14 36.45 4.81
C ASN B 311 24.09 37.55 5.87
N HIS B 312 25.25 37.87 6.44
CA HIS B 312 25.36 38.95 7.41
C HIS B 312 24.89 40.28 6.85
N ARG B 313 24.93 40.44 5.52
CA ARG B 313 24.60 41.71 4.89
C ARG B 313 23.10 41.90 4.72
N SER B 314 22.36 40.83 4.49
CA SER B 314 20.92 40.94 4.27
C SER B 314 20.22 41.44 5.53
N SER B 315 19.31 42.40 5.34
CA SER B 315 18.64 43.06 6.46
C SER B 315 17.49 42.20 6.95
N ALA B 316 16.55 42.81 7.67
CA ALA B 316 15.45 42.12 8.33
C ALA B 316 14.21 42.03 7.44
N LYS B 317 14.39 41.76 6.16
CA LYS B 317 13.27 41.63 5.23
C LYS B 317 12.99 40.16 4.94
N MET B 321 10.44 33.45 7.32
CA MET B 321 9.74 33.37 8.59
C MET B 321 8.45 32.55 8.45
N THR B 322 7.55 33.03 7.59
CA THR B 322 6.25 32.42 7.42
C THR B 322 6.37 31.11 6.64
N PRO B 323 5.36 30.24 6.74
CA PRO B 323 5.35 29.04 5.89
C PRO B 323 5.04 29.40 4.45
N SER B 324 5.53 28.56 3.54
CA SER B 324 5.25 28.73 2.12
C SER B 324 3.98 28.00 1.68
N THR B 325 3.48 27.06 2.48
CA THR B 325 2.23 26.39 2.17
C THR B 325 1.50 26.09 3.48
N ASP B 326 0.19 25.92 3.35
CA ASP B 326 -0.66 25.52 4.47
C ASP B 326 -0.94 24.03 4.47
N PHE B 327 -0.27 23.26 3.61
CA PHE B 327 -0.50 21.82 3.53
C PHE B 327 -0.22 21.14 4.85
N TYR B 328 0.98 21.37 5.40
CA TYR B 328 1.34 20.73 6.66
C TYR B 328 0.57 21.28 7.85
N LYS B 329 -0.06 22.45 7.70
CA LYS B 329 -0.95 22.96 8.73
C LYS B 329 -2.31 22.28 8.67
N LYS B 330 -2.91 22.20 7.47
CA LYS B 330 -4.14 21.46 7.30
C LYS B 330 -3.98 20.01 7.72
N LEU B 331 -2.85 19.39 7.34
CA LEU B 331 -2.61 18.00 7.70
C LEU B 331 -2.46 17.83 9.21
N ALA B 332 -1.83 18.80 9.87
CA ALA B 332 -1.69 18.72 11.32
C ALA B 332 -3.05 18.80 12.01
N LEU B 333 -3.94 19.66 11.50
CA LEU B 333 -5.28 19.75 12.06
C LEU B 333 -6.02 18.43 11.89
N ASP B 334 -5.84 17.77 10.75
CA ASP B 334 -6.47 16.46 10.56
C ASP B 334 -5.90 15.42 11.51
N CYS B 335 -4.58 15.46 11.75
CA CYS B 335 -4.00 14.58 12.74
C CYS B 335 -4.51 14.88 14.14
N SER B 336 -4.79 16.16 14.42
CA SER B 336 -5.27 16.55 15.74
C SER B 336 -6.68 16.01 15.99
N GLY B 337 -7.55 16.09 15.00
CA GLY B 337 -8.90 15.56 15.13
C GLY B 337 -8.97 14.05 15.25
N GLN B 338 -7.84 13.37 15.02
CA GLN B 338 -7.78 11.91 15.15
C GLN B 338 -6.82 11.47 16.25
N GLN B 339 -6.46 12.39 17.14
CA GLN B 339 -5.55 12.12 18.27
C GLN B 339 -4.20 11.61 17.78
N VAL B 340 -3.73 12.16 16.67
CA VAL B 340 -2.43 11.84 16.11
C VAL B 340 -1.53 13.05 16.28
N ALA B 341 -0.41 12.86 16.97
CA ALA B 341 0.59 13.90 17.14
C ALA B 341 1.84 13.53 16.36
N VAL B 342 2.43 14.53 15.69
CA VAL B 342 3.52 14.31 14.76
C VAL B 342 4.76 15.00 15.30
N ASP B 343 5.79 14.20 15.60
CA ASP B 343 7.09 14.72 16.00
C ASP B 343 8.02 14.72 14.78
N LEU B 344 8.67 15.85 14.55
CA LEU B 344 9.45 16.07 13.33
C LEU B 344 10.93 16.06 13.66
N PHE B 345 11.63 15.02 13.20
CA PHE B 345 13.09 14.91 13.35
C PHE B 345 13.71 15.35 12.03
N LEU B 346 14.21 16.57 11.99
CA LEU B 346 14.84 17.12 10.80
C LEU B 346 16.35 17.08 10.96
N LEU B 347 17.02 16.31 10.11
CA LEU B 347 18.46 16.14 10.14
C LEU B 347 19.09 16.60 8.83
N SER B 348 18.65 17.76 8.34
CA SER B 348 19.01 18.22 7.01
C SER B 348 20.32 19.01 7.05
N GLY B 349 21.16 18.77 6.04
CA GLY B 349 22.35 19.58 5.82
C GLY B 349 22.13 20.80 4.97
N GLN B 350 20.97 20.90 4.31
CA GLN B 350 20.62 22.05 3.50
C GLN B 350 19.25 22.56 3.93
N TYR B 351 18.84 23.66 3.30
CA TYR B 351 17.56 24.28 3.59
C TYR B 351 16.43 23.31 3.30
N SER B 352 15.44 23.27 4.20
CA SER B 352 14.33 22.34 4.05
C SER B 352 12.97 23.00 4.30
N ASP B 353 12.92 24.32 4.42
CA ASP B 353 11.67 25.04 4.65
C ASP B 353 10.99 24.55 5.95
N LEU B 354 11.76 24.54 7.04
CA LEU B 354 11.20 24.19 8.35
C LEU B 354 10.09 25.14 8.76
N ALA B 355 10.07 26.37 8.23
CA ALA B 355 8.97 27.29 8.50
C ALA B 355 7.63 26.69 8.05
N SER B 356 7.65 25.79 7.07
CA SER B 356 6.46 25.09 6.63
C SER B 356 6.36 23.68 7.21
N LEU B 357 7.47 22.97 7.32
CA LEU B 357 7.44 21.63 7.90
C LEU B 357 7.07 21.66 9.37
N GLY B 358 7.37 22.77 10.06
CA GLY B 358 7.13 22.82 11.50
C GLY B 358 5.67 22.79 11.87
N CYS B 359 4.80 23.19 10.93
CA CYS B 359 3.36 23.20 11.21
C CYS B 359 2.83 21.82 11.54
N ILE B 360 3.53 20.76 11.13
CA ILE B 360 3.05 19.42 11.38
C ILE B 360 3.18 19.06 12.86
N SER B 361 4.10 19.71 13.57
CA SER B 361 4.29 19.46 15.00
C SER B 361 3.66 20.52 15.88
N ARG B 362 3.58 21.77 15.41
CA ARG B 362 2.99 22.83 16.22
C ARG B 362 1.50 22.58 16.44
N TYR B 363 0.75 22.42 15.35
CA TYR B 363 -0.70 22.32 15.42
C TYR B 363 -1.19 20.92 15.77
N SER B 364 -0.30 19.99 16.13
CA SER B 364 -0.71 18.66 16.55
C SER B 364 -0.11 18.27 17.89
N ALA B 365 0.38 19.26 18.65
CA ALA B 365 0.99 19.03 19.97
C ALA B 365 2.20 18.10 19.87
N GLY B 366 2.90 18.13 18.74
CA GLY B 366 4.17 17.45 18.60
C GLY B 366 5.33 18.37 18.90
N SER B 367 6.52 17.78 18.89
CA SER B 367 7.76 18.52 19.10
C SER B 367 8.71 18.26 17.93
N VAL B 368 9.37 19.32 17.47
CA VAL B 368 10.30 19.25 16.36
C VAL B 368 11.71 19.16 16.91
N TYR B 369 12.51 18.26 16.32
CA TYR B 369 13.90 18.06 16.70
C TYR B 369 14.77 18.36 15.49
N TYR B 370 15.82 19.16 15.68
CA TYR B 370 16.62 19.66 14.58
C TYR B 370 18.09 19.30 14.81
N TYR B 371 18.70 18.70 13.79
CA TYR B 371 20.10 18.28 13.86
C TYR B 371 20.77 18.75 12.58
N PRO B 372 21.26 19.99 12.57
CA PRO B 372 21.81 20.56 11.33
C PRO B 372 23.06 19.83 10.88
N SER B 373 23.09 19.48 9.59
CA SER B 373 24.24 18.82 8.96
C SER B 373 24.60 17.53 9.68
N TYR B 374 23.59 16.72 10.00
CA TYR B 374 23.84 15.44 10.63
C TYR B 374 24.61 14.53 9.69
N HIS B 375 25.60 13.83 10.25
CA HIS B 375 26.36 12.84 9.48
C HIS B 375 27.01 11.88 10.47
N HIS B 376 26.90 10.58 10.18
CA HIS B 376 27.36 9.57 11.14
C HIS B 376 28.87 9.63 11.33
N GLN B 377 29.61 10.03 10.30
CA GLN B 377 31.06 10.17 10.39
C GLN B 377 31.51 11.61 10.60
N HIS B 378 30.91 12.55 9.87
CA HIS B 378 31.44 13.91 9.83
C HIS B 378 31.01 14.75 11.04
N ASN B 379 29.90 14.42 11.68
CA ASN B 379 29.32 15.25 12.74
C ASN B 379 29.06 14.38 13.97
N PRO B 380 30.13 14.03 14.71
CA PRO B 380 29.93 13.21 15.91
C PRO B 380 29.19 13.93 17.03
N VAL B 381 29.02 15.24 16.94
CA VAL B 381 28.23 15.96 17.95
C VAL B 381 26.75 15.67 17.75
N GLN B 382 26.24 15.89 16.54
CA GLN B 382 24.83 15.63 16.26
C GLN B 382 24.51 14.15 16.40
N VAL B 383 25.50 13.28 16.22
CA VAL B 383 25.28 11.84 16.41
C VAL B 383 24.98 11.54 17.87
N GLN B 384 25.86 11.99 18.78
CA GLN B 384 25.63 11.74 20.20
C GLN B 384 24.49 12.59 20.74
N LYS B 385 24.24 13.74 20.12
CA LYS B 385 23.09 14.55 20.49
C LYS B 385 21.78 13.81 20.20
N LEU B 386 21.64 13.32 18.96
CA LEU B 386 20.47 12.53 18.61
C LEU B 386 20.34 11.30 19.49
N GLN B 387 21.47 10.64 19.77
CA GLN B 387 21.46 9.43 20.58
C GLN B 387 20.86 9.70 21.96
N LYS B 388 21.26 10.80 22.60
CA LYS B 388 20.77 11.11 23.93
C LYS B 388 19.38 11.74 23.91
N GLU B 389 19.08 12.54 22.89
CA GLU B 389 17.73 13.11 22.78
C GLU B 389 16.71 12.06 22.39
N LEU B 390 17.12 11.03 21.63
CA LEU B 390 16.23 9.92 21.36
C LEU B 390 16.06 9.03 22.59
N GLN B 391 17.13 8.89 23.37
CA GLN B 391 17.05 8.12 24.62
C GLN B 391 15.96 8.67 25.53
N ARG B 392 15.85 10.00 25.60
CA ARG B 392 14.77 10.61 26.37
C ARG B 392 13.43 10.47 25.65
N TYR B 393 13.44 10.66 24.33
CA TYR B 393 12.20 10.65 23.56
C TYR B 393 11.47 9.32 23.69
N LEU B 394 12.20 8.21 23.60
CA LEU B 394 11.58 6.89 23.61
C LEU B 394 11.23 6.40 25.00
N THR B 395 11.82 6.98 26.05
CA THR B 395 11.65 6.47 27.40
C THR B 395 10.85 7.38 28.33
N ARG B 396 10.67 8.65 27.96
CA ARG B 396 9.86 9.55 28.78
C ARG B 396 8.41 9.09 28.79
N LYS B 397 7.70 9.45 29.85
CA LYS B 397 6.28 9.10 29.95
C LYS B 397 5.49 9.85 28.88
N ILE B 398 4.26 9.40 28.65
CA ILE B 398 3.45 9.94 27.57
C ILE B 398 1.98 9.76 27.91
N GLY B 399 1.18 10.74 27.52
CA GLY B 399 -0.27 10.66 27.62
C GLY B 399 -0.90 10.85 26.26
N PHE B 400 -1.97 10.13 26.00
CA PHE B 400 -2.61 10.11 24.68
C PHE B 400 -3.96 10.79 24.73
N GLU B 401 -4.48 11.10 23.53
CA GLU B 401 -5.74 11.78 23.28
C GLU B 401 -6.12 12.76 24.39
N ALA B 402 -5.34 13.82 24.55
CA ALA B 402 -5.46 14.72 25.68
C ALA B 402 -6.03 16.07 25.27
N VAL B 403 -6.68 16.73 26.22
CA VAL B 403 -7.07 18.13 26.10
C VAL B 403 -6.68 18.82 27.40
N MET B 404 -6.51 20.14 27.31
CA MET B 404 -6.11 20.93 28.46
C MET B 404 -6.91 22.23 28.50
N ARG B 405 -7.32 22.62 29.70
CA ARG B 405 -8.08 23.84 29.93
C ARG B 405 -7.32 24.72 30.92
N ILE B 406 -7.22 26.00 30.61
CA ILE B 406 -6.56 26.98 31.48
C ILE B 406 -7.66 27.87 32.04
N ARG B 407 -7.90 27.78 33.35
CA ARG B 407 -8.91 28.56 34.02
C ARG B 407 -8.27 29.61 34.92
N CYS B 408 -8.86 30.80 34.94
CA CYS B 408 -8.39 31.88 35.80
C CYS B 408 -9.59 32.57 36.43
N THR B 409 -9.35 33.22 37.56
CA THR B 409 -10.42 33.83 38.33
C THR B 409 -11.16 34.88 37.51
N LYS B 410 -12.48 34.96 37.71
CA LYS B 410 -13.33 35.90 36.99
C LYS B 410 -12.75 37.31 37.00
N GLY B 411 -12.94 38.03 35.90
CA GLY B 411 -12.35 39.32 35.70
C GLY B 411 -11.05 39.28 34.91
N LEU B 412 -10.29 38.19 35.04
CA LEU B 412 -9.13 37.94 34.20
C LEU B 412 -9.53 37.08 33.03
N SER B 413 -9.03 37.44 31.84
CA SER B 413 -9.38 36.73 30.61
C SER B 413 -8.12 36.35 29.87
N ILE B 414 -8.03 35.08 29.48
CA ILE B 414 -6.94 34.59 28.65
C ILE B 414 -7.28 34.86 27.19
N HIS B 415 -6.37 35.52 26.46
CA HIS B 415 -6.66 35.94 25.10
C HIS B 415 -5.63 35.51 24.08
N THR B 416 -4.59 34.77 24.47
CA THR B 416 -3.57 34.33 23.53
C THR B 416 -2.83 33.14 24.11
N PHE B 417 -2.68 32.08 23.33
CA PHE B 417 -2.06 30.84 23.76
C PHE B 417 -0.75 30.63 23.01
N HIS B 418 0.24 30.08 23.71
CA HIS B 418 1.56 29.82 23.14
C HIS B 418 1.96 28.38 23.45
N GLY B 419 2.43 27.67 22.43
CA GLY B 419 2.83 26.28 22.59
C GLY B 419 2.38 25.41 21.43
N ASN B 420 2.61 24.10 21.54
CA ASN B 420 2.24 23.15 20.49
C ASN B 420 0.92 22.49 20.88
N PHE B 421 -0.14 22.86 20.17
CA PHE B 421 -1.48 22.35 20.41
C PHE B 421 -2.40 22.89 19.33
N PHE B 422 -3.66 22.58 19.50
CA PHE B 422 -4.68 23.13 18.69
C PHE B 422 -5.72 23.73 19.63
N VAL B 423 -6.13 24.93 19.37
CA VAL B 423 -7.05 25.61 20.22
C VAL B 423 -8.39 25.54 19.62
N ARG B 424 -9.29 24.86 20.30
CA ARG B 424 -10.64 24.60 19.88
C ARG B 424 -11.64 25.68 20.22
N SER B 425 -12.02 25.72 21.46
CA SER B 425 -12.93 26.71 21.97
C SER B 425 -12.09 27.54 22.91
N THR B 426 -12.17 28.83 22.71
CA THR B 426 -11.30 29.57 23.62
C THR B 426 -11.23 28.87 24.97
N ASP B 427 -10.00 28.63 25.43
CA ASP B 427 -9.72 27.76 26.56
C ASP B 427 -10.23 26.35 26.27
N LEU B 428 -9.62 25.73 25.28
CA LEU B 428 -9.78 24.32 25.01
C LEU B 428 -8.64 23.86 24.14
N LEU B 429 -7.66 23.22 24.74
CA LEU B 429 -6.52 22.91 23.98
C LEU B 429 -6.40 21.50 23.60
N SER B 430 -6.26 21.26 22.32
CA SER B 430 -6.20 19.89 21.85
C SER B 430 -4.76 19.38 21.90
N LEU B 431 -4.57 18.25 22.58
CA LEU B 431 -3.24 17.64 22.73
C LEU B 431 -3.33 16.19 22.29
N PRO B 432 -3.16 15.92 20.98
CA PRO B 432 -3.12 14.53 20.53
C PRO B 432 -2.12 13.68 21.29
N ASN B 433 -0.98 14.27 21.65
CA ASN B 433 -0.10 13.73 22.67
C ASN B 433 0.26 14.84 23.64
N VAL B 434 0.66 14.45 24.84
CA VAL B 434 1.21 15.37 25.83
C VAL B 434 2.53 14.76 26.32
N ASN B 435 3.59 15.56 26.29
CA ASN B 435 4.88 15.04 26.69
C ASN B 435 5.46 15.85 27.84
N PRO B 436 6.20 15.20 28.75
CA PRO B 436 6.68 15.89 29.96
C PRO B 436 7.75 16.94 29.71
N ASP B 437 8.16 17.17 28.45
CA ASP B 437 9.18 18.16 28.13
C ASP B 437 8.63 19.33 27.34
N ALA B 438 7.31 19.51 27.35
CA ALA B 438 6.66 20.60 26.65
C ALA B 438 6.31 21.73 27.62
N GLY B 439 6.40 22.96 27.12
CA GLY B 439 6.04 24.12 27.91
C GLY B 439 5.04 24.97 27.16
N TYR B 440 4.14 25.58 27.93
CA TYR B 440 3.06 26.38 27.38
C TYR B 440 3.04 27.75 28.04
N ALA B 441 2.44 28.71 27.35
CA ALA B 441 2.37 30.08 27.82
C ALA B 441 1.02 30.68 27.44
N VAL B 442 0.55 31.60 28.29
CA VAL B 442 -0.74 32.25 28.13
C VAL B 442 -0.55 33.74 28.37
N GLN B 443 -1.30 34.56 27.64
CA GLN B 443 -1.33 36.00 27.85
C GLN B 443 -2.73 36.41 28.27
N MET B 444 -2.81 37.14 29.39
CA MET B 444 -4.07 37.54 29.97
C MET B 444 -4.20 39.06 30.00
N SER B 445 -5.43 39.51 30.26
CA SER B 445 -5.71 40.92 30.46
C SER B 445 -6.84 41.05 31.47
N VAL B 446 -6.91 42.20 32.12
CA VAL B 446 -7.93 42.46 33.14
C VAL B 446 -9.19 42.92 32.41
N GLU B 447 -10.12 41.99 32.21
CA GLU B 447 -11.37 42.33 31.50
C GLU B 447 -12.33 43.07 32.41
N GLU B 448 -12.36 42.71 33.69
CA GLU B 448 -13.18 43.39 34.69
C GLU B 448 -12.30 43.72 35.90
N SER B 449 -12.40 44.95 36.38
CA SER B 449 -11.55 45.39 37.48
C SER B 449 -11.72 44.49 38.69
N LEU B 450 -10.60 44.08 39.28
CA LEU B 450 -10.59 43.20 40.44
C LEU B 450 -10.83 43.95 41.75
N THR B 451 -11.75 44.91 41.75
CA THR B 451 -12.05 45.65 42.97
C THR B 451 -12.57 44.73 44.07
N ASP B 452 -13.34 43.70 43.69
CA ASP B 452 -13.92 42.81 44.68
C ASP B 452 -12.86 42.02 45.42
N THR B 453 -11.92 41.44 44.69
CA THR B 453 -11.04 40.42 45.24
C THR B 453 -9.65 40.96 45.57
N GLN B 454 -9.00 40.29 46.51
CA GLN B 454 -7.59 40.49 46.81
C GLN B 454 -6.75 39.28 46.46
N LEU B 455 -7.38 38.12 46.19
CA LEU B 455 -6.71 36.94 45.68
C LEU B 455 -7.34 36.53 44.36
N VAL B 456 -6.51 36.06 43.44
CA VAL B 456 -6.98 35.44 42.21
C VAL B 456 -6.26 34.10 42.07
N SER B 457 -6.95 33.15 41.46
CA SER B 457 -6.40 31.81 41.28
C SER B 457 -6.37 31.46 39.80
N PHE B 458 -5.48 30.53 39.46
CA PHE B 458 -5.31 30.05 38.11
C PHE B 458 -5.22 28.54 38.13
N GLN B 459 -6.03 27.88 37.30
CA GLN B 459 -6.08 26.42 37.28
C GLN B 459 -5.90 25.92 35.86
N SER B 460 -5.01 24.95 35.70
CA SER B 460 -4.88 24.17 34.48
C SER B 460 -5.07 22.70 34.82
N ALA B 461 -5.63 21.95 33.88
CA ALA B 461 -5.93 20.55 34.13
C ALA B 461 -5.75 19.77 32.83
N LEU B 462 -5.23 18.55 32.96
CA LEU B 462 -4.80 17.75 31.81
C LEU B 462 -5.56 16.42 31.81
N LEU B 463 -6.60 16.35 30.99
CA LEU B 463 -7.33 15.10 30.78
C LEU B 463 -6.61 14.31 29.69
N TYR B 464 -6.07 13.14 30.05
CA TYR B 464 -5.32 12.34 29.09
C TYR B 464 -5.54 10.86 29.39
N THR B 465 -5.19 10.04 28.41
CA THR B 465 -5.19 8.58 28.55
C THR B 465 -3.76 8.13 28.81
N SER B 466 -3.54 7.49 29.96
CA SER B 466 -2.20 7.05 30.32
C SER B 466 -1.73 5.94 29.37
N SER B 467 -0.43 5.65 29.44
CA SER B 467 0.14 4.58 28.64
C SER B 467 -0.34 3.21 29.10
N LYS B 468 -0.96 3.12 30.28
CA LYS B 468 -1.52 1.87 30.78
C LYS B 468 -3.02 1.75 30.49
N GLY B 469 -3.62 2.74 29.84
CA GLY B 469 -5.01 2.68 29.47
C GLY B 469 -5.97 3.22 30.51
N GLU B 470 -5.60 4.26 31.24
CA GLU B 470 -6.43 4.82 32.30
C GLU B 470 -6.60 6.31 32.07
N ARG B 471 -7.85 6.78 32.05
CA ARG B 471 -8.12 8.21 31.95
C ARG B 471 -7.73 8.89 33.24
N ARG B 472 -6.85 9.89 33.15
CA ARG B 472 -6.38 10.61 34.32
C ARG B 472 -6.49 12.11 34.06
N ILE B 473 -6.54 12.87 35.17
CA ILE B 473 -6.63 14.32 35.12
C ILE B 473 -5.60 14.88 36.09
N ARG B 474 -4.56 15.52 35.56
CA ARG B 474 -3.54 16.17 36.37
C ARG B 474 -3.87 17.66 36.45
N VAL B 475 -4.06 18.15 37.68
CA VAL B 475 -4.56 19.50 37.92
C VAL B 475 -3.52 20.28 38.70
N HIS B 476 -3.25 21.52 38.28
CA HIS B 476 -2.41 22.46 39.01
C HIS B 476 -3.21 23.72 39.29
N THR B 477 -3.09 24.24 40.50
CA THR B 477 -3.77 25.46 40.90
C THR B 477 -2.76 26.44 41.49
N LEU B 478 -2.78 27.68 41.01
CA LEU B 478 -1.89 28.73 41.46
C LEU B 478 -2.71 29.91 41.98
N CYS B 479 -2.36 30.42 43.14
CA CYS B 479 -3.04 31.55 43.75
C CYS B 479 -2.06 32.72 43.90
N LEU B 480 -2.52 33.92 43.57
CA LEU B 480 -1.71 35.12 43.60
C LEU B 480 -2.50 36.27 44.21
N PRO B 481 -1.82 37.24 44.81
CA PRO B 481 -2.51 38.40 45.37
C PRO B 481 -2.72 39.51 44.35
N VAL B 482 -3.70 40.36 44.63
CA VAL B 482 -4.05 41.49 43.80
C VAL B 482 -3.54 42.76 44.46
N VAL B 483 -2.95 43.66 43.66
CA VAL B 483 -2.44 44.93 44.15
C VAL B 483 -2.96 46.04 43.24
N SER B 484 -2.91 47.27 43.76
CA SER B 484 -3.39 48.43 43.05
C SER B 484 -2.35 49.55 43.00
N THR B 485 -1.09 49.25 43.28
CA THR B 485 -0.01 50.23 43.27
C THR B 485 0.98 49.88 42.17
N LEU B 486 1.39 50.90 41.41
CA LEU B 486 2.41 50.69 40.38
C LEU B 486 3.65 50.03 40.95
N ASN B 487 4.11 50.52 42.10
CA ASN B 487 5.30 49.94 42.73
C ASN B 487 5.04 48.51 43.20
N ASP B 488 3.82 48.21 43.63
CA ASP B 488 3.51 46.85 44.06
C ASP B 488 3.56 45.86 42.89
N VAL B 489 3.17 46.31 41.69
CA VAL B 489 3.30 45.45 40.52
C VAL B 489 4.76 45.19 40.20
N PHE B 490 5.58 46.25 40.25
CA PHE B 490 7.01 46.10 39.95
C PHE B 490 7.70 45.20 40.97
N LEU B 491 7.31 45.30 42.24
CA LEU B 491 7.96 44.51 43.29
C LEU B 491 7.70 43.01 43.13
N GLY B 492 6.67 42.62 42.39
CA GLY B 492 6.35 41.23 42.23
C GLY B 492 6.68 40.68 40.85
N ALA B 493 7.31 41.51 40.02
CA ALA B 493 7.62 41.13 38.66
C ALA B 493 8.63 40.00 38.63
N ASP B 494 8.41 39.03 37.74
CA ASP B 494 9.34 37.91 37.53
C ASP B 494 10.10 38.18 36.24
N VAL B 495 11.38 38.51 36.36
CA VAL B 495 12.16 38.92 35.20
C VAL B 495 12.36 37.76 34.23
N GLN B 496 12.50 36.53 34.74
CA GLN B 496 12.65 35.39 33.85
C GLN B 496 11.33 35.07 33.15
N ALA B 497 10.23 35.09 33.91
CA ALA B 497 8.93 34.77 33.31
C ALA B 497 8.51 35.82 32.29
N ILE B 498 8.80 37.09 32.56
CA ILE B 498 8.52 38.14 31.58
C ILE B 498 9.37 37.93 30.34
N SER B 499 10.62 37.52 30.52
CA SER B 499 11.47 37.22 29.37
C SER B 499 10.91 36.09 28.53
N GLY B 500 10.39 35.05 29.19
CA GLY B 500 9.80 33.94 28.44
C GLY B 500 8.57 34.34 27.67
N LEU B 501 7.65 35.04 28.33
CA LEU B 501 6.42 35.46 27.65
C LEU B 501 6.73 36.45 26.54
N LEU B 502 7.72 37.32 26.73
CA LEU B 502 8.10 38.26 25.69
C LEU B 502 8.74 37.54 24.50
N ALA B 503 9.45 36.43 24.76
CA ALA B 503 10.01 35.65 23.66
C ALA B 503 8.92 35.04 22.81
N ASN B 504 7.90 34.46 23.46
CA ASN B 504 6.77 33.90 22.73
C ASN B 504 6.01 34.99 21.98
N MET B 505 5.83 36.16 22.61
CA MET B 505 5.13 37.26 21.94
C MET B 505 5.91 37.77 20.73
N ALA B 506 7.24 37.77 20.81
CA ALA B 506 8.05 38.26 19.70
C ALA B 506 8.09 37.27 18.54
N VAL B 507 7.99 35.97 18.82
CA VAL B 507 7.89 34.98 17.74
C VAL B 507 6.65 35.24 16.90
N ASP B 508 5.52 35.52 17.56
CA ASP B 508 4.30 35.82 16.82
C ASP B 508 4.43 37.13 16.07
N ARG B 509 5.11 38.11 16.66
CA ARG B 509 5.31 39.39 15.98
C ARG B 509 6.17 39.22 14.73
N SER B 510 7.08 38.24 14.73
CA SER B 510 7.87 37.95 13.55
C SER B 510 6.99 37.42 12.42
N MET B 511 6.22 36.40 12.68
CA MET B 511 5.38 35.85 11.69
C MET B 511 4.36 36.83 11.27
N THR B 512 3.80 37.51 12.22
CA THR B 512 2.79 38.46 11.91
C THR B 512 3.24 39.66 11.17
N ALA B 513 4.39 40.17 11.55
CA ALA B 513 4.92 41.35 10.94
C ALA B 513 6.26 41.38 10.32
N SER B 514 7.31 41.33 11.11
CA SER B 514 8.65 41.09 10.64
C SER B 514 9.61 40.88 11.75
N LEU B 515 10.85 40.56 11.43
CA LEU B 515 11.83 40.45 12.51
C LEU B 515 12.19 41.81 13.07
N SER B 516 12.08 42.87 12.27
CA SER B 516 12.35 44.22 12.75
C SER B 516 11.35 44.61 13.83
N ASP B 517 10.05 44.52 13.51
CA ASP B 517 9.02 44.85 14.49
C ASP B 517 9.10 43.94 15.71
N ALA B 518 9.48 42.68 15.52
CA ALA B 518 9.68 41.79 16.66
C ALA B 518 10.82 42.28 17.54
N ARG B 519 11.91 42.73 16.93
CA ARG B 519 13.03 43.25 17.71
C ARG B 519 12.69 44.60 18.34
N ASP B 520 11.87 45.42 17.67
CA ASP B 520 11.48 46.71 18.22
C ASP B 520 10.59 46.53 19.44
N ALA B 521 9.57 45.68 19.34
CA ALA B 521 8.67 45.45 20.46
C ALA B 521 9.41 44.91 21.68
N LEU B 522 10.47 44.13 21.45
CA LEU B 522 11.30 43.68 22.56
C LEU B 522 12.05 44.85 23.18
N VAL B 523 12.66 45.70 22.35
CA VAL B 523 13.38 46.87 22.87
C VAL B 523 12.41 47.82 23.56
N ASN B 524 11.21 47.97 23.01
CA ASN B 524 10.21 48.85 23.63
C ASN B 524 9.68 48.29 24.93
N ALA B 525 9.80 46.99 25.17
CA ALA B 525 9.35 46.41 26.42
C ALA B 525 10.20 46.87 27.59
N VAL B 526 11.49 47.11 27.37
CA VAL B 526 12.34 47.64 28.43
C VAL B 526 12.20 49.15 28.53
N ILE B 527 12.13 49.83 27.39
CA ILE B 527 12.05 51.30 27.40
C ILE B 527 10.76 51.75 28.06
N ASP B 528 9.62 51.19 27.62
CA ASP B 528 8.33 51.69 28.09
C ASP B 528 8.11 51.40 29.57
N SER B 529 8.59 50.24 30.05
CA SER B 529 8.38 49.90 31.46
C SER B 529 9.24 50.77 32.36
N LEU B 530 10.53 50.91 32.03
CA LEU B 530 11.43 51.73 32.85
C LEU B 530 11.12 53.22 32.73
N SER B 531 10.67 53.66 31.55
CA SER B 531 10.19 55.03 31.42
C SER B 531 8.95 55.25 32.28
N ALA B 532 8.08 54.25 32.35
CA ALA B 532 6.94 54.33 33.26
C ALA B 532 7.38 54.27 34.71
N TYR B 533 8.44 53.50 35.00
CA TYR B 533 8.96 53.45 36.36
C TYR B 533 9.60 54.78 36.75
N ARG B 534 10.33 55.41 35.82
CA ARG B 534 10.96 56.69 36.12
C ARG B 534 9.92 57.77 36.36
N SER B 535 8.85 57.79 35.55
CA SER B 535 7.79 58.77 35.70
C SER B 535 6.97 58.57 36.97
N SER B 536 7.30 57.57 37.79
CA SER B 536 6.62 57.34 39.05
C SER B 536 7.58 57.37 40.24
N VAL B 537 8.77 57.94 40.05
CA VAL B 537 9.72 58.14 41.15
C VAL B 537 10.27 59.56 41.10
N PRO B 543 19.00 60.91 37.02
CA PRO B 543 20.18 61.12 36.17
C PRO B 543 20.62 59.85 35.44
N GLY B 544 20.86 58.76 36.17
CA GLY B 544 21.29 57.51 35.57
C GLY B 544 20.12 56.70 35.03
N LEU B 545 20.28 55.39 35.08
CA LEU B 545 19.25 54.45 34.65
C LEU B 545 18.77 53.70 35.88
N MET B 546 17.64 54.13 36.43
CA MET B 546 17.11 53.59 37.68
C MET B 546 16.07 52.53 37.37
N VAL B 547 16.26 51.33 37.93
CA VAL B 547 15.33 50.22 37.78
C VAL B 547 15.02 49.66 39.17
N PRO B 548 13.83 49.10 39.39
CA PRO B 548 13.57 48.40 40.64
C PRO B 548 14.42 47.14 40.73
N PHE B 549 14.56 46.64 41.96
CA PHE B 549 15.43 45.49 42.19
C PHE B 549 14.98 44.28 41.38
N SER B 550 13.68 44.14 41.12
CA SER B 550 13.18 42.99 40.40
C SER B 550 13.42 43.07 38.90
N LEU B 551 13.72 44.26 38.37
CA LEU B 551 13.95 44.44 36.94
C LEU B 551 15.39 44.78 36.62
N ARG B 552 16.34 44.46 37.51
CA ARG B 552 17.73 44.79 37.28
C ARG B 552 18.38 43.90 36.23
N LEU B 553 17.84 42.71 35.99
CA LEU B 553 18.30 41.83 34.92
C LEU B 553 17.39 41.90 33.71
N PHE B 554 16.51 42.91 33.65
CA PHE B 554 15.54 42.99 32.55
C PHE B 554 16.20 43.41 31.24
N PRO B 555 17.03 44.46 31.19
CA PRO B 555 17.75 44.74 29.93
C PRO B 555 18.76 43.67 29.58
N LEU B 556 19.37 43.02 30.57
CA LEU B 556 20.34 41.97 30.29
C LEU B 556 19.69 40.78 29.59
N PHE B 557 18.51 40.39 30.05
CA PHE B 557 17.84 39.23 29.47
C PHE B 557 17.16 39.56 28.14
N VAL B 558 16.73 40.81 27.95
CA VAL B 558 16.19 41.20 26.65
C VAL B 558 17.31 41.34 25.62
N LEU B 559 18.48 41.81 26.05
CA LEU B 559 19.63 41.86 25.16
C LEU B 559 20.03 40.47 24.71
N ALA B 560 20.14 39.53 25.65
CA ALA B 560 20.44 38.15 25.28
C ALA B 560 19.37 37.57 24.36
N LEU B 561 18.12 38.00 24.54
CA LEU B 561 17.06 37.59 23.64
C LEU B 561 17.31 38.08 22.22
N LEU B 562 17.78 39.32 22.09
CA LEU B 562 18.04 39.92 20.78
C LEU B 562 19.31 39.38 20.13
N LYS B 563 20.17 38.70 20.86
CA LYS B 563 21.36 38.07 20.30
C LYS B 563 21.20 36.56 20.15
N GLN B 564 20.12 35.99 20.68
CA GLN B 564 19.80 34.59 20.48
C GLN B 564 19.52 34.32 18.99
N LYS B 565 19.76 33.07 18.58
CA LYS B 565 19.58 32.67 17.20
C LYS B 565 18.15 32.90 16.70
N SER B 566 17.18 33.13 17.59
CA SER B 566 15.82 33.40 17.15
C SER B 566 15.69 34.81 16.57
N PHE B 567 16.28 35.80 17.26
CA PHE B 567 16.04 37.20 16.92
C PHE B 567 17.30 37.96 16.50
N GLN B 568 18.48 37.32 16.51
CA GLN B 568 19.68 38.00 16.07
C GLN B 568 19.57 38.37 14.59
N THR B 569 20.33 39.40 14.21
CA THR B 569 20.26 39.92 12.84
C THR B 569 21.59 39.83 12.12
N GLY B 570 22.63 40.53 12.58
CA GLY B 570 23.86 40.66 11.81
C GLY B 570 24.66 39.39 11.66
N THR B 571 24.16 38.28 12.19
CA THR B 571 24.87 37.02 12.14
C THR B 571 24.65 36.33 10.79
N ASN B 572 25.48 35.32 10.52
CA ASN B 572 25.40 34.50 9.32
C ASN B 572 24.37 33.38 9.44
N ALA B 573 23.44 33.49 10.40
CA ALA B 573 22.52 32.40 10.70
C ALA B 573 21.64 32.09 9.49
N ARG B 574 21.28 30.82 9.36
CA ARG B 574 20.48 30.32 8.24
C ARG B 574 19.02 30.15 8.65
N LEU B 575 18.18 29.89 7.66
CA LEU B 575 16.74 29.96 7.85
C LEU B 575 16.24 28.91 8.85
N ASP B 576 16.61 27.65 8.63
CA ASP B 576 16.09 26.58 9.49
C ASP B 576 16.66 26.67 10.90
N GLU B 577 17.85 27.28 11.06
CA GLU B 577 18.37 27.52 12.40
C GLU B 577 17.47 28.47 13.17
N ARG B 578 17.09 29.58 12.54
CA ARG B 578 16.23 30.56 13.20
C ARG B 578 14.85 30.00 13.48
N ILE B 579 14.27 29.27 12.51
CA ILE B 579 12.93 28.72 12.69
C ILE B 579 12.91 27.72 13.84
N PHE B 580 13.93 26.86 13.92
CA PHE B 580 13.99 25.90 15.02
C PHE B 580 14.18 26.61 16.36
N ALA B 581 14.94 27.70 16.37
CA ALA B 581 15.11 28.46 17.60
C ALA B 581 13.78 29.06 18.06
N MET B 582 12.95 29.49 17.11
CA MET B 582 11.62 29.97 17.47
C MET B 582 10.70 28.82 17.89
N CYS B 583 10.88 27.64 17.30
CA CYS B 583 10.12 26.47 17.73
C CYS B 583 10.47 26.07 19.16
N GLN B 584 11.73 26.25 19.54
CA GLN B 584 12.13 25.92 20.91
C GLN B 584 11.60 26.94 21.91
N VAL B 585 11.46 28.20 21.50
CA VAL B 585 10.86 29.21 22.37
C VAL B 585 9.42 28.85 22.68
N LYS B 586 8.67 28.41 21.67
CA LYS B 586 7.25 28.12 21.83
C LYS B 586 7.00 26.85 22.63
N ASN B 587 7.93 25.91 22.63
CA ASN B 587 7.67 24.56 23.13
C ASN B 587 8.47 24.19 24.38
N GLN B 588 9.48 24.99 24.76
CA GLN B 588 10.25 24.51 25.90
C GLN B 588 9.81 25.20 27.19
N PRO B 589 9.99 24.52 28.32
CA PRO B 589 9.76 25.18 29.62
C PRO B 589 10.68 26.37 29.81
N LEU B 590 10.35 27.19 30.81
CA LEU B 590 11.07 28.44 31.02
C LEU B 590 12.54 28.21 31.37
N VAL B 591 12.83 27.11 32.07
CA VAL B 591 14.20 26.84 32.49
C VAL B 591 15.11 26.69 31.27
N TYR B 592 14.64 25.97 30.24
CA TYR B 592 15.45 25.74 29.06
C TYR B 592 15.55 26.97 28.16
N LEU B 593 14.57 27.87 28.23
CA LEU B 593 14.70 29.12 27.49
C LEU B 593 15.74 30.03 28.14
N MET B 594 15.81 30.03 29.47
CA MET B 594 16.82 30.84 30.14
C MET B 594 18.21 30.25 29.98
N LEU B 595 18.33 28.92 30.06
CA LEU B 595 19.64 28.28 29.92
C LEU B 595 20.20 28.45 28.52
N THR B 596 19.34 28.60 27.51
CA THR B 596 19.78 28.80 26.14
C THR B 596 20.08 30.26 25.85
N THR B 597 19.16 31.16 26.20
CA THR B 597 19.33 32.58 25.90
C THR B 597 20.46 33.18 26.72
N HIS B 598 20.63 32.75 27.96
CA HIS B 598 21.66 33.27 28.85
C HIS B 598 22.30 32.09 29.59
N PRO B 599 23.22 31.40 28.93
CA PRO B 599 23.82 30.20 29.55
C PRO B 599 24.60 30.53 30.81
N SER B 600 24.71 29.56 31.70
CA SER B 600 25.45 29.71 32.94
C SER B 600 26.92 29.41 32.70
N LEU B 601 27.79 30.35 33.08
CA LEU B 601 29.21 30.27 32.82
C LEU B 601 29.97 30.14 34.14
N TYR B 602 30.74 29.07 34.28
CA TYR B 602 31.54 28.82 35.47
C TYR B 602 32.99 28.58 35.08
N ARG B 603 33.89 28.94 35.98
CA ARG B 603 35.30 28.56 35.87
C ARG B 603 35.49 27.21 36.56
N VAL B 604 36.20 26.30 35.91
CA VAL B 604 36.18 24.89 36.33
C VAL B 604 37.58 24.31 36.50
N ASP B 605 38.61 25.08 36.15
CA ASP B 605 39.97 24.57 36.29
C ASP B 605 40.50 24.69 37.71
N ASN B 606 39.70 25.17 38.65
CA ASN B 606 40.15 25.41 40.02
C ASN B 606 38.98 25.24 40.99
N LEU B 607 38.36 24.11 40.95
CA LEU B 607 37.22 23.92 41.81
C LEU B 607 37.64 23.49 43.18
N SER B 608 36.94 23.97 44.19
CA SER B 608 37.24 23.71 45.59
C SER B 608 36.11 23.15 46.42
N ASP B 609 36.16 23.37 47.71
CA ASP B 609 35.19 22.88 48.66
C ASP B 609 34.03 23.72 49.11
N GLU B 610 33.81 24.88 48.55
CA GLU B 610 32.62 25.66 48.87
C GLU B 610 31.35 25.00 48.35
N GLY B 611 31.44 23.74 47.91
CA GLY B 611 30.35 23.10 47.21
C GLY B 611 29.33 22.43 48.11
N ALA B 612 28.40 21.73 47.47
CA ALA B 612 27.33 21.02 48.18
C ALA B 612 27.82 19.64 48.60
N LEU B 613 28.84 19.63 49.46
CA LEU B 613 29.43 18.39 49.93
C LEU B 613 28.60 17.71 51.01
N ASN B 614 27.28 17.81 50.89
CA ASN B 614 26.38 17.09 51.78
C ASN B 614 26.01 15.72 51.24
N ILE B 615 26.04 15.55 49.93
CA ILE B 615 25.51 14.36 49.28
C ILE B 615 26.36 13.14 49.61
N SER B 616 26.25 12.66 50.84
CA SER B 616 26.88 11.41 51.27
C SER B 616 28.38 11.40 51.00
N ASP B 617 28.77 10.87 49.83
CA ASP B 617 30.16 10.62 49.49
C ASP B 617 30.67 11.49 48.35
N ARG B 618 29.86 12.45 47.89
CA ARG B 618 30.24 13.34 46.81
C ARG B 618 30.28 14.77 47.33
N THR B 619 31.27 15.53 46.87
CA THR B 619 31.49 16.90 47.33
C THR B 619 30.82 17.94 46.43
N ILE B 620 31.00 17.84 45.12
CA ILE B 620 30.29 18.68 44.14
C ILE B 620 30.49 20.18 44.21
N PRO B 621 31.61 20.72 43.74
CA PRO B 621 31.90 22.15 43.93
C PRO B 621 30.76 23.02 43.42
N GLN B 622 30.68 24.23 43.98
CA GLN B 622 29.68 25.23 43.62
C GLN B 622 30.37 26.51 43.19
N PRO B 623 31.00 26.52 42.01
CA PRO B 623 31.70 27.72 41.58
C PRO B 623 30.72 28.82 41.25
N PRO B 624 31.12 30.09 41.40
CA PRO B 624 30.19 31.19 41.14
C PRO B 624 29.82 31.30 39.67
N ILE B 625 28.64 31.85 39.42
CA ILE B 625 28.18 32.10 38.06
C ILE B 625 28.83 33.39 37.56
N LEU B 626 29.48 33.31 36.40
CA LEU B 626 30.10 34.45 35.76
C LEU B 626 29.16 35.04 34.72
N GLN B 627 29.35 36.33 34.44
CA GLN B 627 28.52 37.00 33.46
C GLN B 627 29.08 36.79 32.05
N LEU B 628 28.20 36.92 31.06
CA LEU B 628 28.50 36.49 29.69
C LEU B 628 29.30 37.56 28.98
N SER B 629 30.59 37.62 29.31
CA SER B 629 31.53 38.53 28.65
C SER B 629 32.90 37.86 28.59
N VAL B 630 33.60 38.07 27.47
CA VAL B 630 34.95 37.53 27.34
C VAL B 630 35.87 38.13 28.40
N GLU B 631 35.57 39.34 28.87
CA GLU B 631 36.36 39.96 29.92
C GLU B 631 36.39 39.11 31.19
N LYS B 632 35.47 38.17 31.34
CA LYS B 632 35.48 37.22 32.45
C LYS B 632 36.29 35.97 32.16
N LEU B 633 36.66 35.76 30.89
CA LEU B 633 37.50 34.62 30.55
C LEU B 633 38.94 34.86 31.00
N SER B 634 39.76 33.82 30.87
CA SER B 634 41.16 33.89 31.26
C SER B 634 41.91 32.84 30.46
N ARG B 635 42.92 33.28 29.70
CA ARG B 635 43.72 32.33 28.93
C ARG B 635 44.45 31.34 29.81
N ASP B 636 44.54 31.62 31.12
CA ASP B 636 45.21 30.76 32.07
C ASP B 636 44.33 29.64 32.62
N GLY B 637 43.02 29.68 32.36
CA GLY B 637 42.13 28.69 32.93
C GLY B 637 41.17 28.06 31.95
N ALA B 638 40.13 27.40 32.47
CA ALA B 638 39.11 26.76 31.66
C ALA B 638 37.74 27.19 32.17
N PHE B 639 36.77 27.24 31.24
CA PHE B 639 35.45 27.78 31.55
C PHE B 639 34.39 26.90 30.92
N LEU B 640 33.48 26.39 31.76
CA LEU B 640 32.36 25.59 31.31
C LEU B 640 31.12 26.47 31.18
N MET B 641 30.35 26.25 30.12
CA MET B 641 29.14 27.02 29.84
C MET B 641 27.97 26.05 29.73
N ASP B 642 27.04 26.14 30.67
CA ASP B 642 25.82 25.32 30.66
C ASP B 642 24.78 26.01 29.81
N ALA B 643 24.55 25.50 28.60
CA ALA B 643 23.56 26.05 27.68
C ALA B 643 22.22 25.33 27.77
N GLY B 644 22.05 24.44 28.75
CA GLY B 644 20.82 23.70 28.89
C GLY B 644 20.86 22.36 28.19
N SER B 645 21.06 22.37 26.88
CA SER B 645 21.12 21.14 26.10
C SER B 645 22.53 20.66 25.84
N VAL B 646 23.54 21.53 25.96
CA VAL B 646 24.94 21.17 25.77
C VAL B 646 25.77 21.82 26.86
N LEU B 647 26.98 21.30 27.03
CA LEU B 647 27.95 21.83 28.00
C LEU B 647 29.27 22.03 27.28
N MET B 648 29.53 23.26 26.84
CA MET B 648 30.75 23.57 26.11
C MET B 648 31.83 23.99 27.08
N LEU B 649 32.95 23.28 27.07
CA LEU B 649 34.08 23.53 27.97
C LEU B 649 35.19 24.21 27.17
N TRP B 650 35.24 25.53 27.25
CA TRP B 650 36.29 26.28 26.59
C TRP B 650 37.57 26.25 27.42
N VAL B 651 38.70 26.08 26.74
CA VAL B 651 40.00 26.02 27.39
C VAL B 651 40.85 27.17 26.88
N GLY B 652 41.70 27.69 27.76
CA GLY B 652 42.60 28.78 27.40
C GLY B 652 43.89 28.27 26.79
N LYS B 653 44.48 29.11 25.94
CA LYS B 653 45.76 28.76 25.31
C LYS B 653 46.86 28.63 26.36
N ASN B 654 46.91 29.57 27.30
CA ASN B 654 47.89 29.55 28.39
C ASN B 654 47.40 28.78 29.60
N CYS B 655 46.58 27.75 29.39
CA CYS B 655 46.00 27.00 30.50
C CYS B 655 47.09 26.32 31.33
N THR B 656 46.76 25.99 32.57
CA THR B 656 47.73 25.39 33.46
C THR B 656 48.07 23.97 33.00
N GLN B 657 49.19 23.46 33.51
CA GLN B 657 49.62 22.11 33.15
C GLN B 657 48.95 21.05 34.01
N ASN B 658 48.60 21.38 35.25
CA ASN B 658 47.87 20.44 36.09
C ASN B 658 46.50 20.12 35.50
N PHE B 659 45.87 21.11 34.88
CA PHE B 659 44.55 20.88 34.29
C PHE B 659 44.63 19.95 33.09
N LEU B 660 45.66 20.10 32.26
CA LEU B 660 45.78 19.30 31.05
C LEU B 660 45.97 17.82 31.38
N SER B 661 46.93 17.51 32.25
CA SER B 661 47.28 16.12 32.50
C SER B 661 46.36 15.44 33.51
N GLN B 662 45.78 16.20 34.44
CA GLN B 662 44.96 15.63 35.49
C GLN B 662 43.46 15.72 35.23
N VAL B 663 43.03 16.52 34.25
CA VAL B 663 41.62 16.64 33.89
C VAL B 663 41.38 16.24 32.44
N LEU B 664 42.15 16.80 31.52
CA LEU B 664 42.04 16.45 30.11
C LEU B 664 42.85 15.22 29.72
N GLY B 665 43.77 14.78 30.57
CA GLY B 665 44.60 13.64 30.20
C GLY B 665 45.54 13.91 29.06
N VAL B 666 45.99 15.16 28.92
CA VAL B 666 46.84 15.59 27.83
C VAL B 666 48.08 16.26 28.40
N GLN B 667 49.19 16.15 27.68
CA GLN B 667 50.46 16.70 28.15
C GLN B 667 50.71 18.13 27.69
N ASN B 668 49.91 18.66 26.76
CA ASN B 668 50.08 20.03 26.32
C ASN B 668 48.81 20.49 25.61
N TYR B 669 48.67 21.81 25.48
CA TYR B 669 47.48 22.37 24.87
C TYR B 669 47.35 21.95 23.41
N ALA B 670 48.48 21.64 22.75
CA ALA B 670 48.44 21.35 21.33
C ALA B 670 47.83 19.97 21.03
N SER B 671 48.04 19.00 21.92
CA SER B 671 47.56 17.64 21.70
C SER B 671 46.19 17.39 22.31
N ILE B 672 45.42 18.43 22.57
CA ILE B 672 44.01 18.28 22.93
C ILE B 672 43.28 17.90 21.65
N PRO B 673 42.67 16.71 21.58
CA PRO B 673 42.08 16.26 20.31
C PRO B 673 41.05 17.26 19.80
N GLN B 674 40.99 17.37 18.46
CA GLN B 674 40.18 18.43 17.85
C GLN B 674 38.70 18.30 18.22
N PRO B 675 37.99 17.20 17.87
CA PRO B 675 36.68 16.99 18.51
C PRO B 675 36.81 16.11 19.74
N MET B 676 36.47 16.64 20.91
CA MET B 676 36.50 15.89 22.16
C MET B 676 35.06 15.68 22.61
N THR B 677 34.62 14.42 22.65
CA THR B 677 33.22 14.11 22.90
C THR B 677 32.84 14.17 24.37
N ASP B 678 33.80 14.03 25.28
CA ASP B 678 33.53 14.06 26.71
C ASP B 678 34.86 14.05 27.44
N LEU B 679 34.82 14.38 28.74
CA LEU B 679 36.02 14.32 29.56
C LEU B 679 36.35 12.86 29.90
N PRO B 680 37.63 12.58 30.11
CA PRO B 680 38.00 11.28 30.69
C PRO B 680 37.80 11.28 32.20
N GLU B 681 37.62 10.08 32.74
CA GLU B 681 37.48 9.89 34.18
C GLU B 681 38.82 9.35 34.69
N LEU B 682 39.71 10.26 35.08
CA LEU B 682 41.06 9.93 35.48
C LEU B 682 41.16 9.76 36.98
N ASP B 683 42.21 9.04 37.40
CA ASP B 683 42.49 8.84 38.82
C ASP B 683 43.22 10.04 39.39
N THR B 684 42.52 11.18 39.38
CA THR B 684 43.02 12.43 39.94
C THR B 684 41.88 13.10 40.71
N PRO B 685 42.18 13.76 41.82
CA PRO B 685 41.12 14.50 42.52
C PRO B 685 40.62 15.70 41.74
N GLU B 686 41.47 16.27 40.88
CA GLU B 686 41.01 17.36 40.02
C GLU B 686 39.94 16.88 39.05
N SER B 687 40.10 15.68 38.51
CA SER B 687 39.07 15.12 37.64
C SER B 687 37.83 14.75 38.45
N ALA B 688 38.03 14.11 39.61
CA ALA B 688 36.91 13.76 40.48
C ALA B 688 36.07 14.99 40.84
N ARG B 689 36.70 16.16 40.92
CA ARG B 689 35.94 17.38 41.17
C ARG B 689 35.12 17.78 39.95
N ILE B 690 35.76 17.91 38.78
CA ILE B 690 35.06 18.41 37.61
C ILE B 690 34.04 17.39 37.11
N ILE B 691 34.30 16.09 37.29
CA ILE B 691 33.28 15.11 36.98
C ILE B 691 32.12 15.20 37.97
N ALA B 692 32.41 15.56 39.22
CA ALA B 692 31.35 15.74 40.20
C ALA B 692 30.47 16.93 39.87
N PHE B 693 31.09 18.03 39.41
CA PHE B 693 30.31 19.22 39.07
C PHE B 693 29.48 18.99 37.81
N ILE B 694 30.06 18.35 36.80
CA ILE B 694 29.32 18.11 35.56
C ILE B 694 28.20 17.11 35.80
N SER B 695 28.50 16.00 36.47
CA SER B 695 27.47 14.99 36.71
C SER B 695 26.34 15.54 37.55
N TRP B 696 26.64 16.48 38.46
CA TRP B 696 25.57 17.15 39.20
C TRP B 696 24.76 18.07 38.31
N LEU B 697 25.42 18.71 37.32
CA LEU B 697 24.70 19.62 36.42
C LEU B 697 23.69 18.88 35.54
N ARG B 698 24.04 17.67 35.10
CA ARG B 698 23.13 16.91 34.24
C ARG B 698 22.07 16.17 35.01
N GLU B 699 22.26 15.96 36.32
CA GLU B 699 21.19 15.40 37.14
C GLU B 699 20.09 16.41 37.41
N GLN B 700 20.32 17.69 37.15
CA GLN B 700 19.31 18.73 37.30
C GLN B 700 18.31 18.73 36.16
N ARG B 701 18.33 17.72 35.29
CA ARG B 701 17.52 17.71 34.08
C ARG B 701 17.40 16.27 33.59
N PRO B 702 16.33 15.94 32.87
CA PRO B 702 16.23 14.59 32.29
C PRO B 702 16.93 14.49 30.93
N PHE B 703 16.87 15.56 30.15
CA PHE B 703 17.55 15.61 28.85
C PHE B 703 19.06 15.63 29.07
N PHE B 704 19.69 14.48 28.93
CA PHE B 704 21.13 14.35 29.09
C PHE B 704 21.85 15.30 28.14
N PRO B 705 22.60 16.28 28.66
CA PRO B 705 23.32 17.20 27.77
C PRO B 705 24.74 16.73 27.49
N ILE B 706 25.10 16.60 26.21
CA ILE B 706 26.46 16.20 25.87
C ILE B 706 27.40 17.35 26.17
N LEU B 707 28.65 17.00 26.51
CA LEU B 707 29.68 17.97 26.86
C LEU B 707 30.85 17.77 25.89
N TYR B 708 31.09 18.76 25.04
CA TYR B 708 32.21 18.71 24.11
C TYR B 708 33.18 19.84 24.43
N VAL B 709 34.40 19.46 24.82
CA VAL B 709 35.47 20.41 25.11
C VAL B 709 36.01 21.07 23.84
N ILE B 710 35.56 20.61 22.68
CA ILE B 710 36.06 21.02 21.35
C ILE B 710 36.42 22.50 21.29
N ALA B 711 35.69 23.32 22.04
CA ALA B 711 35.95 24.76 22.10
C ALA B 711 37.40 24.72 22.56
N ASP B 712 38.33 24.81 21.61
CA ASP B 712 39.71 25.26 21.79
C ASP B 712 39.78 26.75 21.45
N GLU B 713 40.99 27.32 21.44
CA GLU B 713 41.15 28.68 20.97
C GLU B 713 41.30 28.75 19.46
N SER B 714 41.23 27.61 18.77
CA SER B 714 41.24 27.58 17.31
C SER B 714 40.67 26.27 16.78
N PRO B 715 39.39 25.92 17.05
CA PRO B 715 38.82 24.72 16.47
C PRO B 715 37.83 25.02 15.36
N MET B 716 37.67 26.30 15.03
CA MET B 716 36.63 26.80 14.13
C MET B 716 35.23 26.43 14.62
N LYS B 717 35.11 26.07 15.89
CA LYS B 717 33.84 25.74 16.51
C LYS B 717 33.65 26.57 17.78
N ALA B 718 34.17 27.81 17.76
CA ALA B 718 34.05 28.72 18.88
C ALA B 718 32.74 29.48 18.83
N ASN B 719 31.63 28.77 18.59
CA ASN B 719 30.32 29.34 18.86
C ASN B 719 30.08 29.51 20.35
N PHE B 720 31.01 29.02 21.18
CA PHE B 720 31.06 29.38 22.59
C PHE B 720 31.02 30.89 22.78
N LEU B 721 31.73 31.62 21.92
CA LEU B 721 31.80 33.07 22.03
C LEU B 721 30.53 33.75 21.53
N GLN B 722 29.70 33.05 20.76
CA GLN B 722 28.43 33.62 20.34
C GLN B 722 27.46 33.82 21.49
N ASN B 723 27.76 33.26 22.67
CA ASN B 723 26.93 33.41 23.86
C ASN B 723 27.44 34.49 24.80
N MET B 724 28.59 35.10 24.52
CA MET B 724 29.08 36.24 25.28
C MET B 724 28.25 37.48 24.88
N ILE B 725 27.01 37.49 25.37
CA ILE B 725 26.03 38.46 24.90
C ILE B 725 26.28 39.87 25.40
N GLU B 726 27.17 40.05 26.38
CA GLU B 726 27.42 41.40 26.90
C GLU B 726 28.44 42.16 26.06
N ASP B 727 29.32 41.45 25.36
CA ASP B 727 30.33 42.11 24.55
C ASP B 727 29.70 42.70 23.29
N ARG B 728 30.48 43.51 22.58
CA ARG B 728 30.05 44.11 21.34
C ARG B 728 30.59 43.32 20.16
N THR B 729 29.85 43.36 19.05
CA THR B 729 30.26 42.75 17.80
C THR B 729 30.06 43.77 16.69
N GLU B 730 30.45 43.39 15.47
CA GLU B 730 30.37 44.32 14.34
C GLU B 730 28.94 44.70 13.98
N SER B 731 27.94 43.94 14.45
CA SER B 731 26.55 44.19 14.06
C SER B 731 25.60 44.05 15.25
N ALA B 732 26.08 44.33 16.46
CA ALA B 732 25.21 44.30 17.64
C ALA B 732 25.85 45.14 18.74
N LEU B 733 25.01 45.68 19.61
CA LEU B 733 25.49 46.51 20.71
C LEU B 733 25.99 45.64 21.86
N SER B 734 26.96 46.19 22.60
CA SER B 734 27.37 45.56 23.84
C SER B 734 26.29 45.79 24.91
N TYR B 735 26.48 45.14 26.06
CA TYR B 735 25.53 45.33 27.16
C TYR B 735 25.56 46.77 27.66
N TYR B 736 26.75 47.36 27.77
CA TYR B 736 26.85 48.74 28.22
C TYR B 736 26.28 49.70 27.18
N GLU B 737 26.53 49.42 25.90
CA GLU B 737 25.90 50.20 24.84
C GLU B 737 24.38 50.08 24.90
N PHE B 738 23.88 48.91 25.30
CA PHE B 738 22.43 48.71 25.37
C PHE B 738 21.82 49.57 26.47
N LEU B 739 22.46 49.63 27.64
CA LEU B 739 21.99 50.50 28.70
C LEU B 739 22.04 51.96 28.28
N LEU B 740 23.09 52.33 27.53
CA LEU B 740 23.20 53.70 27.04
C LEU B 740 22.06 54.06 26.11
N HIS B 741 21.63 53.10 25.27
CA HIS B 741 20.52 53.35 24.36
C HIS B 741 19.20 53.43 25.11
N ILE B 742 19.02 52.60 26.14
CA ILE B 742 17.79 52.63 26.92
C ILE B 742 17.65 53.97 27.64
N GLN B 743 18.74 54.44 28.26
CA GLN B 743 18.66 55.65 29.06
C GLN B 743 18.35 56.88 28.21
N GLN B 744 18.87 56.93 26.98
CA GLN B 744 18.53 58.03 26.09
C GLN B 744 17.05 58.02 25.74
N GLN B 745 16.42 56.84 25.75
CA GLN B 745 15.00 56.71 25.47
C GLN B 745 14.12 56.89 26.71
N VAL B 746 14.61 56.49 27.88
CA VAL B 746 13.81 56.58 29.10
C VAL B 746 13.51 58.05 29.42
N ASN B 747 14.51 58.91 29.32
CA ASN B 747 14.31 60.33 29.60
C ASN B 747 14.51 61.17 28.35
N LYS B 748 13.80 60.82 27.27
CA LYS B 748 13.88 61.56 26.02
C LYS B 748 13.07 62.86 26.11
N MET C 1 -22.84 -6.24 9.50
CA MET C 1 -21.67 -7.09 9.29
C MET C 1 -20.40 -6.39 9.74
N VAL C 2 -20.54 -5.42 10.64
CA VAL C 2 -19.40 -4.70 11.18
C VAL C 2 -19.38 -4.88 12.69
N LEU C 3 -18.69 -3.98 13.41
CA LEU C 3 -18.29 -4.24 14.78
C LEU C 3 -18.74 -3.13 15.72
N LEU C 4 -18.88 -3.53 16.99
CA LEU C 4 -19.05 -2.68 18.17
C LEU C 4 -19.29 -3.59 19.37
N THR C 5 -18.33 -3.71 20.26
CA THR C 5 -18.41 -4.65 21.38
C THR C 5 -18.19 -3.91 22.69
N MET C 6 -19.11 -4.08 23.63
CA MET C 6 -19.02 -3.47 24.95
C MET C 6 -19.29 -4.52 26.02
N ILE C 7 -18.43 -4.56 27.03
CA ILE C 7 -18.59 -5.42 28.19
C ILE C 7 -18.66 -4.54 29.41
N ALA C 8 -19.82 -4.55 30.08
CA ALA C 8 -20.05 -3.68 31.23
C ALA C 8 -20.60 -4.50 32.39
N ARG C 9 -20.44 -3.94 33.59
CA ARG C 9 -21.03 -4.51 34.79
C ARG C 9 -22.46 -3.99 34.94
N VAL C 10 -23.42 -4.91 35.03
CA VAL C 10 -24.82 -4.57 34.89
C VAL C 10 -25.30 -3.62 35.99
N ALA C 11 -24.74 -3.75 37.20
CA ALA C 11 -25.25 -2.99 38.35
C ALA C 11 -25.23 -1.49 38.07
N ASP C 12 -24.06 -0.95 37.75
CA ASP C 12 -23.90 0.47 37.50
C ASP C 12 -23.73 0.83 36.03
N GLY C 13 -23.55 -0.16 35.16
CA GLY C 13 -23.17 0.14 33.79
C GLY C 13 -21.71 0.48 33.62
N LEU C 14 -20.87 0.09 34.59
CA LEU C 14 -19.46 0.41 34.57
C LEU C 14 -18.78 -0.28 33.38
N PRO C 15 -18.20 0.46 32.44
CA PRO C 15 -17.50 -0.19 31.33
C PRO C 15 -16.31 -0.99 31.83
N LEU C 16 -16.23 -2.25 31.41
CA LEU C 16 -15.13 -3.14 31.74
C LEU C 16 -14.16 -3.33 30.58
N ALA C 17 -14.66 -3.54 29.37
CA ALA C 17 -13.83 -3.71 28.19
C ALA C 17 -14.69 -3.46 26.96
N ALA C 18 -14.07 -2.88 25.93
CA ALA C 18 -14.77 -2.56 24.69
C ALA C 18 -13.78 -2.66 23.53
N SER C 19 -14.27 -2.32 22.33
CA SER C 19 -13.44 -2.35 21.12
C SER C 19 -14.17 -1.70 19.95
N MET C 20 -13.53 -0.72 19.30
CA MET C 20 -14.17 0.03 18.22
C MET C 20 -13.13 0.40 17.17
N GLN C 21 -13.54 0.33 15.91
CA GLN C 21 -12.70 0.69 14.77
C GLN C 21 -13.57 1.33 13.70
N GLU C 22 -13.16 2.51 13.22
CA GLU C 22 -13.94 3.23 12.21
C GLU C 22 -13.35 3.09 10.81
N ASP C 23 -12.17 3.68 10.61
CA ASP C 23 -11.55 3.72 9.28
C ASP C 23 -11.02 2.35 8.86
N ASP C 29 -22.23 7.39 12.61
CA ASP C 29 -20.94 7.43 13.29
C ASP C 29 -20.99 6.69 14.62
N LEU C 30 -19.81 6.50 15.21
CA LEU C 30 -19.71 5.81 16.50
C LEU C 30 -20.37 6.59 17.63
N GLN C 31 -20.61 7.89 17.46
CA GLN C 31 -21.04 8.72 18.57
C GLN C 31 -22.48 8.44 18.97
N GLN C 32 -23.34 8.12 18.00
CA GLN C 32 -24.76 7.95 18.30
C GLN C 32 -25.04 6.58 18.92
N TYR C 33 -24.54 5.52 18.29
CA TYR C 33 -24.83 4.18 18.78
C TYR C 33 -24.04 3.85 20.04
N GLN C 34 -22.95 4.57 20.32
CA GLN C 34 -22.29 4.40 21.61
C GLN C 34 -23.09 5.06 22.72
N SER C 35 -23.90 6.06 22.37
CA SER C 35 -24.80 6.66 23.36
C SER C 35 -25.91 5.69 23.74
N GLN C 36 -26.67 5.21 22.75
CA GLN C 36 -27.73 4.24 23.01
C GLN C 36 -27.20 3.03 23.76
N ALA C 37 -25.97 2.61 23.44
CA ALA C 37 -25.35 1.51 24.18
C ALA C 37 -25.26 1.82 25.66
N LYS C 38 -24.91 3.07 26.00
CA LYS C 38 -24.78 3.45 27.40
C LYS C 38 -26.14 3.78 28.02
N GLN C 39 -27.11 4.21 27.22
CA GLN C 39 -28.48 4.29 27.71
C GLN C 39 -28.98 2.90 28.10
N LEU C 40 -28.62 1.89 27.30
CA LEU C 40 -29.05 0.53 27.59
C LEU C 40 -28.41 -0.01 28.87
N PHE C 41 -27.09 0.13 28.98
CA PHE C 41 -26.40 -0.30 30.19
C PHE C 41 -26.97 0.38 31.43
N ARG C 42 -27.53 1.57 31.27
CA ARG C 42 -28.17 2.27 32.39
C ARG C 42 -29.47 1.59 32.79
N LYS C 43 -30.31 1.28 31.81
CA LYS C 43 -31.63 0.72 32.11
C LYS C 43 -31.55 -0.73 32.58
N LEU C 44 -30.50 -1.45 32.18
CA LEU C 44 -30.39 -2.87 32.53
C LEU C 44 -30.33 -3.04 34.03
N ASN C 45 -31.14 -3.97 34.54
CA ASN C 45 -31.23 -4.23 35.97
C ASN C 45 -31.41 -5.73 36.17
N GLU C 46 -31.73 -6.12 37.40
CA GLU C 46 -31.87 -7.53 37.78
C GLU C 46 -33.14 -8.17 37.24
N GLN C 47 -34.00 -7.42 36.56
CA GLN C 47 -35.21 -7.97 35.94
C GLN C 47 -35.17 -7.97 34.42
N SER C 48 -34.09 -7.48 33.82
CA SER C 48 -33.98 -7.40 32.37
C SER C 48 -33.75 -8.79 31.77
N PRO C 49 -34.19 -9.01 30.53
CA PRO C 49 -33.94 -10.30 29.88
C PRO C 49 -32.46 -10.59 29.76
N THR C 50 -32.08 -11.81 30.15
CA THR C 50 -30.68 -12.20 30.12
C THR C 50 -30.14 -12.35 28.71
N ARG C 51 -31.03 -12.48 27.71
CA ARG C 51 -30.64 -12.51 26.31
C ARG C 51 -31.68 -11.74 25.52
N CYS C 52 -31.23 -10.90 24.58
CA CYS C 52 -32.17 -10.05 23.86
C CYS C 52 -31.54 -9.57 22.56
N THR C 53 -32.39 -8.95 21.72
CA THR C 53 -31.98 -8.37 20.45
C THR C 53 -32.85 -7.15 20.20
N LEU C 54 -32.22 -6.03 19.86
CA LEU C 54 -32.91 -4.77 19.66
C LEU C 54 -32.73 -4.27 18.23
N GLU C 55 -33.80 -3.73 17.65
CA GLU C 55 -33.78 -3.22 16.28
C GLU C 55 -33.56 -1.72 16.30
N ALA C 56 -32.50 -1.27 15.62
CA ALA C 56 -32.18 0.15 15.56
C ALA C 56 -32.14 0.65 14.13
N GLY C 57 -33.18 0.36 13.35
CA GLY C 57 -33.20 0.72 11.96
C GLY C 57 -32.23 -0.12 11.13
N ALA C 58 -31.24 0.53 10.53
CA ALA C 58 -30.24 -0.19 9.75
C ALA C 58 -29.27 -0.97 10.63
N MET C 59 -29.34 -0.81 11.94
CA MET C 59 -28.46 -1.48 12.88
C MET C 59 -29.28 -2.31 13.86
N THR C 60 -28.61 -3.17 14.62
CA THR C 60 -29.27 -4.11 15.50
C THR C 60 -28.33 -4.49 16.64
N PHE C 61 -28.81 -4.31 17.87
CA PHE C 61 -28.05 -4.68 19.06
C PHE C 61 -28.35 -6.12 19.46
N HIS C 62 -27.33 -6.79 19.99
CA HIS C 62 -27.45 -8.13 20.53
C HIS C 62 -26.65 -8.20 21.82
N TYR C 63 -27.30 -8.66 22.91
CA TYR C 63 -26.59 -8.77 24.17
C TYR C 63 -27.02 -10.04 24.90
N ILE C 64 -26.11 -10.52 25.76
CA ILE C 64 -26.41 -11.52 26.77
C ILE C 64 -25.93 -10.99 28.12
N ILE C 65 -26.33 -11.67 29.19
CA ILE C 65 -25.97 -11.28 30.54
C ILE C 65 -25.59 -12.53 31.33
N GLU C 66 -24.41 -12.49 31.94
CA GLU C 66 -23.96 -13.59 32.79
C GLU C 66 -23.13 -13.02 33.94
N GLN C 67 -23.43 -13.47 35.17
CA GLN C 67 -22.69 -13.06 36.36
C GLN C 67 -22.68 -11.54 36.52
N GLY C 68 -23.85 -10.93 36.32
CA GLY C 68 -23.96 -9.48 36.45
C GLY C 68 -23.12 -8.71 35.47
N VAL C 69 -22.71 -9.35 34.37
CA VAL C 69 -21.90 -8.71 33.34
C VAL C 69 -22.67 -8.79 32.02
N CYS C 70 -22.86 -7.65 31.38
CA CYS C 70 -23.56 -7.57 30.11
C CYS C 70 -22.58 -7.51 28.95
N TYR C 71 -22.76 -8.39 27.97
CA TYR C 71 -21.92 -8.45 26.78
C TYR C 71 -22.76 -7.95 25.61
N LEU C 72 -22.48 -6.73 25.16
CA LEU C 72 -23.25 -6.06 24.12
C LEU C 72 -22.47 -6.04 22.82
N VAL C 73 -23.17 -6.23 21.71
CA VAL C 73 -22.58 -6.12 20.38
C VAL C 73 -23.57 -5.43 19.45
N LEU C 74 -23.05 -4.58 18.58
CA LEU C 74 -23.83 -3.92 17.55
C LEU C 74 -23.27 -4.26 16.18
N CYS C 75 -24.16 -4.33 15.20
CA CYS C 75 -23.77 -4.60 13.82
C CYS C 75 -24.92 -4.19 12.91
N GLU C 76 -24.67 -4.23 11.61
CA GLU C 76 -25.73 -4.00 10.64
C GLU C 76 -26.77 -5.12 10.76
N ALA C 77 -28.04 -4.75 10.58
CA ALA C 77 -29.13 -5.69 10.80
C ALA C 77 -29.00 -6.95 9.96
N ALA C 78 -28.25 -6.88 8.85
CA ALA C 78 -28.09 -8.04 7.99
C ALA C 78 -27.23 -9.13 8.63
N PHE C 79 -26.45 -8.79 9.66
CA PHE C 79 -25.54 -9.76 10.24
C PHE C 79 -26.33 -10.90 10.88
N PRO C 80 -25.90 -12.16 10.68
CA PRO C 80 -26.64 -13.30 11.25
C PRO C 80 -26.74 -13.24 12.76
N LYS C 81 -27.97 -13.05 13.26
CA LYS C 81 -28.20 -12.99 14.71
C LYS C 81 -27.73 -14.26 15.39
N LYS C 82 -27.82 -15.40 14.69
CA LYS C 82 -27.28 -16.65 15.22
C LYS C 82 -25.80 -16.53 15.57
N LEU C 83 -25.03 -15.84 14.72
CA LEU C 83 -23.60 -15.69 14.97
C LEU C 83 -23.29 -14.69 16.07
N ALA C 84 -24.10 -13.64 16.21
CA ALA C 84 -23.81 -12.61 17.20
C ALA C 84 -23.79 -13.17 18.61
N PHE C 85 -24.72 -14.07 18.93
CA PHE C 85 -24.77 -14.65 20.27
C PHE C 85 -23.67 -15.68 20.47
N ALA C 86 -23.26 -16.38 19.41
CA ALA C 86 -22.08 -17.24 19.52
C ALA C 86 -20.82 -16.42 19.74
N TYR C 87 -20.79 -15.20 19.22
CA TYR C 87 -19.66 -14.30 19.46
C TYR C 87 -19.63 -13.85 20.91
N LEU C 88 -20.79 -13.45 21.45
CA LEU C 88 -20.86 -13.03 22.85
C LEU C 88 -20.60 -14.19 23.80
N GLU C 89 -20.99 -15.42 23.41
CA GLU C 89 -20.71 -16.57 24.25
C GLU C 89 -19.21 -16.83 24.35
N ASP C 90 -18.48 -16.71 23.24
CA ASP C 90 -17.03 -16.89 23.27
C ASP C 90 -16.38 -15.81 24.14
N LEU C 91 -16.90 -14.58 24.08
CA LEU C 91 -16.35 -13.52 24.93
C LEU C 91 -16.59 -13.81 26.40
N HIS C 92 -17.83 -14.17 26.76
CA HIS C 92 -18.18 -14.35 28.16
C HIS C 92 -17.35 -15.46 28.80
N SER C 93 -17.38 -16.66 28.19
CA SER C 93 -16.67 -17.81 28.76
C SER C 93 -15.20 -17.48 28.99
N GLU C 94 -14.58 -16.75 28.08
CA GLU C 94 -13.19 -16.33 28.26
C GLU C 94 -13.10 -15.25 29.33
N PHE C 95 -13.93 -14.21 29.24
CA PHE C 95 -13.88 -13.11 30.19
C PHE C 95 -14.21 -13.58 31.59
N ASP C 96 -15.26 -14.41 31.73
CA ASP C 96 -15.61 -14.94 33.04
C ASP C 96 -14.48 -15.82 33.59
N GLU C 97 -13.85 -16.60 32.72
CA GLU C 97 -12.75 -17.46 33.16
C GLU C 97 -11.56 -16.66 33.65
N GLN C 98 -11.33 -15.47 33.09
CA GLN C 98 -10.18 -14.66 33.43
C GLN C 98 -10.48 -13.58 34.46
N HIS C 99 -11.62 -12.87 34.32
CA HIS C 99 -11.91 -11.74 35.18
C HIS C 99 -13.27 -11.85 35.85
N GLY C 100 -13.88 -13.04 35.87
CA GLY C 100 -15.20 -13.18 36.45
C GLY C 100 -15.24 -12.89 37.94
N LYS C 101 -14.15 -13.18 38.65
CA LYS C 101 -14.13 -13.03 40.10
C LYS C 101 -13.62 -11.67 40.57
N LYS C 102 -13.16 -10.82 39.65
CA LYS C 102 -12.73 -9.46 40.00
C LYS C 102 -13.70 -8.40 39.53
N VAL C 103 -14.69 -8.75 38.70
CA VAL C 103 -15.66 -7.76 38.22
C VAL C 103 -16.34 -7.00 39.36
N PRO C 104 -16.87 -7.64 40.40
CA PRO C 104 -17.59 -6.88 41.44
C PRO C 104 -16.70 -6.10 42.39
N THR C 105 -15.38 -6.09 42.18
CA THR C 105 -14.47 -5.35 43.06
C THR C 105 -13.93 -4.07 42.44
N VAL C 106 -13.77 -4.03 41.12
CA VAL C 106 -13.17 -2.86 40.48
C VAL C 106 -14.09 -1.65 40.62
N SER C 107 -13.49 -0.46 40.45
CA SER C 107 -14.23 0.78 40.47
C SER C 107 -13.81 1.76 39.39
N ARG C 108 -12.68 1.54 38.72
CA ARG C 108 -12.28 2.36 37.60
C ARG C 108 -13.08 1.99 36.35
N PRO C 109 -13.33 2.96 35.47
CA PRO C 109 -13.86 2.61 34.15
C PRO C 109 -12.80 1.88 33.33
N TYR C 110 -13.25 0.86 32.61
CA TYR C 110 -12.39 0.08 31.72
C TYR C 110 -11.20 -0.51 32.47
N SER C 111 -11.48 -1.10 33.64
CA SER C 111 -10.43 -1.76 34.41
C SER C 111 -9.86 -2.99 33.72
N PHE C 112 -10.40 -3.38 32.57
CA PHE C 112 -9.92 -4.51 31.78
C PHE C 112 -9.73 -4.08 30.33
N ILE C 113 -8.99 -3.00 30.10
CA ILE C 113 -8.70 -2.58 28.73
C ILE C 113 -7.93 -3.66 28.01
N GLU C 114 -7.02 -4.34 28.72
CA GLU C 114 -6.19 -5.37 28.10
C GLU C 114 -7.00 -6.54 27.57
N PHE C 115 -8.30 -6.63 27.90
CA PHE C 115 -9.18 -7.56 27.22
C PHE C 115 -9.45 -7.12 25.78
N ASP C 116 -8.99 -5.93 25.39
CA ASP C 116 -9.02 -5.50 24.00
C ASP C 116 -8.44 -6.57 23.08
N THR C 117 -7.37 -7.23 23.51
CA THR C 117 -6.67 -8.20 22.68
C THR C 117 -7.60 -9.34 22.27
N PHE C 118 -8.18 -10.03 23.24
CA PHE C 118 -9.00 -11.20 22.92
C PHE C 118 -10.27 -10.82 22.17
N ILE C 119 -10.78 -9.61 22.40
CA ILE C 119 -12.00 -9.19 21.70
C ILE C 119 -11.76 -9.15 20.19
N GLN C 120 -10.66 -8.51 19.77
CA GLN C 120 -10.45 -8.28 18.35
C GLN C 120 -9.94 -9.52 17.62
N LYS C 121 -9.18 -10.39 18.31
CA LYS C 121 -8.77 -11.63 17.66
C LYS C 121 -9.94 -12.61 17.56
N THR C 122 -10.90 -12.51 18.47
CA THR C 122 -12.13 -13.28 18.35
C THR C 122 -13.09 -12.64 17.36
N LYS C 123 -13.10 -11.31 17.29
CA LYS C 123 -13.99 -10.61 16.36
C LYS C 123 -13.67 -10.98 14.92
N LYS C 124 -12.39 -11.12 14.58
CA LYS C 124 -12.02 -11.41 13.20
C LYS C 124 -12.50 -12.78 12.76
N LEU C 125 -12.65 -13.72 13.69
CA LEU C 125 -13.14 -15.05 13.35
C LEU C 125 -14.63 -15.07 13.04
N TYR C 126 -15.31 -13.93 13.11
CA TYR C 126 -16.73 -13.83 12.83
C TYR C 126 -17.08 -12.84 11.74
N ILE C 127 -16.19 -11.92 11.39
CA ILE C 127 -16.45 -10.95 10.33
C ILE C 127 -15.70 -11.38 9.07
N ASP C 128 -15.75 -12.67 8.76
CA ASP C 128 -15.12 -13.19 7.54
C ASP C 128 -15.79 -14.52 7.21
N SER C 129 -16.58 -14.54 6.15
CA SER C 129 -17.35 -15.72 5.78
C SER C 129 -16.46 -16.89 5.39
N ARG C 130 -15.19 -16.62 5.11
CA ARG C 130 -14.25 -17.67 4.73
C ARG C 130 -13.69 -18.38 5.96
N ALA C 131 -13.57 -17.65 7.06
CA ALA C 131 -13.05 -18.20 8.30
C ALA C 131 -13.94 -19.32 8.82
N ARG C 132 -15.25 -19.10 8.72
CA ARG C 132 -16.29 -20.04 9.16
C ARG C 132 -16.00 -20.74 10.49
N ILE C 148 -34.02 -15.63 24.09
CA ILE C 148 -33.87 -14.53 23.15
C ILE C 148 -35.20 -13.76 23.05
N MET C 149 -35.14 -12.55 22.50
CA MET C 149 -36.28 -11.65 22.42
C MET C 149 -35.95 -10.56 21.42
N VAL C 150 -36.98 -9.97 20.83
CA VAL C 150 -36.82 -8.92 19.83
C VAL C 150 -37.73 -7.75 20.18
N ALA C 151 -37.17 -6.54 20.18
CA ALA C 151 -37.94 -5.33 20.44
C ALA C 151 -37.19 -4.14 19.86
N ASN C 152 -37.92 -3.21 19.26
CA ASN C 152 -37.31 -2.00 18.72
C ASN C 152 -36.58 -1.26 19.82
N ILE C 153 -35.34 -0.83 19.53
CA ILE C 153 -34.50 -0.24 20.56
C ILE C 153 -35.10 1.06 21.10
N GLU C 154 -35.86 1.78 20.27
CA GLU C 154 -36.41 3.06 20.69
C GLU C 154 -37.42 2.91 21.81
N GLU C 155 -37.99 1.72 21.98
CA GLU C 155 -38.94 1.49 23.06
C GLU C 155 -38.25 1.46 24.42
N VAL C 156 -37.32 0.53 24.60
CA VAL C 156 -36.67 0.32 25.90
C VAL C 156 -36.02 1.61 26.38
N LEU C 157 -35.51 2.43 25.47
CA LEU C 157 -34.92 3.70 25.84
C LEU C 157 -35.98 4.71 26.28
ZN ZN D . 8.82 -13.62 -56.86
CA CLT E . -14.21 19.02 30.76
CB1 CLT E . -13.46 18.07 29.83
CG CLT E . -12.05 18.58 29.54
CD CLT E . -11.21 18.64 30.81
CE1 CLT E . -11.05 17.49 31.56
CE2 CLT E . -10.63 19.83 31.23
CZ1 CLT E . -10.28 17.51 32.71
CZ2 CLT E . -9.88 19.85 32.38
CH CLT E . -9.71 18.69 33.13
CB2 CLT E . -14.24 20.44 30.19
OG1 CLT E . -15.07 20.74 29.29
OG2 CLT E . -13.43 21.31 30.61
ZN ZN F . -16.47 27.92 39.85
#